data_3ULV
#
_entry.id   3ULV
#
_cell.length_a   363.300
_cell.length_b   131.660
_cell.length_c   154.200
_cell.angle_alpha   90.00
_cell.angle_beta   91.35
_cell.angle_gamma   90.00
#
_symmetry.space_group_name_H-M   'C 1 2 1'
#
loop_
_entity.id
_entity.type
_entity.pdbx_description
1 polymer 'Toll-like receptor 3'
2 polymer 'Fab15 light chain'
3 polymer 'Fab15 heavy chain'
4 polymer 'Fab12 light chain'
5 polymer 'Fab12 heavy chain'
6 polymer 'Fab1068 light chain'
7 polymer 'Fab1068 heavy chain'
8 branched 2-acetamido-2-deoxy-beta-D-glucopyranose-(1-4)-2-acetamido-2-deoxy-beta-D-glucopyranose
9 branched alpha-D-mannopyranose-(1-6)-beta-D-mannopyranose-(1-4)-2-acetamido-2-deoxy-beta-D-glucopyranose-(1-4)-2-acetamido-2-deoxy-beta-D-glucopyranose
10 non-polymer 2-acetamido-2-deoxy-beta-D-glucopyranose
11 non-polymer 'SULFATE ION'
#
loop_
_entity_poly.entity_id
_entity_poly.type
_entity_poly.pdbx_seq_one_letter_code
_entity_poly.pdbx_strand_id
1 'polypeptide(L)'
;ADLGSASSTTKCTVSHEVADCSHLKLTQVPDDLPTNITVLNLTHNQLRRLPAANFTRYSQLTSLDVGFNTISKLEPELCQ
KLPMLKVLNLQHNELSQLSDKTFAFCTNLTELHLMSNSIQKIKNNPFVKQKNLITLDLSHNGLSSTKLGTQVQLENLQEL
LLSNNKIQALKSEELDIFANSSLKKLELSSNQIKEFSPGCFHAIGRLFGLFLNNVQLGPSLTEKLCLELANTSIRNLSLS
NSQLSTTSNTTFLGLKWTNLTMLDLSYNNLNVVGNDSFAWLPQLEYFFLEYNNIQHLFSHSLHGLFNVRYLNLKRSFTKQ
SISLASLPKIDDFSFQWLKCLEHLNMEDNDIPGIKSNMFTGLINLKYLSLSNSFTSLRTLTNETFVSLAHSPLHILNLTK
NKISKIESDAFSWLGHLEVLDLGLNEIGQELTGQEWRGLENIFEIYLSYNKYLQLTRNSFALVPSLQRLMLRRVALKNVD
SSPSPFQPLRNLTILDLSNNNIANINDDMLEGLEKLEILDLQHNNLARLWKHANPGGPIYFLKGLSHLHILNLESNGFDE
IPVEVFKDLFELKIIDLGLNNLNTLPASVFNNQVSLKSLNLQKNLITSVEKKVFGPAFRNLTELDMRFNPFDCTCESIAW
FVNWINETHTNIPELSSHYLCNTPPHYHGFPVRLFDTSSCKDSAPFASHHHHHH
;
A
2 'polypeptide(L)'
;DIQMTQSPSSLSASVGDRVTITCRASQSIGLYLAWYQQKPGKAPKLLIYAASSLQSGVPSRFSGSGSGTDFTLTISSLQP
EDFATYYCQQGNTLSYTFGQGTKVEIKRTVAAPSVFIFPPSDEQLKSGTASVVCLLNNFYPREAKVQWKVDNALQSGNSQ
ESVTEQDSKDSTYSLSSTLTLSKADYEKHKVYACEVTHQGLSSPVTKSFNRGEC
;
L
3 'polypeptide(L)'
;EVQLVQSGAEVKKPGESLKISCKGSGYSFTNYWVGWVRQMPGKGLEWMGFIDPSDSYTNYAPSFQGQVTISADKSISTAY
LQWSSLKASDTAMYYCARELYQGYMDTFDSWGQGTLVTVSSASTKGPSVFPLAPCSRSTSESTAALGCLVKDYFPEPVTV
SWNSGALTSGVHTFPAVLQSSGLYSLSSVVTVPSSSLGTKTYTCNVDHKPSNTKVDKRVHHHHHH
;
H
4 'polypeptide(L)'
;QSVLTQPPSVSVAPGQTARISCSGDNIGSYYVHWYQQKPGQAPVLVIYEDSERPSGIPERFSGSNSGNTATLTISGTQAE
DEADYYCSSYDDPNFQVFGGGTKLTVLGQPKAAPSVTLFPPSSEELQANKATLVCLISDFYPGAVTVAWKADSSPVKAGV
ETTTPSKQSNNKYAASSYLSLTPEQWKSHRSYSCQVTHEGSTVEKTVAPTECS
;
C
5 'polypeptide(L)'
;QVQLQQSGPGLVKPSQTLSLTCAISGDSVSSNSAAWGWIRQSPGRGLEWLGIIQKRSKWYNNYAVSVKSRITINPDTSKN
QFSLQLNSVTPEDTAVYYCARYSYPFYSIDYWGQGTLVTVSSASTKGPSVFPLAPCSRSTSESTAALGCLVKDYFPEPVT
VSWNSGALTSGVHTFPAVLQSSGLYSLSSVVTVPSSSLGTKTYTCNVDHKPSNTKVDKRVHHHHHH
;
D
6 'polypeptide(L)'
;DIQMTQSPASLSASVGETVTITCRASGNIHNYLAWYQQKQGKSPQLLVYNAKTLADGVPSRFSGSESGTQYSLKINSLQP
EDFGSYYCQHFWSTPFTFGSGTKLELKRGTVAAPSVFIFPPSDEQLKSGTASVVCLLNNFYPREAKVQWKVDNALQSGNS
QESVTEQDSKDSTYSLSSTLTLSKADYEKHKVYACEVTHQGLSSPVTKSFNRGEC
;
E
7 'polypeptide(L)'
;QVQLQQPGAELVQPGTSVRLSCKASGYIFTTYWIHWVKQRPGQGLEWIGEINPNNGRINYNEKFKTKATLTVDKSSSTAY
MQLSSLTSEDSAVYYCTRVGVMITTFPYWGQGTLVTVSAASTKGPSVFPLAPCSRSTSESTAALGCLVKDYFPEPVTVSW
NSGALTSGVHTFPAVLQSSGLYSLSSVVTVPSSSLGTKTYTCNVDHKPSNTKVDKRVHHHHHH
;
F
#
loop_
_chem_comp.id
_chem_comp.type
_chem_comp.name
_chem_comp.formula
BMA D-saccharide, beta linking beta-D-mannopyranose 'C6 H12 O6'
MAN D-saccharide, alpha linking alpha-D-mannopyranose 'C6 H12 O6'
NAG D-saccharide, beta linking 2-acetamido-2-deoxy-beta-D-glucopyranose 'C8 H15 N O6'
SO4 non-polymer 'SULFATE ION' 'O4 S -2'
#
# COMPACT_ATOMS: atom_id res chain seq x y z
N THR A 13 -27.75 -2.78 28.24
CA THR A 13 -26.97 -1.56 28.42
C THR A 13 -25.63 -1.85 29.08
N VAL A 14 -24.55 -1.71 28.32
CA VAL A 14 -23.21 -1.98 28.81
C VAL A 14 -22.54 -0.71 29.34
N SER A 15 -22.09 -0.76 30.59
CA SER A 15 -21.41 0.38 31.20
C SER A 15 -19.91 0.16 31.26
N HIS A 16 -19.16 1.09 30.67
CA HIS A 16 -17.71 1.02 30.65
C HIS A 16 -17.18 2.44 30.72
N GLU A 17 -17.83 3.25 31.56
CA GLU A 17 -17.67 4.71 31.61
C GLU A 17 -18.24 5.37 30.35
N VAL A 18 -18.61 4.53 29.38
CA VAL A 18 -19.26 4.97 28.16
C VAL A 18 -20.46 4.08 27.90
N ALA A 19 -21.66 4.61 28.11
CA ALA A 19 -22.88 3.84 27.95
C ALA A 19 -23.15 3.47 26.50
N ASP A 20 -23.10 2.18 26.19
CA ASP A 20 -23.33 1.70 24.84
C ASP A 20 -24.61 0.87 24.75
N CYS A 21 -25.62 1.42 24.08
CA CYS A 21 -26.89 0.72 23.91
C CYS A 21 -27.24 0.62 22.44
N SER A 22 -26.29 0.14 21.64
CA SER A 22 -26.47 0.04 20.20
C SER A 22 -27.20 -1.23 19.79
N HIS A 23 -28.02 -1.13 18.75
CA HIS A 23 -28.80 -2.25 18.23
C HIS A 23 -29.64 -2.96 19.28
N LEU A 24 -30.52 -2.21 19.93
CA LEU A 24 -31.39 -2.77 20.96
C LEU A 24 -32.86 -2.50 20.66
N LYS A 25 -33.12 -1.85 19.53
CA LYS A 25 -34.47 -1.47 19.13
C LYS A 25 -35.20 -0.69 20.22
N LEU A 26 -34.47 0.18 20.92
CA LEU A 26 -35.03 0.98 22.00
C LEU A 26 -35.98 2.05 21.47
N THR A 27 -37.21 2.04 21.98
CA THR A 27 -38.19 3.06 21.62
C THR A 27 -38.21 4.17 22.66
N GLN A 28 -37.42 3.99 23.71
CA GLN A 28 -37.30 4.99 24.76
C GLN A 28 -35.94 4.88 25.47
N VAL A 29 -35.42 6.04 25.88
CA VAL A 29 -34.09 6.10 26.51
C VAL A 29 -34.10 5.43 27.88
N PRO A 30 -33.12 4.54 28.12
CA PRO A 30 -32.93 3.84 29.40
C PRO A 30 -32.88 4.79 30.59
N ASP A 31 -33.38 4.33 31.73
CA ASP A 31 -33.44 5.16 32.93
C ASP A 31 -32.70 4.51 34.10
N ASP A 32 -31.97 3.44 33.83
CA ASP A 32 -31.25 2.72 34.87
C ASP A 32 -29.73 2.89 34.74
N LEU A 33 -29.31 3.72 33.80
CA LEU A 33 -27.89 4.02 33.62
C LEU A 33 -27.33 4.79 34.82
N PRO A 34 -26.07 4.54 35.17
CA PRO A 34 -25.45 5.19 36.33
C PRO A 34 -25.24 6.69 36.11
N THR A 35 -24.95 7.42 37.18
CA THR A 35 -24.70 8.84 37.10
C THR A 35 -23.22 9.13 36.91
N ASN A 36 -22.49 8.11 36.45
CA ASN A 36 -21.06 8.24 36.20
C ASN A 36 -20.72 8.37 34.72
N ILE A 37 -21.65 7.97 33.87
CA ILE A 37 -21.43 7.99 32.42
C ILE A 37 -21.31 9.41 31.88
N THR A 38 -20.52 9.56 30.82
CA THR A 38 -20.31 10.85 30.17
C THR A 38 -20.54 10.76 28.67
N VAL A 39 -20.62 9.54 28.15
CA VAL A 39 -20.84 9.31 26.73
C VAL A 39 -22.01 8.35 26.52
N LEU A 40 -22.90 8.69 25.59
CA LEU A 40 -24.04 7.84 25.29
C LEU A 40 -24.11 7.48 23.80
N ASN A 41 -24.07 6.18 23.51
CA ASN A 41 -24.12 5.69 22.14
C ASN A 41 -25.42 4.95 21.87
N LEU A 42 -26.28 5.54 21.04
CA LEU A 42 -27.58 4.96 20.74
C LEU A 42 -27.80 4.76 19.24
N THR A 43 -26.79 4.25 18.55
CA THR A 43 -26.88 4.02 17.12
C THR A 43 -27.83 2.85 16.79
N HIS A 44 -28.56 2.99 15.70
CA HIS A 44 -29.50 1.97 15.23
C HIS A 44 -30.56 1.59 16.27
N ASN A 45 -31.55 2.46 16.43
CA ASN A 45 -32.68 2.18 17.31
C ASN A 45 -33.99 2.66 16.68
N GLN A 46 -35.03 2.78 17.51
CA GLN A 46 -36.33 3.21 17.02
C GLN A 46 -36.87 4.40 17.82
N LEU A 47 -35.99 5.34 18.14
CA LEU A 47 -36.37 6.54 18.89
C LEU A 47 -37.07 7.55 17.99
N ARG A 48 -38.29 7.93 18.35
CA ARG A 48 -39.03 8.94 17.60
C ARG A 48 -38.89 10.31 18.25
N ARG A 49 -38.81 10.33 19.57
CA ARG A 49 -38.73 11.57 20.32
C ARG A 49 -37.52 11.59 21.25
N LEU A 50 -37.16 12.78 21.73
CA LEU A 50 -36.10 12.93 22.71
C LEU A 50 -36.47 13.94 23.78
N PRO A 51 -37.34 13.55 24.72
CA PRO A 51 -37.78 14.44 25.80
C PRO A 51 -36.63 14.86 26.71
N ALA A 52 -36.73 16.05 27.29
CA ALA A 52 -35.69 16.56 28.17
C ALA A 52 -35.80 15.93 29.56
N ALA A 53 -37.02 15.58 29.94
CA ALA A 53 -37.28 15.00 31.25
C ALA A 53 -36.58 13.65 31.42
N ASN A 54 -36.32 12.97 30.31
CA ASN A 54 -35.63 11.70 30.33
C ASN A 54 -34.12 11.85 30.32
N PHE A 55 -33.65 13.10 30.37
CA PHE A 55 -32.21 13.39 30.33
C PHE A 55 -31.77 14.27 31.48
N THR A 56 -32.61 14.38 32.51
CA THR A 56 -32.34 15.29 33.62
C THR A 56 -31.18 14.83 34.52
N ARG A 57 -31.27 13.60 35.01
CA ARG A 57 -30.28 13.09 35.96
C ARG A 57 -28.92 12.83 35.30
N TYR A 58 -28.92 12.70 33.99
CA TYR A 58 -27.68 12.45 33.26
C TYR A 58 -27.12 13.76 32.70
N SER A 59 -26.79 14.68 33.59
CA SER A 59 -26.29 15.99 33.19
C SER A 59 -24.77 16.01 33.07
N GLN A 60 -24.16 14.83 33.08
CA GLN A 60 -22.71 14.73 32.98
C GLN A 60 -22.25 14.24 31.60
N LEU A 61 -23.20 14.11 30.68
CA LEU A 61 -22.90 13.65 29.33
C LEU A 61 -22.08 14.68 28.55
N THR A 62 -21.04 14.21 27.88
CA THR A 62 -20.19 15.08 27.07
C THR A 62 -20.21 14.70 25.60
N SER A 63 -20.89 13.58 25.30
CA SER A 63 -20.99 13.11 23.93
C SER A 63 -22.26 12.29 23.73
N LEU A 64 -23.02 12.62 22.69
CA LEU A 64 -24.26 11.92 22.39
C LEU A 64 -24.34 11.48 20.94
N ASP A 65 -24.59 10.19 20.74
CA ASP A 65 -24.72 9.64 19.39
C ASP A 65 -26.04 8.89 19.28
N VAL A 66 -26.97 9.44 18.50
CA VAL A 66 -28.27 8.81 18.30
C VAL A 66 -28.53 8.57 16.82
N GLY A 67 -27.48 8.25 16.08
CA GLY A 67 -27.58 8.01 14.65
C GLY A 67 -28.47 6.83 14.31
N PHE A 68 -28.98 6.84 13.07
CA PHE A 68 -29.86 5.78 12.57
C PHE A 68 -31.11 5.56 13.41
N ASN A 69 -31.92 6.61 13.52
CA ASN A 69 -33.19 6.53 14.24
C ASN A 69 -34.34 7.12 13.44
N THR A 70 -35.45 7.37 14.11
CA THR A 70 -36.62 7.97 13.47
C THR A 70 -37.03 9.25 14.19
N ILE A 71 -36.04 9.98 14.70
CA ILE A 71 -36.29 11.20 15.46
C ILE A 71 -36.82 12.32 14.57
N SER A 72 -38.00 12.84 14.90
CA SER A 72 -38.64 13.88 14.12
C SER A 72 -37.97 15.24 14.32
N LYS A 73 -38.02 15.75 15.56
CA LYS A 73 -37.41 17.02 15.88
C LYS A 73 -36.65 16.99 17.20
N LEU A 74 -36.17 18.15 17.63
CA LEU A 74 -35.39 18.25 18.86
C LEU A 74 -35.93 19.34 19.77
N GLU A 75 -36.07 19.02 21.05
CA GLU A 75 -36.52 20.01 22.04
C GLU A 75 -35.38 20.96 22.41
N PRO A 76 -35.69 22.26 22.49
CA PRO A 76 -34.71 23.25 22.93
C PRO A 76 -34.26 22.98 24.35
N GLU A 77 -35.23 22.69 25.22
CA GLU A 77 -34.98 22.42 26.63
C GLU A 77 -33.94 21.31 26.82
N LEU A 78 -33.95 20.34 25.91
CA LEU A 78 -33.02 19.22 25.96
C LEU A 78 -31.57 19.69 25.92
N CYS A 79 -31.30 20.74 25.14
CA CYS A 79 -29.95 21.28 25.03
C CYS A 79 -29.48 21.89 26.34
N GLN A 80 -30.43 22.23 27.21
CA GLN A 80 -30.11 22.76 28.52
C GLN A 80 -29.73 21.63 29.48
N LYS A 81 -30.17 20.42 29.15
CA LYS A 81 -29.91 19.27 30.01
C LYS A 81 -28.46 18.80 29.92
N LEU A 82 -27.81 19.10 28.80
CA LEU A 82 -26.43 18.71 28.60
C LEU A 82 -25.54 19.92 28.34
N PRO A 83 -25.05 20.55 29.43
CA PRO A 83 -24.19 21.73 29.32
C PRO A 83 -22.75 21.36 28.98
N MET A 84 -22.42 20.07 29.06
CA MET A 84 -21.06 19.61 28.80
C MET A 84 -20.96 18.89 27.46
N LEU A 85 -22.06 18.88 26.71
CA LEU A 85 -22.10 18.17 25.43
C LEU A 85 -21.13 18.78 24.40
N LYS A 86 -20.23 17.96 23.90
CA LYS A 86 -19.23 18.39 22.93
C LYS A 86 -19.55 17.87 21.53
N VAL A 87 -19.74 16.56 21.42
CA VAL A 87 -20.01 15.94 20.13
C VAL A 87 -21.44 15.41 20.06
N LEU A 88 -22.19 15.89 19.06
CA LEU A 88 -23.55 15.45 18.85
C LEU A 88 -23.72 14.84 17.46
N ASN A 89 -24.06 13.56 17.42
CA ASN A 89 -24.24 12.86 16.16
C ASN A 89 -25.71 12.54 15.89
N LEU A 90 -26.26 13.17 14.87
CA LEU A 90 -27.67 13.00 14.53
C LEU A 90 -27.80 12.49 13.09
N GLN A 91 -26.89 11.61 12.68
CA GLN A 91 -26.85 11.15 11.30
C GLN A 91 -27.97 10.15 10.99
N HIS A 92 -28.43 10.19 9.74
CA HIS A 92 -29.43 9.26 9.22
C HIS A 92 -30.70 9.19 10.08
N ASN A 93 -31.32 10.34 10.31
CA ASN A 93 -32.58 10.41 11.04
C ASN A 93 -33.68 10.99 10.16
N GLU A 94 -34.78 11.38 10.78
CA GLU A 94 -35.86 12.03 10.06
C GLU A 94 -35.97 13.50 10.46
N LEU A 95 -34.87 14.03 10.99
CA LEU A 95 -34.79 15.44 11.36
C LEU A 95 -34.68 16.31 10.11
N SER A 96 -35.83 16.72 9.58
CA SER A 96 -35.88 17.45 8.33
C SER A 96 -35.82 18.97 8.52
N GLN A 97 -36.49 19.46 9.55
CA GLN A 97 -36.55 20.91 9.79
C GLN A 97 -35.77 21.35 11.02
N LEU A 98 -35.09 22.48 10.90
CA LEU A 98 -34.34 23.06 12.00
C LEU A 98 -34.83 24.48 12.29
N SER A 99 -34.73 24.88 13.56
CA SER A 99 -35.12 26.23 13.95
C SER A 99 -33.99 26.88 14.75
N ASP A 100 -34.20 28.13 15.15
CA ASP A 100 -33.21 28.85 15.94
C ASP A 100 -33.16 28.34 17.38
N LYS A 101 -34.21 27.64 17.80
CA LYS A 101 -34.30 27.12 19.15
C LYS A 101 -33.71 25.72 19.27
N THR A 102 -33.48 25.07 18.13
CA THR A 102 -33.03 23.68 18.11
C THR A 102 -31.70 23.46 18.82
N PHE A 103 -30.66 24.16 18.36
CA PHE A 103 -29.33 24.01 18.95
C PHE A 103 -28.89 25.25 19.71
N ALA A 104 -29.84 26.10 20.06
CA ALA A 104 -29.54 27.37 20.72
C ALA A 104 -28.81 27.20 22.05
N PHE A 105 -29.33 26.36 22.91
CA PHE A 105 -28.82 26.22 24.27
C PHE A 105 -27.63 25.26 24.37
N CYS A 106 -27.18 24.75 23.23
CA CYS A 106 -26.02 23.88 23.18
C CYS A 106 -24.79 24.64 22.69
N THR A 107 -24.29 25.55 23.52
CA THR A 107 -23.19 26.43 23.14
C THR A 107 -21.83 25.74 23.13
N ASN A 108 -21.73 24.63 23.86
CA ASN A 108 -20.45 23.92 23.95
C ASN A 108 -20.23 22.88 22.87
N LEU A 109 -21.18 22.79 21.94
CA LEU A 109 -21.04 21.87 20.81
C LEU A 109 -19.80 22.22 19.98
N THR A 110 -18.94 21.23 19.79
CA THR A 110 -17.73 21.40 18.99
C THR A 110 -17.80 20.58 17.71
N GLU A 111 -18.62 19.53 17.73
CA GLU A 111 -18.83 18.69 16.56
C GLU A 111 -20.30 18.36 16.38
N LEU A 112 -20.86 18.71 15.23
CA LEU A 112 -22.26 18.43 14.93
C LEU A 112 -22.41 17.65 13.64
N HIS A 113 -22.96 16.44 13.76
CA HIS A 113 -23.15 15.57 12.60
C HIS A 113 -24.62 15.49 12.20
N LEU A 114 -24.92 15.86 10.97
CA LEU A 114 -26.30 15.88 10.48
C LEU A 114 -26.39 15.30 9.07
N MET A 115 -25.92 14.07 8.90
CA MET A 115 -25.91 13.45 7.58
C MET A 115 -27.16 12.62 7.30
N SER A 116 -27.58 12.63 6.04
CA SER A 116 -28.72 11.84 5.57
C SER A 116 -30.00 12.08 6.34
N ASN A 117 -30.36 13.35 6.51
CA ASN A 117 -31.58 13.71 7.23
C ASN A 117 -32.65 14.29 6.31
N SER A 118 -32.38 14.24 5.01
CA SER A 118 -33.30 14.76 3.99
C SER A 118 -33.66 16.22 4.20
N ILE A 119 -32.71 17.00 4.72
CA ILE A 119 -32.89 18.43 4.92
C ILE A 119 -32.82 19.15 3.59
N GLN A 120 -33.89 19.83 3.20
CA GLN A 120 -33.98 20.48 1.91
C GLN A 120 -33.44 21.92 1.92
N LYS A 121 -33.65 22.62 3.03
CA LYS A 121 -33.17 23.98 3.18
C LYS A 121 -33.18 24.41 4.64
N ILE A 122 -32.19 25.21 5.03
CA ILE A 122 -32.07 25.69 6.41
C ILE A 122 -32.64 27.10 6.55
N LYS A 123 -33.43 27.31 7.60
CA LYS A 123 -34.17 28.54 7.81
C LYS A 123 -33.29 29.77 8.03
N ASN A 124 -33.13 30.15 9.30
CA ASN A 124 -32.41 31.37 9.65
C ASN A 124 -31.00 31.11 10.18
N ASN A 125 -30.83 31.26 11.48
CA ASN A 125 -29.53 31.06 12.11
C ASN A 125 -29.57 30.04 13.25
N PRO A 126 -29.69 28.76 12.91
CA PRO A 126 -29.75 27.71 13.93
C PRO A 126 -28.41 27.50 14.61
N PHE A 127 -27.33 27.87 13.92
CA PHE A 127 -25.98 27.64 14.42
C PHE A 127 -25.29 28.94 14.81
N VAL A 128 -26.07 29.96 15.15
CA VAL A 128 -25.52 31.27 15.49
C VAL A 128 -24.83 31.26 16.86
N LYS A 129 -25.34 30.44 17.77
CA LYS A 129 -24.77 30.36 19.12
C LYS A 129 -23.92 29.11 19.32
N GLN A 130 -23.50 28.51 18.20
CA GLN A 130 -22.60 27.36 18.25
C GLN A 130 -21.18 27.81 17.92
N LYS A 131 -20.76 28.93 18.50
CA LYS A 131 -19.47 29.52 18.20
C LYS A 131 -18.28 28.66 18.62
N ASN A 132 -18.55 27.57 19.32
CA ASN A 132 -17.53 26.61 19.69
C ASN A 132 -17.45 25.43 18.73
N LEU A 133 -18.34 25.41 17.75
CA LEU A 133 -18.40 24.32 16.77
C LEU A 133 -17.17 24.32 15.88
N ILE A 134 -16.50 23.16 15.79
CA ILE A 134 -15.30 23.03 14.99
C ILE A 134 -15.60 22.29 13.69
N THR A 135 -16.44 21.27 13.77
CA THR A 135 -16.78 20.47 12.60
C THR A 135 -18.29 20.34 12.41
N LEU A 136 -18.78 20.81 11.27
CA LEU A 136 -20.19 20.70 10.94
C LEU A 136 -20.37 19.82 9.71
N ASP A 137 -21.15 18.75 9.86
CA ASP A 137 -21.35 17.79 8.78
C ASP A 137 -22.81 17.76 8.32
N LEU A 138 -23.04 18.21 7.08
CA LEU A 138 -24.38 18.24 6.51
C LEU A 138 -24.44 17.45 5.21
N SER A 139 -23.87 16.25 5.22
CA SER A 139 -23.78 15.44 4.01
C SER A 139 -25.05 14.65 3.71
N HIS A 140 -25.15 14.17 2.47
CA HIS A 140 -26.25 13.31 2.03
C HIS A 140 -27.65 13.86 2.29
N ASN A 141 -27.80 15.17 2.17
CA ASN A 141 -29.11 15.80 2.34
C ASN A 141 -29.68 16.29 1.01
N GLY A 142 -30.59 17.25 1.07
CA GLY A 142 -31.20 17.79 -0.12
C GLY A 142 -31.03 19.30 -0.25
N LEU A 143 -30.00 19.83 0.39
CA LEU A 143 -29.73 21.26 0.35
C LEU A 143 -29.37 21.70 -1.07
N SER A 144 -30.09 22.70 -1.57
CA SER A 144 -29.84 23.22 -2.90
C SER A 144 -28.95 24.47 -2.86
N SER A 145 -28.65 24.94 -1.66
CA SER A 145 -27.81 26.12 -1.49
C SER A 145 -26.83 25.96 -0.33
N THR A 146 -25.98 26.96 -0.13
CA THR A 146 -24.95 26.89 0.90
C THR A 146 -25.17 27.91 2.01
N LYS A 147 -26.29 28.62 1.94
CA LYS A 147 -26.61 29.63 2.95
C LYS A 147 -27.10 29.01 4.25
N LEU A 148 -26.36 29.25 5.33
CA LEU A 148 -26.69 28.70 6.63
C LEU A 148 -26.87 29.79 7.68
N GLY A 149 -26.85 31.05 7.25
CA GLY A 149 -27.00 32.16 8.15
C GLY A 149 -27.15 33.50 7.46
N THR A 150 -27.57 34.50 8.22
CA THR A 150 -27.73 35.86 7.69
C THR A 150 -26.82 36.83 8.41
N GLN A 151 -25.96 36.29 9.27
CA GLN A 151 -25.00 37.09 10.02
C GLN A 151 -23.68 36.33 10.16
N VAL A 152 -22.69 36.97 10.77
CA VAL A 152 -21.37 36.35 10.94
C VAL A 152 -21.27 35.59 12.26
N GLN A 153 -21.19 34.27 12.16
CA GLN A 153 -21.00 33.42 13.33
C GLN A 153 -20.06 32.26 12.98
N LEU A 154 -19.88 31.34 13.93
CA LEU A 154 -19.07 30.14 13.72
C LEU A 154 -17.63 30.48 13.32
N GLU A 155 -16.96 31.26 14.16
CA GLU A 155 -15.58 31.67 13.91
C GLU A 155 -14.61 30.52 14.18
N ASN A 156 -15.08 29.49 14.87
CA ASN A 156 -14.23 28.35 15.22
C ASN A 156 -14.44 27.15 14.33
N LEU A 157 -15.31 27.27 13.33
CA LEU A 157 -15.55 26.19 12.39
C LEU A 157 -14.32 25.98 11.50
N GLN A 158 -13.87 24.73 11.39
CA GLN A 158 -12.69 24.41 10.61
C GLN A 158 -13.02 23.42 9.49
N GLU A 159 -14.09 22.65 9.68
CA GLU A 159 -14.53 21.70 8.68
C GLU A 159 -16.02 21.81 8.39
N LEU A 160 -16.35 22.08 7.12
CA LEU A 160 -17.74 22.14 6.69
C LEU A 160 -18.00 21.11 5.60
N LEU A 161 -18.73 20.06 5.94
CA LEU A 161 -18.99 18.98 5.00
C LEU A 161 -20.38 19.08 4.37
N LEU A 162 -20.41 19.17 3.05
CA LEU A 162 -21.66 19.28 2.31
C LEU A 162 -21.70 18.28 1.16
N SER A 163 -21.49 17.01 1.48
CA SER A 163 -21.45 15.96 0.47
C SER A 163 -22.85 15.52 0.04
N ASN A 164 -22.96 15.06 -1.21
CA ASN A 164 -24.20 14.54 -1.76
C ASN A 164 -25.44 15.41 -1.54
N ASN A 165 -25.43 16.59 -2.14
CA ASN A 165 -26.57 17.50 -2.09
C ASN A 165 -26.95 17.99 -3.48
N LYS A 166 -27.87 18.96 -3.53
CA LYS A 166 -28.33 19.49 -4.80
C LYS A 166 -27.80 20.92 -5.02
N ILE A 167 -26.67 21.22 -4.40
CA ILE A 167 -26.06 22.54 -4.50
C ILE A 167 -25.62 22.83 -5.93
N GLN A 168 -26.16 23.90 -6.50
CA GLN A 168 -25.88 24.24 -7.89
C GLN A 168 -25.01 25.48 -8.07
N ALA A 169 -24.83 26.25 -6.99
CA ALA A 169 -24.05 27.47 -7.08
C ALA A 169 -23.44 27.91 -5.75
N LEU A 170 -22.28 28.55 -5.83
CA LEU A 170 -21.64 29.13 -4.66
C LEU A 170 -21.69 30.65 -4.78
N LYS A 171 -22.43 31.29 -3.88
CA LYS A 171 -22.59 32.73 -3.91
C LYS A 171 -21.86 33.38 -2.75
N SER A 172 -21.28 34.56 -2.99
CA SER A 172 -20.57 35.30 -1.96
C SER A 172 -21.49 35.64 -0.80
N GLU A 173 -22.71 36.03 -1.14
CA GLU A 173 -23.73 36.40 -0.16
C GLU A 173 -24.05 35.27 0.81
N GLU A 174 -23.92 34.03 0.32
CA GLU A 174 -24.27 32.86 1.11
C GLU A 174 -23.09 32.31 1.89
N LEU A 175 -21.87 32.67 1.47
CA LEU A 175 -20.67 32.10 2.06
C LEU A 175 -19.82 33.10 2.84
N ASP A 176 -20.27 34.36 2.90
CA ASP A 176 -19.51 35.38 3.60
C ASP A 176 -19.81 35.43 5.10
N ILE A 177 -20.63 34.50 5.57
CA ILE A 177 -20.97 34.43 6.98
C ILE A 177 -19.79 33.90 7.80
N PHE A 178 -18.83 33.31 7.11
CA PHE A 178 -17.62 32.80 7.75
C PHE A 178 -16.43 33.71 7.45
N ALA A 179 -16.70 35.01 7.37
CA ALA A 179 -15.65 35.99 7.07
C ALA A 179 -14.62 36.07 8.18
N ASN A 180 -15.04 35.83 9.41
CA ASN A 180 -14.14 35.79 10.55
C ASN A 180 -13.79 34.37 10.96
N SER A 181 -14.01 33.43 10.04
CA SER A 181 -13.75 32.02 10.32
C SER A 181 -12.60 31.50 9.46
N SER A 182 -11.94 30.45 9.94
CA SER A 182 -10.84 29.83 9.20
C SER A 182 -11.15 28.39 8.86
N LEU A 183 -11.69 28.17 7.67
CA LEU A 183 -12.06 26.83 7.23
C LEU A 183 -10.87 26.05 6.68
N LYS A 184 -10.53 24.95 7.35
CA LYS A 184 -9.47 24.08 6.87
C LYS A 184 -9.97 23.18 5.75
N LYS A 185 -11.23 22.76 5.83
CA LYS A 185 -11.79 21.85 4.84
C LYS A 185 -13.22 22.25 4.44
N LEU A 186 -13.40 22.52 3.14
CA LEU A 186 -14.71 22.80 2.60
C LEU A 186 -15.11 21.67 1.64
N GLU A 187 -15.90 20.73 2.15
CA GLU A 187 -16.28 19.55 1.38
C GLU A 187 -17.53 19.81 0.53
N LEU A 188 -17.36 19.70 -0.79
CA LEU A 188 -18.46 19.92 -1.71
C LEU A 188 -18.54 18.81 -2.76
N SER A 189 -18.28 17.57 -2.34
CA SER A 189 -18.30 16.44 -3.25
C SER A 189 -19.72 15.99 -3.58
N SER A 190 -19.85 15.33 -4.72
CA SER A 190 -21.14 14.81 -5.20
C SER A 190 -22.19 15.91 -5.35
N ASN A 191 -21.74 17.14 -5.57
CA ASN A 191 -22.62 18.27 -5.78
C ASN A 191 -22.55 18.79 -7.21
N GLN A 192 -23.71 18.93 -7.85
CA GLN A 192 -23.75 19.44 -9.22
C GLN A 192 -23.69 20.96 -9.23
N ILE A 193 -22.49 21.51 -9.10
CA ILE A 193 -22.30 22.96 -9.13
C ILE A 193 -21.92 23.42 -10.54
N LYS A 194 -22.63 24.44 -11.04
CA LYS A 194 -22.43 24.89 -12.41
C LYS A 194 -21.97 26.34 -12.53
N GLU A 195 -21.87 27.04 -11.39
CA GLU A 195 -21.40 28.42 -11.41
C GLU A 195 -20.81 28.87 -10.07
N PHE A 196 -19.69 29.58 -10.14
CA PHE A 196 -19.05 30.14 -8.96
C PHE A 196 -19.16 31.66 -9.00
N SER A 197 -20.03 32.22 -8.18
CA SER A 197 -20.21 33.67 -8.12
C SER A 197 -18.93 34.35 -7.65
N PRO A 198 -18.50 35.38 -8.39
CA PRO A 198 -17.25 36.12 -8.11
C PRO A 198 -17.13 36.60 -6.67
N GLY A 199 -16.01 36.26 -6.03
CA GLY A 199 -15.74 36.72 -4.69
C GLY A 199 -16.23 35.79 -3.59
N CYS A 200 -16.77 34.63 -4.00
CA CYS A 200 -17.31 33.67 -3.04
C CYS A 200 -16.22 33.04 -2.18
N PHE A 201 -15.03 32.86 -2.77
CA PHE A 201 -13.92 32.24 -2.07
C PHE A 201 -13.16 33.25 -1.20
N HIS A 202 -13.24 34.52 -1.58
CA HIS A 202 -12.64 35.58 -0.78
C HIS A 202 -13.60 36.05 0.31
N ALA A 203 -14.86 35.62 0.19
CA ALA A 203 -15.86 35.91 1.19
C ALA A 203 -15.52 35.17 2.49
N ILE A 204 -14.89 34.01 2.33
CA ILE A 204 -14.44 33.23 3.47
C ILE A 204 -13.13 33.81 4.01
N GLY A 205 -12.99 33.82 5.32
CA GLY A 205 -11.78 34.34 5.95
C GLY A 205 -10.53 33.58 5.56
N ARG A 206 -10.53 32.28 5.83
CA ARG A 206 -9.40 31.42 5.47
C ARG A 206 -9.89 30.09 4.91
N LEU A 207 -9.65 29.88 3.62
CA LEU A 207 -9.98 28.61 2.99
C LEU A 207 -8.72 27.86 2.60
N PHE A 208 -8.48 26.73 3.24
CA PHE A 208 -7.27 25.96 2.98
C PHE A 208 -7.53 24.76 2.07
N GLY A 209 -8.60 24.02 2.34
CA GLY A 209 -8.89 22.83 1.58
C GLY A 209 -10.21 22.87 0.83
N LEU A 210 -10.14 22.69 -0.48
CA LEU A 210 -11.34 22.62 -1.31
C LEU A 210 -11.48 21.25 -1.96
N PHE A 211 -12.65 20.65 -1.82
CA PHE A 211 -12.90 19.31 -2.36
C PHE A 211 -14.10 19.33 -3.29
N LEU A 212 -13.84 19.18 -4.58
CA LEU A 212 -14.91 19.17 -5.58
C LEU A 212 -14.95 17.83 -6.32
N ASN A 213 -14.90 16.74 -5.55
CA ASN A 213 -14.95 15.41 -6.14
C ASN A 213 -16.35 15.08 -6.66
N ASN A 214 -16.40 14.29 -7.73
CA ASN A 214 -17.66 13.90 -8.37
C ASN A 214 -18.48 15.08 -8.84
N VAL A 215 -17.81 16.18 -9.18
CA VAL A 215 -18.49 17.40 -9.63
C VAL A 215 -18.21 17.66 -11.10
N GLN A 216 -19.24 17.50 -11.93
CA GLN A 216 -19.11 17.74 -13.37
C GLN A 216 -18.73 19.18 -13.66
N LEU A 217 -17.46 19.41 -13.96
CA LEU A 217 -16.95 20.76 -14.21
C LEU A 217 -16.56 20.97 -15.67
N GLY A 218 -15.52 20.27 -16.11
CA GLY A 218 -14.98 20.45 -17.44
C GLY A 218 -13.83 21.45 -17.40
N PRO A 219 -12.98 21.45 -18.44
CA PRO A 219 -11.80 22.31 -18.52
C PRO A 219 -12.13 23.79 -18.34
N SER A 220 -13.23 24.22 -18.94
CA SER A 220 -13.66 25.62 -18.92
C SER A 220 -14.11 26.08 -17.52
N LEU A 221 -15.05 25.34 -16.96
CA LEU A 221 -15.59 25.68 -15.64
C LEU A 221 -14.52 25.51 -14.56
N THR A 222 -13.63 24.55 -14.75
CA THR A 222 -12.51 24.35 -13.84
C THR A 222 -11.54 25.52 -13.98
N GLU A 223 -11.43 26.04 -15.20
CA GLU A 223 -10.60 27.22 -15.44
C GLU A 223 -11.14 28.42 -14.69
N LYS A 224 -12.44 28.66 -14.81
CA LYS A 224 -13.08 29.76 -14.09
C LYS A 224 -12.95 29.55 -12.58
N LEU A 225 -13.04 28.30 -12.15
CA LEU A 225 -12.85 27.94 -10.74
C LEU A 225 -11.47 28.33 -10.25
N CYS A 226 -10.45 27.98 -11.03
CA CYS A 226 -9.07 28.30 -10.68
C CYS A 226 -8.84 29.81 -10.68
N LEU A 227 -9.53 30.51 -11.58
CA LEU A 227 -9.50 31.96 -11.60
C LEU A 227 -10.12 32.52 -10.32
N GLU A 228 -11.12 31.81 -9.79
CA GLU A 228 -11.78 32.23 -8.56
C GLU A 228 -10.97 31.95 -7.31
N LEU A 229 -10.05 30.99 -7.40
CA LEU A 229 -9.22 30.62 -6.27
C LEU A 229 -7.97 31.49 -6.16
N ALA A 230 -7.77 32.34 -7.15
CA ALA A 230 -6.58 33.20 -7.21
C ALA A 230 -6.46 34.10 -5.98
N ASN A 231 -5.22 34.33 -5.55
CA ASN A 231 -4.91 35.21 -4.42
C ASN A 231 -5.56 34.78 -3.10
N THR A 232 -5.86 33.49 -2.96
CA THR A 232 -6.44 32.97 -1.72
C THR A 232 -5.41 32.23 -0.88
N SER A 233 -5.87 31.57 0.17
CA SER A 233 -4.97 30.85 1.07
C SER A 233 -5.14 29.34 0.95
N ILE A 234 -5.42 28.87 -0.26
CA ILE A 234 -5.66 27.45 -0.50
C ILE A 234 -4.38 26.63 -0.46
N ARG A 235 -4.46 25.46 0.16
CA ARG A 235 -3.31 24.56 0.29
C ARG A 235 -3.63 23.20 -0.31
N ASN A 236 -4.85 22.73 -0.05
CA ASN A 236 -5.29 21.42 -0.53
C ASN A 236 -6.41 21.55 -1.57
N LEU A 237 -6.25 20.89 -2.71
CA LEU A 237 -7.28 20.92 -3.74
C LEU A 237 -7.56 19.54 -4.35
N SER A 238 -8.82 19.14 -4.31
CA SER A 238 -9.23 17.86 -4.87
C SER A 238 -10.29 18.03 -5.96
N LEU A 239 -9.89 17.83 -7.20
CA LEU A 239 -10.80 17.93 -8.33
C LEU A 239 -11.01 16.56 -8.96
N SER A 240 -10.96 15.53 -8.12
CA SER A 240 -11.07 14.15 -8.59
C SER A 240 -12.42 13.84 -9.21
N ASN A 241 -12.40 13.12 -10.33
CA ASN A 241 -13.60 12.71 -11.05
C ASN A 241 -14.50 13.89 -11.45
N SER A 242 -13.89 14.95 -11.93
CA SER A 242 -14.64 16.10 -12.44
C SER A 242 -14.75 16.01 -13.95
N GLN A 243 -14.37 14.85 -14.49
CA GLN A 243 -14.36 14.60 -15.93
C GLN A 243 -13.59 15.67 -16.71
N LEU A 244 -12.40 15.99 -16.20
CA LEU A 244 -11.49 16.92 -16.86
C LEU A 244 -10.78 16.20 -18.00
N SER A 245 -11.43 16.17 -19.16
CA SER A 245 -10.95 15.39 -20.30
C SER A 245 -9.61 15.86 -20.86
N THR A 246 -9.42 17.18 -20.94
CA THR A 246 -8.17 17.74 -21.44
C THR A 246 -7.71 18.93 -20.59
N THR A 247 -6.42 19.20 -20.61
CA THR A 247 -5.86 20.34 -19.90
C THR A 247 -4.90 21.13 -20.78
N SER A 248 -5.12 22.44 -20.85
CA SER A 248 -4.21 23.32 -21.59
C SER A 248 -3.47 24.22 -20.61
N ASN A 249 -2.67 25.15 -21.12
CA ASN A 249 -1.92 26.06 -20.27
C ASN A 249 -2.78 27.21 -19.76
N THR A 250 -4.08 27.13 -19.99
CA THR A 250 -5.02 28.15 -19.53
C THR A 250 -5.97 27.59 -18.48
N THR A 251 -6.00 26.27 -18.36
CA THR A 251 -6.93 25.59 -17.46
C THR A 251 -6.68 25.94 -15.99
N PHE A 252 -5.41 25.93 -15.58
CA PHE A 252 -5.07 26.20 -14.20
C PHE A 252 -4.37 27.55 -14.05
N LEU A 253 -4.84 28.53 -14.79
CA LEU A 253 -4.20 29.85 -14.82
C LEU A 253 -4.22 30.57 -13.47
N GLY A 254 -5.40 30.74 -12.90
CA GLY A 254 -5.56 31.46 -11.64
C GLY A 254 -4.70 30.90 -10.52
N LEU A 255 -4.51 29.59 -10.51
CA LEU A 255 -3.70 28.92 -9.49
C LEU A 255 -2.25 29.41 -9.46
N LYS A 256 -1.89 30.26 -10.43
CA LYS A 256 -0.58 30.90 -10.44
C LYS A 256 -0.40 31.76 -9.19
N TRP A 257 -1.50 32.30 -8.69
CA TRP A 257 -1.43 33.20 -7.53
C TRP A 257 -1.77 32.50 -6.21
N THR A 258 -1.41 31.23 -6.09
CA THR A 258 -1.66 30.47 -4.87
C THR A 258 -0.45 29.68 -4.41
N ASN A 259 -0.44 29.35 -3.11
CA ASN A 259 0.62 28.52 -2.54
C ASN A 259 0.15 27.06 -2.38
N LEU A 260 -0.52 26.56 -3.40
CA LEU A 260 -1.08 25.21 -3.37
C LEU A 260 0.02 24.15 -3.27
N THR A 261 -0.22 23.13 -2.44
CA THR A 261 0.77 22.09 -2.22
C THR A 261 0.24 20.68 -2.50
N MET A 262 -1.09 20.54 -2.55
CA MET A 262 -1.70 19.24 -2.83
C MET A 262 -2.73 19.34 -3.95
N LEU A 263 -2.53 18.54 -5.01
CA LEU A 263 -3.49 18.53 -6.11
C LEU A 263 -3.92 17.12 -6.50
N ASP A 264 -5.23 16.89 -6.48
CA ASP A 264 -5.79 15.61 -6.87
C ASP A 264 -6.56 15.75 -8.18
N LEU A 265 -6.09 15.06 -9.22
CA LEU A 265 -6.75 15.08 -10.52
C LEU A 265 -6.99 13.66 -11.01
N SER A 266 -7.39 12.78 -10.10
CA SER A 266 -7.58 11.37 -10.42
C SER A 266 -8.97 11.08 -10.97
N TYR A 267 -9.09 9.96 -11.68
CA TYR A 267 -10.37 9.47 -12.20
C TYR A 267 -11.09 10.48 -13.11
N ASN A 268 -10.32 11.24 -13.89
CA ASN A 268 -10.92 12.25 -14.76
C ASN A 268 -11.00 11.85 -16.23
N ASN A 269 -10.60 10.62 -16.53
CA ASN A 269 -10.53 10.15 -17.91
C ASN A 269 -9.71 11.10 -18.79
N LEU A 270 -8.63 11.62 -18.20
CA LEU A 270 -7.80 12.62 -18.85
C LEU A 270 -7.12 12.08 -20.10
N ASN A 271 -7.50 12.63 -21.25
CA ASN A 271 -6.97 12.17 -22.53
C ASN A 271 -5.64 12.84 -22.88
N VAL A 272 -5.67 14.17 -23.01
CA VAL A 272 -4.50 14.92 -23.42
C VAL A 272 -4.04 15.91 -22.35
N VAL A 273 -2.74 15.94 -22.10
CA VAL A 273 -2.15 16.90 -21.18
C VAL A 273 -1.32 17.92 -21.96
N GLY A 274 -1.90 19.10 -22.18
CA GLY A 274 -1.23 20.13 -22.96
C GLY A 274 0.04 20.66 -22.32
N ASN A 275 0.87 21.30 -23.13
CA ASN A 275 2.14 21.84 -22.67
C ASN A 275 1.97 22.97 -21.65
N ASP A 276 2.77 22.93 -20.59
CA ASP A 276 2.74 23.92 -19.53
C ASP A 276 1.39 24.00 -18.83
N SER A 277 0.71 22.87 -18.73
CA SER A 277 -0.61 22.81 -18.10
C SER A 277 -0.51 23.11 -16.60
N PHE A 278 0.60 22.67 -15.99
CA PHE A 278 0.79 22.86 -14.56
C PHE A 278 1.98 23.76 -14.28
N ALA A 279 2.25 24.69 -15.20
CA ALA A 279 3.34 25.63 -15.03
C ALA A 279 2.99 26.72 -14.02
N TRP A 280 1.73 26.73 -13.60
CA TRP A 280 1.23 27.75 -12.69
C TRP A 280 1.32 27.32 -11.22
N LEU A 281 1.78 26.10 -10.99
CA LEU A 281 1.92 25.57 -9.64
C LEU A 281 3.36 25.22 -9.30
N PRO A 282 4.20 26.23 -9.07
CA PRO A 282 5.60 25.98 -8.75
C PRO A 282 5.80 25.65 -7.27
N GLN A 283 4.70 25.57 -6.52
CA GLN A 283 4.78 25.29 -5.09
C GLN A 283 4.12 23.95 -4.73
N LEU A 284 3.55 23.29 -5.74
CA LEU A 284 2.89 22.00 -5.53
C LEU A 284 3.90 20.96 -5.06
N GLU A 285 3.48 20.11 -4.12
CA GLU A 285 4.35 19.08 -3.57
C GLU A 285 3.79 17.67 -3.80
N TYR A 286 2.47 17.55 -3.80
CA TYR A 286 1.82 16.26 -3.93
C TYR A 286 0.89 16.23 -5.14
N PHE A 287 1.19 15.33 -6.09
CA PHE A 287 0.43 15.26 -7.33
C PHE A 287 -0.21 13.89 -7.53
N PHE A 288 -1.54 13.87 -7.53
CA PHE A 288 -2.28 12.63 -7.74
C PHE A 288 -2.92 12.61 -9.13
N LEU A 289 -2.39 11.76 -10.00
CA LEU A 289 -2.90 11.65 -11.36
C LEU A 289 -3.33 10.22 -11.68
N GLU A 290 -3.55 9.42 -10.65
CA GLU A 290 -3.87 8.01 -10.83
C GLU A 290 -5.18 7.77 -11.56
N TYR A 291 -5.26 6.66 -12.27
CA TYR A 291 -6.47 6.24 -12.98
C TYR A 291 -6.98 7.26 -14.00
N ASN A 292 -6.34 7.29 -15.16
CA ASN A 292 -6.78 8.16 -16.25
C ASN A 292 -6.75 7.45 -17.60
N ASN A 293 -6.69 8.22 -18.68
CA ASN A 293 -6.73 7.65 -20.01
C ASN A 293 -5.76 8.37 -20.97
N ILE A 294 -4.65 8.85 -20.41
CA ILE A 294 -3.66 9.59 -21.19
C ILE A 294 -3.09 8.75 -22.32
N GLN A 295 -3.23 9.24 -23.55
CA GLN A 295 -2.78 8.51 -24.73
C GLN A 295 -1.38 8.92 -25.15
N HIS A 296 -1.01 10.18 -24.87
CA HIS A 296 0.30 10.68 -25.25
C HIS A 296 0.75 11.79 -24.30
N LEU A 297 1.84 11.53 -23.58
CA LEU A 297 2.43 12.52 -22.70
C LEU A 297 3.56 13.25 -23.41
N PHE A 298 3.33 14.51 -23.73
CA PHE A 298 4.32 15.32 -24.43
C PHE A 298 5.46 15.71 -23.49
N SER A 299 6.45 16.43 -24.01
CA SER A 299 7.60 16.83 -23.21
C SER A 299 7.23 17.82 -22.11
N HIS A 300 6.94 19.05 -22.49
CA HIS A 300 6.66 20.12 -21.52
C HIS A 300 5.32 20.00 -20.80
N SER A 301 4.71 18.81 -20.85
CA SER A 301 3.41 18.60 -20.22
C SER A 301 3.51 18.65 -18.69
N LEU A 302 4.68 18.38 -18.16
CA LEU A 302 4.90 18.39 -16.72
C LEU A 302 5.88 19.48 -16.31
N HIS A 303 5.88 20.57 -17.08
CA HIS A 303 6.81 21.67 -16.84
C HIS A 303 6.35 22.57 -15.69
N GLY A 304 7.29 22.99 -14.85
CA GLY A 304 7.00 23.90 -13.77
C GLY A 304 6.82 23.23 -12.42
N LEU A 305 6.67 21.91 -12.42
CA LEU A 305 6.44 21.17 -11.19
C LEU A 305 7.77 20.76 -10.54
N PHE A 306 8.62 21.75 -10.26
CA PHE A 306 9.95 21.49 -9.74
C PHE A 306 10.02 21.46 -8.21
N ASN A 307 8.86 21.50 -7.56
CA ASN A 307 8.80 21.38 -6.10
C ASN A 307 8.04 20.15 -5.64
N VAL A 308 7.41 19.47 -6.59
CA VAL A 308 6.66 18.25 -6.31
C VAL A 308 7.59 17.18 -5.73
N ARG A 309 7.16 16.54 -4.64
CA ARG A 309 7.98 15.53 -3.97
C ARG A 309 7.35 14.15 -4.09
N TYR A 310 6.09 14.11 -4.49
CA TYR A 310 5.37 12.84 -4.67
C TYR A 310 4.49 12.88 -5.91
N LEU A 311 4.68 11.91 -6.80
CA LEU A 311 3.88 11.83 -8.01
C LEU A 311 3.27 10.44 -8.19
N ASN A 312 1.96 10.38 -8.30
CA ASN A 312 1.27 9.11 -8.51
C ASN A 312 0.62 9.02 -9.90
N LEU A 313 1.13 8.10 -10.72
CA LEU A 313 0.63 7.94 -12.08
C LEU A 313 0.03 6.55 -12.31
N LYS A 314 -0.51 5.96 -11.25
CA LYS A 314 -1.07 4.61 -11.32
C LYS A 314 -2.26 4.52 -12.27
N ARG A 315 -2.11 3.71 -13.32
CA ARG A 315 -3.14 3.53 -14.34
C ARG A 315 -3.53 4.84 -15.02
N SER A 316 -2.59 5.77 -15.09
CA SER A 316 -2.85 7.09 -15.66
C SER A 316 -2.83 7.09 -17.18
N PHE A 317 -2.28 6.03 -17.78
CA PHE A 317 -2.14 5.98 -19.22
C PHE A 317 -3.09 4.95 -19.84
N THR A 318 -3.44 5.18 -21.10
CA THR A 318 -4.42 4.35 -21.79
C THR A 318 -3.96 2.89 -21.92
N LYS A 319 -4.93 1.98 -21.97
CA LYS A 319 -4.63 0.56 -22.17
C LYS A 319 -4.27 0.30 -23.63
N GLN A 320 -3.67 -0.85 -23.88
CA GLN A 320 -3.33 -1.24 -25.24
C GLN A 320 -4.60 -1.54 -26.03
N SER A 321 -4.69 -0.98 -27.23
CA SER A 321 -5.89 -1.14 -28.05
C SER A 321 -5.91 -2.49 -28.78
N ILE A 322 -4.90 -3.31 -28.52
CA ILE A 322 -4.79 -4.64 -29.11
C ILE A 322 -4.74 -4.63 -30.65
N SER A 323 -5.81 -4.16 -31.27
CA SER A 323 -5.89 -4.13 -32.72
C SER A 323 -5.21 -2.89 -33.31
N LEU A 324 -5.55 -1.73 -32.78
CA LEU A 324 -5.03 -0.46 -33.31
C LEU A 324 -3.58 -0.21 -32.93
N ALA A 325 -3.04 -1.06 -32.05
CA ALA A 325 -1.68 -0.91 -31.54
C ALA A 325 -1.46 0.46 -30.93
N SER A 326 -2.49 0.98 -30.27
CA SER A 326 -2.44 2.29 -29.65
C SER A 326 -1.77 2.24 -28.28
N LEU A 327 -0.45 2.35 -28.27
CA LEU A 327 0.31 2.32 -27.03
C LEU A 327 0.51 3.72 -26.48
N PRO A 328 0.33 3.91 -25.16
CA PRO A 328 0.58 5.19 -24.52
C PRO A 328 2.05 5.57 -24.57
N LYS A 329 2.39 6.57 -25.37
CA LYS A 329 3.78 6.94 -25.58
C LYS A 329 4.20 8.09 -24.66
N ILE A 330 5.30 7.89 -23.95
CA ILE A 330 5.88 8.92 -23.09
C ILE A 330 7.16 9.45 -23.72
N ASP A 331 7.16 10.74 -24.07
CA ASP A 331 8.33 11.36 -24.68
C ASP A 331 9.51 11.40 -23.72
N ASP A 332 10.71 11.53 -24.28
CA ASP A 332 11.93 11.62 -23.48
C ASP A 332 11.96 12.89 -22.64
N PHE A 333 12.71 12.83 -21.53
CA PHE A 333 12.90 13.97 -20.64
C PHE A 333 11.59 14.53 -20.08
N SER A 334 10.54 13.72 -20.06
CA SER A 334 9.23 14.19 -19.62
C SER A 334 9.14 14.36 -18.11
N PHE A 335 10.14 13.87 -17.39
CA PHE A 335 10.15 13.96 -15.93
C PHE A 335 11.33 14.79 -15.43
N GLN A 336 12.00 15.49 -16.34
CA GLN A 336 13.24 16.19 -16.00
C GLN A 336 13.03 17.43 -15.13
N TRP A 337 11.83 17.98 -15.15
CA TRP A 337 11.54 19.21 -14.40
C TRP A 337 11.35 18.98 -12.91
N LEU A 338 10.80 17.82 -12.55
CA LEU A 338 10.56 17.50 -11.15
C LEU A 338 11.86 17.21 -10.42
N LYS A 339 12.67 18.26 -10.22
CA LYS A 339 13.98 18.12 -9.60
C LYS A 339 13.92 17.65 -8.16
N CYS A 340 12.81 17.94 -7.48
CA CYS A 340 12.66 17.56 -6.08
C CYS A 340 11.76 16.35 -5.88
N LEU A 341 11.42 15.67 -6.97
CA LEU A 341 10.60 14.47 -6.88
C LEU A 341 11.37 13.36 -6.18
N GLU A 342 10.80 12.85 -5.09
CA GLU A 342 11.45 11.81 -4.29
C GLU A 342 10.73 10.47 -4.44
N HIS A 343 9.44 10.53 -4.71
CA HIS A 343 8.61 9.33 -4.75
C HIS A 343 7.80 9.27 -6.05
N LEU A 344 8.12 8.29 -6.89
CA LEU A 344 7.43 8.15 -8.18
C LEU A 344 6.72 6.80 -8.29
N ASN A 345 5.39 6.86 -8.34
CA ASN A 345 4.59 5.65 -8.49
C ASN A 345 3.90 5.57 -9.85
N MET A 346 4.48 4.78 -10.75
CA MET A 346 3.95 4.64 -12.10
C MET A 346 3.42 3.24 -12.34
N GLU A 347 2.96 2.58 -11.28
CA GLU A 347 2.57 1.18 -11.36
C GLU A 347 1.28 0.94 -12.16
N ASP A 348 1.18 -0.25 -12.74
CA ASP A 348 0.00 -0.68 -13.50
C ASP A 348 -0.29 0.18 -14.72
N ASN A 349 0.53 0.04 -15.76
CA ASN A 349 0.32 0.74 -17.01
C ASN A 349 0.73 -0.09 -18.23
N ASP A 350 0.52 0.46 -19.42
CA ASP A 350 0.88 -0.24 -20.66
C ASP A 350 1.94 0.51 -21.45
N ILE A 351 2.94 1.03 -20.75
CA ILE A 351 4.06 1.71 -21.39
C ILE A 351 4.90 0.71 -22.19
N PRO A 352 5.19 1.03 -23.46
CA PRO A 352 5.92 0.11 -24.36
C PRO A 352 7.26 -0.34 -23.82
N GLY A 353 8.01 0.57 -23.20
CA GLY A 353 9.31 0.23 -22.66
C GLY A 353 10.00 1.40 -22.00
N ILE A 354 11.25 1.19 -21.57
CA ILE A 354 12.03 2.24 -20.93
C ILE A 354 13.00 2.88 -21.93
N LYS A 355 12.67 4.10 -22.33
CA LYS A 355 13.50 4.83 -23.29
C LYS A 355 14.83 5.25 -22.65
N SER A 356 15.78 5.64 -23.49
CA SER A 356 17.13 5.97 -23.04
C SER A 356 17.16 7.17 -22.08
N ASN A 357 16.26 8.11 -22.28
CA ASN A 357 16.19 9.30 -21.44
C ASN A 357 14.81 9.50 -20.83
N MET A 358 14.21 8.41 -20.35
CA MET A 358 12.86 8.46 -19.80
C MET A 358 12.83 9.08 -18.41
N PHE A 359 13.70 8.61 -17.53
CA PHE A 359 13.73 9.08 -16.15
C PHE A 359 14.86 10.07 -15.92
N THR A 360 15.36 10.66 -17.00
CA THR A 360 16.46 11.63 -16.90
C THR A 360 15.99 12.93 -16.24
N GLY A 361 16.69 13.33 -15.18
CA GLY A 361 16.37 14.58 -14.51
C GLY A 361 16.06 14.43 -13.03
N LEU A 362 15.35 13.36 -12.68
CA LEU A 362 14.95 13.13 -11.29
C LEU A 362 16.16 12.91 -10.39
N ILE A 363 16.72 14.01 -9.89
CA ILE A 363 17.94 13.96 -9.09
C ILE A 363 17.67 13.84 -7.59
N ASN A 364 16.41 13.63 -7.23
CA ASN A 364 16.04 13.41 -5.84
C ASN A 364 15.21 12.14 -5.66
N LEU A 365 15.04 11.40 -6.76
CA LEU A 365 14.23 10.19 -6.76
C LEU A 365 14.82 9.12 -5.85
N LYS A 366 14.07 8.73 -4.82
CA LYS A 366 14.52 7.72 -3.88
C LYS A 366 13.65 6.47 -3.94
N TYR A 367 12.46 6.60 -4.54
CA TYR A 367 11.54 5.48 -4.68
C TYR A 367 10.94 5.43 -6.08
N LEU A 368 11.12 4.30 -6.76
CA LEU A 368 10.52 4.12 -8.08
C LEU A 368 9.71 2.83 -8.16
N SER A 369 8.40 2.98 -8.32
CA SER A 369 7.52 1.82 -8.48
C SER A 369 7.15 1.63 -9.94
N LEU A 370 7.68 0.56 -10.54
CA LEU A 370 7.37 0.24 -11.92
C LEU A 370 6.59 -1.08 -12.01
N SER A 371 5.83 -1.36 -10.95
CA SER A 371 5.05 -2.59 -10.87
C SER A 371 4.02 -2.69 -11.99
N ASN A 372 4.24 -3.61 -12.91
CA ASN A 372 3.35 -3.83 -14.05
C ASN A 372 3.11 -2.56 -14.87
N SER A 373 4.14 -1.74 -14.98
CA SER A 373 4.05 -0.46 -15.68
C SER A 373 4.26 -0.63 -17.18
N PHE A 374 4.81 -1.77 -17.58
CA PHE A 374 5.16 -1.98 -18.98
C PHE A 374 4.45 -3.18 -19.59
N THR A 375 4.16 -3.09 -20.88
CA THR A 375 3.51 -4.16 -21.61
C THR A 375 4.37 -5.43 -21.57
N SER A 376 5.64 -5.27 -21.88
CA SER A 376 6.59 -6.38 -21.84
C SER A 376 8.02 -5.90 -21.66
N LEU A 377 8.57 -6.16 -20.47
CA LEU A 377 9.95 -5.84 -20.18
C LEU A 377 10.74 -7.14 -20.10
N ARG A 378 10.78 -7.85 -21.24
CA ARG A 378 11.29 -9.21 -21.29
C ARG A 378 12.80 -9.35 -21.11
N THR A 379 13.54 -8.29 -21.39
CA THR A 379 14.99 -8.33 -21.26
C THR A 379 15.54 -7.07 -20.60
N LEU A 380 16.38 -7.26 -19.59
CA LEU A 380 17.04 -6.15 -18.91
C LEU A 380 18.49 -6.04 -19.34
N THR A 381 18.78 -5.08 -20.20
CA THR A 381 20.14 -4.87 -20.69
C THR A 381 20.89 -3.87 -19.81
N ASN A 382 22.08 -3.49 -20.24
CA ASN A 382 22.87 -2.51 -19.51
C ASN A 382 22.47 -1.08 -19.85
N GLU A 383 21.63 -0.93 -20.87
CA GLU A 383 21.20 0.37 -21.34
C GLU A 383 19.77 0.70 -20.89
N THR A 384 19.14 -0.25 -20.22
CA THR A 384 17.74 -0.08 -19.80
C THR A 384 17.58 1.00 -18.75
N PHE A 385 18.36 0.91 -17.67
CA PHE A 385 18.25 1.84 -16.56
C PHE A 385 19.36 2.89 -16.57
N VAL A 386 19.66 3.42 -17.75
CA VAL A 386 20.72 4.41 -17.89
C VAL A 386 20.26 5.80 -17.45
N SER A 387 18.95 6.04 -17.56
CA SER A 387 18.39 7.34 -17.20
C SER A 387 18.39 7.57 -15.69
N LEU A 388 18.38 6.47 -14.92
CA LEU A 388 18.38 6.54 -13.46
C LEU A 388 19.78 6.63 -12.88
N ALA A 389 20.77 6.88 -13.73
CA ALA A 389 22.16 6.92 -13.32
C ALA A 389 22.43 8.00 -12.28
N HIS A 390 21.87 9.19 -12.49
CA HIS A 390 22.11 10.32 -11.61
C HIS A 390 20.99 10.49 -10.58
N SER A 391 20.33 9.38 -10.25
CA SER A 391 19.27 9.38 -9.26
C SER A 391 19.66 8.57 -8.04
N PRO A 392 19.46 9.14 -6.83
CA PRO A 392 19.78 8.45 -5.58
C PRO A 392 18.72 7.40 -5.24
N LEU A 393 18.43 6.52 -6.19
CA LEU A 393 17.38 5.53 -6.03
C LEU A 393 17.73 4.52 -4.95
N HIS A 394 16.78 4.29 -4.05
CA HIS A 394 16.98 3.33 -2.96
C HIS A 394 16.10 2.10 -3.15
N ILE A 395 14.89 2.32 -3.65
CA ILE A 395 13.93 1.22 -3.84
C ILE A 395 13.41 1.17 -5.27
N LEU A 396 13.61 0.03 -5.92
CA LEU A 396 13.08 -0.18 -7.27
C LEU A 396 12.14 -1.39 -7.30
N ASN A 397 10.90 -1.14 -7.70
CA ASN A 397 9.90 -2.20 -7.79
C ASN A 397 9.65 -2.62 -9.24
N LEU A 398 10.06 -3.84 -9.58
CA LEU A 398 9.92 -4.33 -10.94
C LEU A 398 9.08 -5.61 -11.01
N THR A 399 8.02 -5.67 -10.21
CA THR A 399 7.15 -6.84 -10.18
C THR A 399 6.14 -6.83 -11.33
N LYS A 400 5.68 -8.02 -11.70
CA LYS A 400 4.61 -8.18 -12.69
C LYS A 400 4.89 -7.51 -14.03
N ASN A 401 6.13 -7.59 -14.49
CA ASN A 401 6.51 -6.98 -15.77
C ASN A 401 6.86 -7.99 -16.85
N LYS A 402 6.59 -9.27 -16.58
CA LYS A 402 6.88 -10.35 -17.51
C LYS A 402 8.35 -10.41 -17.90
N ILE A 403 9.22 -10.01 -16.97
CA ILE A 403 10.66 -10.07 -17.19
C ILE A 403 11.12 -11.52 -17.29
N SER A 404 11.73 -11.88 -18.41
CA SER A 404 12.11 -13.27 -18.66
C SER A 404 13.63 -13.48 -18.70
N LYS A 405 14.39 -12.38 -18.69
CA LYS A 405 15.84 -12.48 -18.77
C LYS A 405 16.53 -11.22 -18.24
N ILE A 406 17.54 -11.41 -17.40
CA ILE A 406 18.32 -10.30 -16.85
C ILE A 406 19.78 -10.41 -17.27
N GLU A 407 20.21 -9.51 -18.14
CA GLU A 407 21.58 -9.53 -18.64
C GLU A 407 22.55 -8.88 -17.65
N SER A 408 23.84 -9.07 -17.89
CA SER A 408 24.88 -8.55 -17.01
C SER A 408 24.94 -7.02 -17.01
N ASP A 409 25.41 -6.46 -15.90
CA ASP A 409 25.61 -5.02 -15.77
C ASP A 409 24.30 -4.24 -15.97
N ALA A 410 23.18 -4.88 -15.66
CA ALA A 410 21.87 -4.28 -15.86
C ALA A 410 21.53 -3.26 -14.78
N PHE A 411 22.19 -3.38 -13.64
CA PHE A 411 21.91 -2.49 -12.51
C PHE A 411 23.16 -1.73 -12.08
N SER A 412 24.00 -1.40 -13.06
CA SER A 412 25.23 -0.67 -12.79
C SER A 412 24.94 0.77 -12.38
N TRP A 413 23.88 1.33 -12.94
CA TRP A 413 23.57 2.74 -12.76
C TRP A 413 22.91 3.01 -11.40
N LEU A 414 22.35 1.97 -10.79
CA LEU A 414 21.68 2.10 -9.50
C LEU A 414 22.63 1.78 -8.36
N GLY A 415 23.74 2.51 -8.30
CA GLY A 415 24.77 2.26 -7.29
C GLY A 415 24.29 2.40 -5.86
N HIS A 416 23.29 3.25 -5.64
CA HIS A 416 22.78 3.51 -4.30
C HIS A 416 21.57 2.63 -3.96
N LEU A 417 21.18 1.78 -4.89
CA LEU A 417 20.00 0.95 -4.72
C LEU A 417 20.10 0.06 -3.50
N GLU A 418 19.03 0.03 -2.70
CA GLU A 418 19.02 -0.74 -1.46
C GLU A 418 18.03 -1.91 -1.53
N VAL A 419 16.82 -1.62 -2.02
CA VAL A 419 15.78 -2.64 -2.12
C VAL A 419 15.42 -2.88 -3.58
N LEU A 420 15.58 -4.13 -4.03
CA LEU A 420 15.27 -4.47 -5.41
C LEU A 420 14.21 -5.57 -5.48
N ASP A 421 13.03 -5.25 -5.99
CA ASP A 421 11.98 -6.27 -6.09
C ASP A 421 11.81 -6.75 -7.52
N LEU A 422 12.31 -7.95 -7.79
CA LEU A 422 12.19 -8.57 -9.11
C LEU A 422 11.23 -9.76 -9.05
N GLY A 423 10.42 -9.79 -7.99
CA GLY A 423 9.46 -10.87 -7.79
C GLY A 423 8.33 -10.82 -8.79
N LEU A 424 7.55 -11.90 -8.85
CA LEU A 424 6.38 -11.99 -9.72
C LEU A 424 6.71 -11.75 -11.20
N ASN A 425 7.70 -12.48 -11.71
CA ASN A 425 8.08 -12.35 -13.11
C ASN A 425 8.31 -13.71 -13.76
N GLU A 426 8.90 -13.70 -14.95
CA GLU A 426 9.17 -14.93 -15.69
C GLU A 426 10.68 -15.18 -15.76
N ILE A 427 11.42 -14.65 -14.79
CA ILE A 427 12.87 -14.76 -14.78
C ILE A 427 13.33 -16.21 -14.74
N GLY A 428 13.88 -16.68 -15.86
CA GLY A 428 14.38 -18.03 -15.95
C GLY A 428 15.71 -18.10 -16.67
N GLN A 429 16.80 -18.22 -15.89
CA GLN A 429 18.13 -18.21 -16.47
C GLN A 429 19.21 -18.67 -15.48
N GLU A 430 20.45 -18.39 -15.82
CA GLU A 430 21.58 -18.70 -14.96
C GLU A 430 22.17 -17.44 -14.35
N LEU A 431 22.28 -17.41 -13.02
CA LEU A 431 22.89 -16.28 -12.34
C LEU A 431 24.40 -16.41 -12.32
N THR A 432 25.08 -15.51 -13.03
CA THR A 432 26.52 -15.54 -13.14
C THR A 432 27.18 -14.61 -12.12
N GLY A 433 26.37 -13.73 -11.55
CA GLY A 433 26.86 -12.79 -10.55
C GLY A 433 27.01 -11.38 -11.09
N GLN A 434 27.18 -11.28 -12.41
CA GLN A 434 27.36 -9.99 -13.06
C GLN A 434 26.06 -9.19 -13.14
N GLU A 435 24.94 -9.87 -12.90
CA GLU A 435 23.64 -9.22 -12.92
C GLU A 435 23.50 -8.22 -11.79
N TRP A 436 24.30 -8.39 -10.74
CA TRP A 436 24.21 -7.55 -9.56
C TRP A 436 25.34 -6.54 -9.50
N ARG A 437 26.05 -6.39 -10.62
CA ARG A 437 27.21 -5.50 -10.67
C ARG A 437 26.79 -4.03 -10.51
N GLY A 438 27.38 -3.37 -9.53
CA GLY A 438 27.09 -1.96 -9.29
C GLY A 438 26.33 -1.72 -8.00
N LEU A 439 25.59 -2.74 -7.55
CA LEU A 439 24.81 -2.64 -6.32
C LEU A 439 25.70 -2.74 -5.08
N GLU A 440 26.41 -1.65 -4.77
CA GLU A 440 27.31 -1.63 -3.63
C GLU A 440 26.55 -1.45 -2.32
N ASN A 441 25.41 -0.76 -2.40
CA ASN A 441 24.61 -0.47 -1.23
C ASN A 441 23.34 -1.31 -1.15
N ILE A 442 23.38 -2.51 -1.73
CA ILE A 442 22.22 -3.39 -1.75
C ILE A 442 21.89 -3.92 -0.37
N PHE A 443 20.60 -3.93 -0.03
CA PHE A 443 20.15 -4.41 1.28
C PHE A 443 19.31 -5.66 1.16
N GLU A 444 18.28 -5.60 0.33
CA GLU A 444 17.42 -6.77 0.13
C GLU A 444 17.00 -6.99 -1.33
N ILE A 445 17.00 -8.27 -1.72
CA ILE A 445 16.60 -8.65 -3.07
C ILE A 445 15.43 -9.64 -3.04
N TYR A 446 14.30 -9.20 -3.59
CA TYR A 446 13.10 -10.01 -3.66
C TYR A 446 13.01 -10.68 -5.02
N LEU A 447 13.28 -11.98 -5.07
CA LEU A 447 13.28 -12.71 -6.33
C LEU A 447 12.21 -13.80 -6.38
N SER A 448 11.29 -13.77 -5.42
CA SER A 448 10.27 -14.82 -5.28
C SER A 448 9.32 -14.90 -6.47
N TYR A 449 8.71 -16.07 -6.64
CA TYR A 449 7.70 -16.32 -7.67
C TYR A 449 8.17 -16.04 -9.09
N ASN A 450 9.04 -16.90 -9.60
CA ASN A 450 9.55 -16.80 -10.97
C ASN A 450 9.64 -18.16 -11.63
N LYS A 451 10.38 -18.24 -12.73
CA LYS A 451 10.56 -19.50 -13.44
C LYS A 451 11.68 -20.33 -12.79
N TYR A 452 12.91 -20.11 -13.21
CA TYR A 452 14.03 -20.87 -12.65
C TYR A 452 15.33 -20.07 -12.54
N LEU A 453 16.05 -20.28 -11.44
CA LEU A 453 17.35 -19.67 -11.23
C LEU A 453 18.43 -20.73 -11.07
N GLN A 454 19.31 -20.86 -12.05
CA GLN A 454 20.45 -21.76 -11.94
C GLN A 454 21.56 -21.08 -11.15
N LEU A 455 21.95 -21.69 -10.04
CA LEU A 455 22.92 -21.08 -9.13
C LEU A 455 24.37 -21.51 -9.41
N THR A 456 25.30 -20.61 -9.12
CA THR A 456 26.72 -20.89 -9.24
C THR A 456 27.45 -20.36 -8.01
N ARG A 457 28.75 -20.65 -7.91
CA ARG A 457 29.55 -20.18 -6.79
C ARG A 457 29.71 -18.66 -6.82
N ASN A 458 29.70 -18.09 -8.03
CA ASN A 458 29.89 -16.65 -8.20
C ASN A 458 28.58 -15.89 -8.32
N SER A 459 27.46 -16.57 -8.07
CA SER A 459 26.14 -16.00 -8.26
C SER A 459 25.90 -14.73 -7.45
N PHE A 460 26.33 -14.75 -6.18
CA PHE A 460 26.09 -13.63 -5.29
C PHE A 460 27.41 -13.06 -4.78
N ALA A 461 28.45 -13.23 -5.59
CA ALA A 461 29.80 -12.80 -5.22
C ALA A 461 29.93 -11.29 -5.14
N LEU A 462 29.32 -10.59 -6.10
CA LEU A 462 29.49 -9.16 -6.22
C LEU A 462 28.63 -8.36 -5.24
N VAL A 463 27.81 -9.06 -4.46
CA VAL A 463 26.94 -8.39 -3.49
C VAL A 463 27.00 -9.00 -2.09
N PRO A 464 28.16 -8.85 -1.41
CA PRO A 464 28.34 -9.46 -0.09
C PRO A 464 27.70 -8.64 1.03
N SER A 465 27.21 -7.45 0.71
CA SER A 465 26.61 -6.58 1.71
C SER A 465 25.10 -6.81 1.82
N LEU A 466 24.61 -7.82 1.11
CA LEU A 466 23.19 -8.17 1.14
C LEU A 466 22.81 -8.74 2.50
N GLN A 467 21.64 -8.36 3.00
CA GLN A 467 21.17 -8.84 4.30
C GLN A 467 19.91 -9.70 4.18
N ARG A 468 19.10 -9.43 3.17
CA ARG A 468 17.86 -10.19 2.97
C ARG A 468 17.72 -10.71 1.54
N LEU A 469 17.62 -12.02 1.40
CA LEU A 469 17.48 -12.65 0.10
C LEU A 469 16.24 -13.53 0.02
N MET A 470 15.35 -13.22 -0.92
CA MET A 470 14.12 -13.98 -1.04
C MET A 470 14.06 -14.79 -2.33
N LEU A 471 14.11 -16.11 -2.20
CA LEU A 471 14.02 -17.00 -3.34
C LEU A 471 12.85 -17.96 -3.18
N ARG A 472 11.68 -17.41 -2.91
CA ARG A 472 10.49 -18.21 -2.66
C ARG A 472 9.83 -18.67 -3.96
N ARG A 473 9.75 -20.00 -4.13
CA ARG A 473 9.12 -20.61 -5.30
C ARG A 473 9.75 -20.17 -6.61
N VAL A 474 11.02 -20.49 -6.81
CA VAL A 474 11.72 -20.09 -8.03
C VAL A 474 12.55 -21.22 -8.64
N ALA A 475 12.45 -22.41 -8.06
CA ALA A 475 13.17 -23.59 -8.56
C ALA A 475 14.67 -23.35 -8.67
N LEU A 476 15.38 -23.53 -7.55
CA LEU A 476 16.82 -23.32 -7.52
C LEU A 476 17.60 -24.53 -8.05
N LYS A 477 18.38 -24.30 -9.11
CA LYS A 477 19.28 -25.33 -9.62
C LYS A 477 20.65 -25.17 -8.98
N ASN A 478 21.38 -26.27 -8.85
CA ASN A 478 22.72 -26.26 -8.27
C ASN A 478 22.81 -25.64 -6.87
N VAL A 479 21.68 -25.59 -6.16
CA VAL A 479 21.67 -25.09 -4.79
C VAL A 479 22.42 -26.08 -3.89
N ASP A 480 22.56 -27.30 -4.38
CA ASP A 480 23.31 -28.35 -3.69
C ASP A 480 24.76 -28.37 -4.16
N SER A 481 25.33 -27.18 -4.37
CA SER A 481 26.72 -27.06 -4.79
C SER A 481 27.66 -27.20 -3.59
N SER A 482 28.85 -27.74 -3.82
CA SER A 482 29.82 -27.93 -2.75
C SER A 482 30.38 -26.61 -2.21
N PRO A 483 30.93 -25.73 -3.08
CA PRO A 483 31.11 -24.39 -2.53
C PRO A 483 29.77 -23.68 -2.65
N SER A 484 29.11 -23.43 -1.52
CA SER A 484 27.75 -22.89 -1.53
C SER A 484 27.62 -21.59 -2.30
N PRO A 485 26.58 -21.47 -3.11
CA PRO A 485 26.29 -20.25 -3.87
C PRO A 485 26.01 -19.07 -2.94
N PHE A 486 25.70 -19.36 -1.67
CA PHE A 486 25.38 -18.32 -0.70
C PHE A 486 26.61 -17.94 0.15
N GLN A 487 27.75 -18.54 -0.15
CA GLN A 487 28.98 -18.31 0.62
C GLN A 487 29.44 -16.86 0.80
N PRO A 488 29.42 -16.05 -0.29
CA PRO A 488 29.87 -14.67 -0.09
C PRO A 488 28.93 -13.82 0.77
N LEU A 489 27.68 -14.26 0.92
CA LEU A 489 26.69 -13.49 1.69
C LEU A 489 26.90 -13.63 3.20
N ARG A 490 27.94 -12.97 3.71
CA ARG A 490 28.28 -13.06 5.12
C ARG A 490 27.27 -12.33 6.01
N ASN A 491 26.79 -11.19 5.53
CA ASN A 491 25.89 -10.35 6.32
C ASN A 491 24.41 -10.71 6.21
N LEU A 492 24.11 -11.80 5.52
CA LEU A 492 22.73 -12.21 5.31
C LEU A 492 22.05 -12.53 6.64
N THR A 493 20.86 -11.97 6.84
CA THR A 493 20.13 -12.17 8.09
C THR A 493 18.81 -12.91 7.85
N ILE A 494 18.21 -12.67 6.68
CA ILE A 494 16.96 -13.32 6.31
C ILE A 494 17.08 -14.04 4.97
N LEU A 495 16.78 -15.33 4.97
CA LEU A 495 16.84 -16.12 3.75
C LEU A 495 15.55 -16.90 3.52
N ASP A 496 14.89 -16.63 2.39
CA ASP A 496 13.64 -17.31 2.07
C ASP A 496 13.84 -18.30 0.92
N LEU A 497 13.70 -19.59 1.21
CA LEU A 497 13.86 -20.63 0.21
C LEU A 497 12.63 -21.55 0.19
N SER A 498 11.48 -21.00 0.57
CA SER A 498 10.26 -21.79 0.67
C SER A 498 9.62 -22.09 -0.69
N ASN A 499 8.72 -23.07 -0.70
CA ASN A 499 7.95 -23.43 -1.89
C ASN A 499 8.77 -23.88 -3.09
N ASN A 500 10.02 -24.27 -2.87
CA ASN A 500 10.87 -24.69 -3.97
C ASN A 500 10.93 -26.21 -4.16
N ASN A 501 10.46 -26.94 -3.14
CA ASN A 501 10.42 -28.40 -3.18
C ASN A 501 11.78 -29.02 -3.50
N ILE A 502 12.84 -28.46 -2.93
CA ILE A 502 14.20 -28.94 -3.17
C ILE A 502 14.45 -30.24 -2.43
N ALA A 503 14.80 -31.29 -3.17
CA ALA A 503 14.96 -32.62 -2.61
C ALA A 503 16.38 -32.91 -2.12
N ASN A 504 17.31 -32.01 -2.42
CA ASN A 504 18.70 -32.22 -2.04
C ASN A 504 19.49 -30.93 -1.80
N ILE A 505 20.03 -30.79 -0.59
CA ILE A 505 20.97 -29.74 -0.26
C ILE A 505 22.16 -30.35 0.46
N ASN A 506 23.24 -29.59 0.58
CA ASN A 506 24.46 -30.11 1.20
C ASN A 506 24.74 -29.54 2.58
N ASP A 507 25.73 -30.11 3.26
CA ASP A 507 26.12 -29.68 4.60
C ASP A 507 26.49 -28.21 4.65
N ASP A 508 27.35 -27.80 3.72
CA ASP A 508 27.94 -26.47 3.75
C ASP A 508 27.13 -25.43 2.97
N MET A 509 25.84 -25.70 2.76
CA MET A 509 24.99 -24.77 2.02
C MET A 509 24.80 -23.46 2.79
N LEU A 510 24.70 -23.58 4.11
CA LEU A 510 24.50 -22.41 4.96
C LEU A 510 25.78 -21.98 5.65
N GLU A 511 26.91 -22.45 5.13
CA GLU A 511 28.22 -22.06 5.65
C GLU A 511 28.58 -20.67 5.17
N GLY A 512 29.03 -19.83 6.10
CA GLY A 512 29.40 -18.46 5.77
C GLY A 512 28.30 -17.48 6.16
N LEU A 513 27.16 -18.01 6.55
CA LEU A 513 26.03 -17.20 6.96
C LEU A 513 25.91 -17.19 8.48
N GLU A 514 26.98 -16.78 9.15
CA GLU A 514 27.00 -16.77 10.62
C GLU A 514 26.08 -15.70 11.21
N LYS A 515 25.66 -14.75 10.39
CA LYS A 515 24.82 -13.66 10.85
C LYS A 515 23.35 -13.87 10.49
N LEU A 516 23.04 -15.07 10.02
CA LEU A 516 21.67 -15.42 9.63
C LEU A 516 20.76 -15.53 10.85
N GLU A 517 19.60 -14.88 10.77
CA GLU A 517 18.67 -14.86 11.90
C GLU A 517 17.32 -15.50 11.58
N ILE A 518 16.85 -15.30 10.35
CA ILE A 518 15.57 -15.86 9.92
C ILE A 518 15.73 -16.76 8.70
N LEU A 519 15.33 -18.02 8.84
CA LEU A 519 15.49 -19.01 7.78
C LEU A 519 14.17 -19.68 7.43
N ASP A 520 13.71 -19.46 6.21
CA ASP A 520 12.47 -20.07 5.73
C ASP A 520 12.77 -21.23 4.79
N LEU A 521 12.38 -22.44 5.19
CA LEU A 521 12.62 -23.63 4.39
C LEU A 521 11.37 -24.49 4.26
N GLN A 522 10.21 -23.89 4.49
CA GLN A 522 8.95 -24.63 4.44
C GLN A 522 8.58 -25.02 3.01
N HIS A 523 7.79 -26.09 2.89
CA HIS A 523 7.35 -26.61 1.59
C HIS A 523 8.49 -27.04 0.68
N ASN A 524 9.39 -27.84 1.23
CA ASN A 524 10.45 -28.46 0.45
C ASN A 524 10.48 -29.97 0.69
N ASN A 525 11.36 -30.67 -0.02
CA ASN A 525 11.47 -32.12 0.14
C ASN A 525 12.77 -32.52 0.82
N LEU A 526 12.96 -32.04 2.06
CA LEU A 526 14.19 -32.31 2.79
C LEU A 526 14.08 -33.54 3.68
N ALA A 527 12.98 -34.27 3.55
CA ALA A 527 12.71 -35.43 4.40
C ALA A 527 13.79 -36.50 4.32
N ARG A 528 14.04 -36.98 3.10
CA ARG A 528 15.00 -38.05 2.85
C ARG A 528 16.37 -37.72 3.42
N LEU A 529 16.72 -36.43 3.46
CA LEU A 529 18.02 -35.99 3.93
C LEU A 529 18.22 -36.20 5.43
N TRP A 530 17.13 -36.32 6.19
CA TRP A 530 17.24 -36.44 7.64
C TRP A 530 17.01 -37.85 8.17
N LYS A 531 16.57 -38.75 7.30
CA LYS A 531 16.41 -40.15 7.68
C LYS A 531 17.78 -40.77 7.90
N HIS A 532 17.84 -41.80 8.74
CA HIS A 532 19.11 -42.46 9.05
C HIS A 532 19.61 -43.30 7.89
N ALA A 533 18.72 -43.59 6.95
CA ALA A 533 19.04 -44.45 5.81
C ALA A 533 19.72 -43.66 4.68
N ASN A 534 19.80 -42.35 4.83
CA ASN A 534 20.41 -41.50 3.82
C ASN A 534 21.93 -41.70 3.77
N PRO A 535 22.46 -42.03 2.60
CA PRO A 535 23.90 -42.28 2.37
C PRO A 535 24.78 -41.15 2.91
N GLY A 536 25.61 -41.48 3.89
CA GLY A 536 26.47 -40.49 4.52
C GLY A 536 25.81 -39.90 5.75
N GLY A 537 24.74 -40.54 6.20
CA GLY A 537 24.01 -40.07 7.37
C GLY A 537 23.14 -38.87 7.05
N PRO A 538 22.58 -38.25 8.10
CA PRO A 538 21.75 -37.05 7.95
C PRO A 538 22.56 -35.83 7.55
N ILE A 539 21.92 -34.89 6.84
CA ILE A 539 22.56 -33.66 6.43
C ILE A 539 22.31 -32.57 7.47
N TYR A 540 23.33 -32.25 8.24
CA TYR A 540 23.20 -31.26 9.31
C TYR A 540 23.43 -29.84 8.79
N PHE A 541 22.50 -29.36 7.98
CA PHE A 541 22.62 -28.05 7.35
C PHE A 541 22.47 -26.89 8.34
N LEU A 542 21.97 -27.18 9.54
CA LEU A 542 21.83 -26.17 10.57
C LEU A 542 23.10 -26.11 11.43
N LYS A 543 24.23 -26.38 10.80
CA LYS A 543 25.53 -26.38 11.49
C LYS A 543 26.19 -25.01 11.42
N GLY A 544 26.41 -24.41 12.59
CA GLY A 544 27.12 -23.15 12.67
C GLY A 544 26.24 -21.91 12.62
N LEU A 545 24.93 -22.11 12.75
CA LEU A 545 24.00 -20.99 12.74
C LEU A 545 23.77 -20.49 14.16
N SER A 546 24.77 -19.80 14.71
CA SER A 546 24.75 -19.38 16.11
C SER A 546 23.82 -18.20 16.37
N HIS A 547 23.33 -17.57 15.32
CA HIS A 547 22.45 -16.41 15.48
C HIS A 547 21.08 -16.60 14.85
N LEU A 548 20.73 -17.83 14.50
CA LEU A 548 19.43 -18.12 13.94
C LEU A 548 18.34 -17.92 15.00
N HIS A 549 17.38 -17.06 14.70
CA HIS A 549 16.32 -16.74 15.65
C HIS A 549 14.99 -17.42 15.29
N ILE A 550 14.63 -17.37 14.01
CA ILE A 550 13.39 -17.99 13.56
C ILE A 550 13.66 -19.05 12.49
N LEU A 551 13.29 -20.29 12.78
CA LEU A 551 13.51 -21.40 11.86
C LEU A 551 12.19 -22.00 11.38
N ASN A 552 12.00 -22.05 10.07
CA ASN A 552 10.78 -22.64 9.52
C ASN A 552 11.04 -23.91 8.72
N LEU A 553 10.51 -25.03 9.20
CA LEU A 553 10.71 -26.31 8.55
C LEU A 553 9.39 -27.06 8.35
N GLU A 554 8.32 -26.32 8.10
CA GLU A 554 7.01 -26.92 7.91
C GLU A 554 6.89 -27.58 6.54
N SER A 555 5.92 -28.48 6.41
CA SER A 555 5.57 -29.10 5.13
C SER A 555 6.75 -29.73 4.40
N ASN A 556 7.58 -30.48 5.13
CA ASN A 556 8.76 -31.11 4.53
C ASN A 556 8.62 -32.63 4.40
N GLY A 557 7.63 -33.20 5.09
CA GLY A 557 7.45 -34.64 5.08
C GLY A 557 8.41 -35.33 6.03
N PHE A 558 8.92 -34.58 6.98
CA PHE A 558 9.84 -35.11 7.98
C PHE A 558 9.18 -36.18 8.85
N ASP A 559 9.77 -37.37 8.84
CA ASP A 559 9.29 -38.47 9.69
C ASP A 559 10.35 -38.80 10.73
N GLU A 560 11.57 -38.31 10.51
CA GLU A 560 12.66 -38.50 11.43
C GLU A 560 13.35 -37.17 11.73
N ILE A 561 13.86 -37.03 12.95
CA ILE A 561 14.70 -35.90 13.30
C ILE A 561 15.95 -36.38 14.02
N PRO A 562 17.12 -36.12 13.42
CA PRO A 562 18.40 -36.46 14.05
C PRO A 562 18.57 -35.72 15.36
N VAL A 563 19.31 -36.31 16.28
CA VAL A 563 19.42 -35.77 17.64
C VAL A 563 20.17 -34.44 17.70
N GLU A 564 21.18 -34.28 16.85
CA GLU A 564 22.08 -33.14 16.96
C GLU A 564 21.93 -32.07 15.87
N VAL A 565 20.82 -32.08 15.16
CA VAL A 565 20.60 -31.07 14.11
C VAL A 565 20.43 -29.68 14.70
N PHE A 566 19.80 -29.60 15.87
CA PHE A 566 19.53 -28.33 16.51
C PHE A 566 20.54 -28.07 17.62
N LYS A 567 21.79 -28.42 17.36
CA LYS A 567 22.85 -28.30 18.37
C LYS A 567 23.36 -26.87 18.53
N ASP A 568 23.74 -26.25 17.41
CA ASP A 568 24.35 -24.92 17.44
C ASP A 568 23.30 -23.81 17.41
N LEU A 569 22.04 -24.16 17.66
CA LEU A 569 20.97 -23.17 17.65
C LEU A 569 20.58 -22.76 19.06
N PHE A 570 21.46 -22.00 19.71
CA PHE A 570 21.23 -21.58 21.09
C PHE A 570 20.30 -20.38 21.18
N GLU A 571 20.42 -19.46 20.22
CA GLU A 571 19.60 -18.25 20.23
C GLU A 571 18.27 -18.44 19.51
N LEU A 572 17.97 -19.66 19.12
CA LEU A 572 16.72 -19.96 18.43
C LEU A 572 15.53 -19.71 19.35
N LYS A 573 14.69 -18.77 18.96
CA LYS A 573 13.55 -18.38 19.77
C LYS A 573 12.24 -18.96 19.25
N ILE A 574 12.13 -19.07 17.93
CA ILE A 574 10.91 -19.60 17.31
C ILE A 574 11.22 -20.74 16.34
N ILE A 575 10.68 -21.92 16.62
CA ILE A 575 10.88 -23.07 15.74
C ILE A 575 9.56 -23.63 15.21
N ASP A 576 9.52 -23.87 13.90
CA ASP A 576 8.29 -24.31 13.25
C ASP A 576 8.47 -25.66 12.55
N LEU A 577 8.05 -26.72 13.22
CA LEU A 577 8.15 -28.07 12.67
C LEU A 577 6.78 -28.69 12.43
N GLY A 578 5.77 -27.85 12.24
CA GLY A 578 4.43 -28.33 11.99
C GLY A 578 4.26 -28.91 10.59
N LEU A 579 3.11 -29.52 10.35
CA LEU A 579 2.78 -30.08 9.03
C LEU A 579 3.78 -31.12 8.52
N ASN A 580 4.33 -31.90 9.44
CA ASN A 580 5.22 -33.00 9.06
C ASN A 580 4.69 -34.35 9.57
N ASN A 581 5.37 -35.42 9.20
CA ASN A 581 4.97 -36.76 9.64
C ASN A 581 5.68 -37.18 10.92
N LEU A 582 6.08 -36.19 11.70
CA LEU A 582 6.83 -36.44 12.94
C LEU A 582 6.01 -37.20 13.96
N ASN A 583 6.66 -38.12 14.66
CA ASN A 583 6.00 -38.94 15.67
C ASN A 583 6.85 -39.09 16.92
N THR A 584 7.88 -39.93 16.84
CA THR A 584 8.78 -40.16 17.96
C THR A 584 10.04 -39.32 17.82
N LEU A 585 10.34 -38.54 18.84
CA LEU A 585 11.55 -37.71 18.84
C LEU A 585 12.59 -38.27 19.80
N PRO A 586 13.87 -38.27 19.38
CA PRO A 586 14.97 -38.77 20.21
C PRO A 586 15.24 -37.85 21.39
N ALA A 587 15.82 -38.41 22.46
CA ALA A 587 16.10 -37.64 23.67
C ALA A 587 17.16 -36.57 23.44
N SER A 588 17.06 -35.49 24.22
CA SER A 588 18.02 -34.39 24.17
C SER A 588 18.13 -33.71 22.80
N VAL A 589 16.99 -33.59 22.12
CA VAL A 589 16.97 -32.93 20.81
C VAL A 589 16.88 -31.41 20.96
N PHE A 590 16.20 -30.96 22.00
CA PHE A 590 16.05 -29.53 22.26
C PHE A 590 16.88 -29.12 23.47
N ASN A 591 17.88 -29.91 23.79
CA ASN A 591 18.72 -29.68 24.97
C ASN A 591 19.53 -28.39 24.90
N ASN A 592 19.71 -27.85 23.70
CA ASN A 592 20.49 -26.63 23.52
C ASN A 592 19.62 -25.41 23.23
N GLN A 593 18.31 -25.61 23.19
CA GLN A 593 17.37 -24.52 22.94
C GLN A 593 16.86 -23.92 24.24
N VAL A 594 17.65 -23.02 24.82
CA VAL A 594 17.32 -22.40 26.10
C VAL A 594 16.55 -21.09 25.92
N SER A 595 16.73 -20.46 24.77
CA SER A 595 16.08 -19.18 24.50
C SER A 595 14.84 -19.36 23.62
N LEU A 596 14.31 -20.57 23.60
CA LEU A 596 13.13 -20.87 22.80
C LEU A 596 11.88 -20.29 23.43
N LYS A 597 11.11 -19.54 22.64
CA LYS A 597 9.91 -18.87 23.14
C LYS A 597 8.66 -19.33 22.41
N SER A 598 8.82 -19.89 21.21
CA SER A 598 7.68 -20.33 20.42
C SER A 598 7.94 -21.68 19.73
N LEU A 599 7.13 -22.67 20.08
CA LEU A 599 7.25 -24.00 19.51
C LEU A 599 6.03 -24.38 18.68
N ASN A 600 6.25 -24.69 17.40
CA ASN A 600 5.15 -25.07 16.51
C ASN A 600 5.27 -26.52 16.03
N LEU A 601 4.32 -27.35 16.45
CA LEU A 601 4.30 -28.75 16.06
C LEU A 601 2.88 -29.22 15.74
N GLN A 602 2.08 -28.29 15.21
CA GLN A 602 0.70 -28.60 14.84
C GLN A 602 0.63 -29.48 13.59
N LYS A 603 -0.47 -30.22 13.47
CA LYS A 603 -0.73 -31.06 12.30
C LYS A 603 0.34 -32.13 12.04
N ASN A 604 1.03 -32.54 13.09
CA ASN A 604 1.96 -33.66 13.02
C ASN A 604 1.25 -34.97 13.34
N LEU A 605 2.02 -36.00 13.67
CA LEU A 605 1.46 -37.29 14.03
C LEU A 605 1.96 -37.72 15.41
N ILE A 606 2.21 -36.73 16.27
CA ILE A 606 2.74 -36.99 17.61
C ILE A 606 1.79 -37.84 18.45
N THR A 607 2.32 -38.92 19.02
CA THR A 607 1.52 -39.82 19.83
C THR A 607 2.09 -39.98 21.24
N SER A 608 3.19 -39.30 21.52
CA SER A 608 3.82 -39.40 22.84
C SER A 608 4.62 -38.15 23.18
N VAL A 609 4.40 -37.64 24.39
CA VAL A 609 5.13 -36.48 24.89
C VAL A 609 5.83 -36.83 26.21
N GLU A 610 7.13 -37.05 26.14
CA GLU A 610 7.89 -37.47 27.31
C GLU A 610 8.84 -36.37 27.80
N LYS A 611 9.33 -36.51 29.02
CA LYS A 611 10.17 -35.50 29.65
C LYS A 611 11.53 -35.40 28.98
N LYS A 612 12.07 -36.52 28.53
CA LYS A 612 13.41 -36.57 27.95
C LYS A 612 13.51 -35.84 26.61
N VAL A 613 12.37 -35.38 26.10
CA VAL A 613 12.34 -34.66 24.84
C VAL A 613 11.93 -33.20 25.04
N PHE A 614 10.74 -32.99 25.59
CA PHE A 614 10.20 -31.65 25.76
C PHE A 614 10.58 -31.03 27.09
N GLY A 615 11.50 -31.66 27.80
CA GLY A 615 11.98 -31.16 29.08
C GLY A 615 12.57 -29.77 28.99
N PRO A 616 13.77 -29.65 28.42
CA PRO A 616 14.45 -28.35 28.28
C PRO A 616 13.71 -27.41 27.34
N ALA A 617 12.79 -27.96 26.55
CA ALA A 617 12.03 -27.15 25.61
C ALA A 617 10.95 -26.34 26.31
N PHE A 618 10.24 -26.97 27.23
CA PHE A 618 9.12 -26.32 27.93
C PHE A 618 9.60 -25.43 29.08
N ARG A 619 10.90 -25.12 29.10
CA ARG A 619 11.48 -24.35 30.20
C ARG A 619 10.93 -22.93 30.27
N ASN A 620 11.10 -22.16 29.21
CA ASN A 620 10.62 -20.79 29.16
C ASN A 620 9.75 -20.48 27.95
N LEU A 621 8.96 -21.46 27.52
CA LEU A 621 8.06 -21.26 26.39
C LEU A 621 6.89 -20.35 26.76
N THR A 622 6.50 -19.50 25.82
CA THR A 622 5.36 -18.60 26.03
C THR A 622 4.30 -18.85 24.97
N GLU A 623 4.63 -19.69 23.98
CA GLU A 623 3.70 -20.00 22.90
C GLU A 623 3.91 -21.43 22.40
N LEU A 624 2.98 -22.31 22.74
CA LEU A 624 3.02 -23.70 22.31
C LEU A 624 1.91 -23.97 21.30
N ASP A 625 2.23 -24.72 20.25
CA ASP A 625 1.27 -24.98 19.18
C ASP A 625 1.36 -26.42 18.69
N MET A 626 0.52 -27.28 19.24
CA MET A 626 0.43 -28.67 18.79
C MET A 626 -1.01 -29.03 18.53
N ARG A 627 -1.73 -28.11 17.87
CA ARG A 627 -3.18 -28.20 17.70
C ARG A 627 -3.71 -29.56 17.24
N PHE A 628 -3.23 -30.05 16.10
CA PHE A 628 -3.75 -31.28 15.53
C PHE A 628 -2.78 -32.45 15.69
N ASN A 629 -2.91 -33.17 16.80
CA ASN A 629 -2.07 -34.35 17.05
C ASN A 629 -2.88 -35.51 17.62
N PRO A 630 -2.63 -36.73 17.11
CA PRO A 630 -3.29 -37.94 17.60
C PRO A 630 -2.62 -38.47 18.86
N PHE A 631 -2.82 -37.78 19.99
CA PHE A 631 -2.20 -38.16 21.25
C PHE A 631 -2.61 -39.56 21.71
N ASP A 632 -1.80 -40.14 22.60
CA ASP A 632 -2.12 -41.41 23.21
C ASP A 632 -2.40 -41.19 24.70
N CYS A 633 -3.61 -41.53 25.12
CA CYS A 633 -4.05 -41.27 26.49
C CYS A 633 -3.76 -42.41 27.46
N THR A 634 -2.48 -42.57 27.80
CA THR A 634 -2.07 -43.49 28.85
C THR A 634 -1.14 -42.74 29.81
N CYS A 635 -0.82 -43.38 30.94
CA CYS A 635 0.05 -42.74 31.92
C CYS A 635 1.43 -42.42 31.35
N GLU A 636 2.14 -43.47 30.93
CA GLU A 636 3.52 -43.34 30.47
C GLU A 636 3.68 -42.47 29.21
N SER A 637 2.57 -42.06 28.62
CA SER A 637 2.62 -41.27 27.39
C SER A 637 2.17 -39.82 27.57
N ILE A 638 1.28 -39.57 28.52
CA ILE A 638 0.68 -38.25 28.63
C ILE A 638 0.70 -37.64 30.04
N ALA A 639 1.11 -38.44 31.03
CA ALA A 639 1.11 -37.97 32.42
C ALA A 639 1.93 -36.71 32.61
N TRP A 640 3.20 -36.77 32.21
CA TRP A 640 4.11 -35.64 32.35
C TRP A 640 3.61 -34.41 31.59
N PHE A 641 3.04 -34.65 30.40
CA PHE A 641 2.53 -33.58 29.56
C PHE A 641 1.36 -32.84 30.22
N VAL A 642 0.36 -33.59 30.65
CA VAL A 642 -0.82 -33.02 31.31
C VAL A 642 -0.42 -32.32 32.61
N ASN A 643 0.42 -32.99 33.40
CA ASN A 643 0.92 -32.42 34.65
C ASN A 643 1.69 -31.13 34.43
N TRP A 644 2.34 -31.00 33.27
CA TRP A 644 3.01 -29.76 32.92
C TRP A 644 2.00 -28.70 32.50
N ILE A 645 0.98 -29.12 31.75
CA ILE A 645 -0.07 -28.21 31.28
C ILE A 645 -0.80 -27.55 32.44
N ASN A 646 -1.10 -28.34 33.48
CA ASN A 646 -1.85 -27.86 34.62
C ASN A 646 -1.13 -26.77 35.43
N GLU A 647 0.19 -26.68 35.28
CA GLU A 647 0.99 -25.77 36.08
C GLU A 647 1.84 -24.80 35.26
N THR A 648 1.57 -24.69 33.96
CA THR A 648 2.39 -23.86 33.09
C THR A 648 1.87 -22.43 32.97
N HIS A 649 2.78 -21.52 32.62
CA HIS A 649 2.42 -20.13 32.35
C HIS A 649 2.34 -19.89 30.86
N THR A 650 2.65 -20.93 30.09
CA THR A 650 2.65 -20.85 28.64
C THR A 650 1.24 -20.67 28.07
N ASN A 651 1.08 -19.65 27.23
CA ASN A 651 -0.19 -19.42 26.56
C ASN A 651 -0.43 -20.47 25.48
N ILE A 652 -1.47 -21.28 25.66
CA ILE A 652 -1.76 -22.35 24.73
C ILE A 652 -3.12 -22.18 24.06
N PRO A 653 -3.14 -21.66 22.83
CA PRO A 653 -4.36 -21.44 22.06
C PRO A 653 -5.12 -22.74 21.81
N GLU A 654 -6.45 -22.68 21.93
CA GLU A 654 -7.32 -23.84 21.70
C GLU A 654 -6.93 -25.02 22.58
N LEU A 655 -6.60 -24.73 23.84
CA LEU A 655 -6.12 -25.73 24.78
C LEU A 655 -7.15 -26.80 25.10
N SER A 656 -8.38 -26.36 25.36
CA SER A 656 -9.45 -27.28 25.74
C SER A 656 -10.22 -27.82 24.54
N SER A 657 -10.01 -27.20 23.37
CA SER A 657 -10.79 -27.51 22.19
C SER A 657 -10.20 -28.61 21.31
N HIS A 658 -9.04 -28.32 20.71
CA HIS A 658 -8.50 -29.18 19.66
C HIS A 658 -7.43 -30.18 20.11
N TYR A 659 -7.15 -30.23 21.40
CA TYR A 659 -6.21 -31.20 21.93
C TYR A 659 -6.91 -32.51 22.28
N LEU A 660 -7.25 -33.28 21.24
CA LEU A 660 -7.98 -34.52 21.42
C LEU A 660 -7.09 -35.74 21.24
N CYS A 661 -7.51 -36.86 21.83
CA CYS A 661 -6.77 -38.11 21.72
C CYS A 661 -7.41 -39.02 20.69
N ASN A 662 -6.58 -39.72 19.92
CA ASN A 662 -7.10 -40.66 18.93
C ASN A 662 -6.89 -42.10 19.40
N THR A 663 -6.25 -42.24 20.55
CA THR A 663 -5.98 -43.54 21.15
C THR A 663 -5.70 -43.37 22.65
N PRO A 664 -6.17 -44.33 23.47
CA PRO A 664 -6.95 -45.52 23.16
C PRO A 664 -8.40 -45.18 22.84
N PRO A 665 -9.18 -46.11 22.28
CA PRO A 665 -10.57 -45.85 21.90
C PRO A 665 -11.45 -45.39 23.07
N HIS A 666 -10.99 -45.62 24.30
CA HIS A 666 -11.73 -45.16 25.47
C HIS A 666 -11.66 -43.65 25.61
N TYR A 667 -10.56 -43.07 25.11
CA TYR A 667 -10.36 -41.62 25.18
C TYR A 667 -10.40 -40.97 23.80
N HIS A 668 -11.15 -41.57 22.88
CA HIS A 668 -11.26 -41.02 21.53
C HIS A 668 -12.06 -39.72 21.52
N GLY A 669 -11.41 -38.64 21.10
CA GLY A 669 -12.06 -37.34 21.06
C GLY A 669 -12.10 -36.68 22.42
N PHE A 670 -11.36 -37.26 23.36
CA PHE A 670 -11.33 -36.76 24.73
C PHE A 670 -10.18 -35.77 24.91
N PRO A 671 -10.50 -34.55 25.39
CA PRO A 671 -9.50 -33.49 25.60
C PRO A 671 -8.40 -33.94 26.57
N VAL A 672 -7.15 -33.64 26.24
CA VAL A 672 -6.02 -34.02 27.07
C VAL A 672 -5.98 -33.19 28.35
N ARG A 673 -6.74 -32.10 28.36
CA ARG A 673 -6.79 -31.21 29.51
C ARG A 673 -7.51 -31.88 30.68
N LEU A 674 -8.43 -32.80 30.37
CA LEU A 674 -9.25 -33.44 31.39
C LEU A 674 -8.81 -34.87 31.69
N PHE A 675 -7.53 -35.17 31.51
CA PHE A 675 -7.01 -36.50 31.78
C PHE A 675 -6.62 -36.63 33.25
N ASP A 676 -6.93 -37.78 33.84
CA ASP A 676 -6.63 -38.03 35.24
C ASP A 676 -5.22 -38.60 35.42
N THR A 677 -4.38 -37.84 36.13
CA THR A 677 -2.99 -38.26 36.34
C THR A 677 -2.78 -38.80 37.75
N SER A 678 -3.88 -39.10 38.44
CA SER A 678 -3.81 -39.62 39.80
C SER A 678 -3.50 -41.11 39.81
N SER A 679 -3.69 -41.75 38.67
CA SER A 679 -3.45 -43.19 38.54
C SER A 679 -1.98 -43.49 38.25
N CYS A 680 -1.23 -42.45 37.88
CA CYS A 680 0.17 -42.60 37.55
C CYS A 680 1.08 -42.19 38.70
N ASP B 1 2.02 -31.64 2.19
CA ASP B 1 2.24 -30.27 1.75
C ASP B 1 0.93 -29.48 1.78
N ILE B 2 0.47 -29.05 0.60
CA ILE B 2 -0.79 -28.34 0.48
C ILE B 2 -1.92 -29.29 0.09
N GLN B 3 -3.03 -29.23 0.83
CA GLN B 3 -4.19 -30.06 0.54
C GLN B 3 -5.27 -29.29 -0.21
N MET B 4 -5.62 -29.78 -1.40
CA MET B 4 -6.66 -29.15 -2.21
C MET B 4 -7.92 -30.00 -2.21
N THR B 5 -9.02 -29.43 -1.72
CA THR B 5 -10.28 -30.16 -1.64
C THR B 5 -11.43 -29.40 -2.30
N GLN B 6 -12.13 -30.06 -3.22
CA GLN B 6 -13.23 -29.44 -3.95
C GLN B 6 -14.58 -29.81 -3.37
N SER B 7 -15.61 -29.06 -3.77
CA SER B 7 -16.97 -29.34 -3.35
C SER B 7 -17.96 -28.72 -4.33
N PRO B 8 -19.01 -29.47 -4.72
CA PRO B 8 -19.32 -30.81 -4.23
C PRO B 8 -18.51 -31.89 -4.97
N SER B 9 -18.80 -33.15 -4.67
CA SER B 9 -18.10 -34.26 -5.29
C SER B 9 -18.67 -34.55 -6.68
N SER B 10 -19.99 -34.55 -6.78
CA SER B 10 -20.66 -34.77 -8.04
C SER B 10 -22.04 -34.11 -8.05
N LEU B 11 -22.41 -33.53 -9.18
CA LEU B 11 -23.72 -32.88 -9.29
C LEU B 11 -24.40 -33.15 -10.62
N SER B 12 -25.68 -32.80 -10.71
CA SER B 12 -26.44 -32.96 -11.95
C SER B 12 -27.19 -31.67 -12.27
N ALA B 13 -27.04 -31.19 -13.50
CA ALA B 13 -27.69 -29.96 -13.93
C ALA B 13 -28.14 -30.04 -15.38
N SER B 14 -29.27 -29.40 -15.69
CA SER B 14 -29.82 -29.42 -17.04
C SER B 14 -29.07 -28.46 -17.96
N VAL B 15 -29.21 -28.68 -19.27
CA VAL B 15 -28.56 -27.83 -20.27
C VAL B 15 -29.11 -26.41 -20.23
N GLY B 16 -28.23 -25.45 -19.96
CA GLY B 16 -28.62 -24.05 -19.88
C GLY B 16 -28.53 -23.52 -18.47
N ASP B 17 -28.23 -24.40 -17.52
CA ASP B 17 -28.12 -24.02 -16.11
C ASP B 17 -26.76 -23.38 -15.82
N ARG B 18 -26.73 -22.58 -14.76
CA ARG B 18 -25.49 -21.95 -14.32
C ARG B 18 -24.95 -22.68 -13.10
N VAL B 19 -23.78 -23.31 -13.26
CA VAL B 19 -23.24 -24.18 -12.22
C VAL B 19 -21.99 -23.58 -11.58
N THR B 20 -21.86 -23.75 -10.27
CA THR B 20 -20.70 -23.26 -9.55
C THR B 20 -20.01 -24.35 -8.71
N ILE B 21 -18.75 -24.62 -9.03
CA ILE B 21 -17.94 -25.56 -8.28
C ILE B 21 -16.97 -24.80 -7.39
N THR B 22 -16.83 -25.23 -6.14
CA THR B 22 -15.94 -24.55 -5.20
C THR B 22 -14.66 -25.34 -4.95
N CYS B 23 -13.56 -24.61 -4.77
CA CYS B 23 -12.26 -25.22 -4.50
C CYS B 23 -11.61 -24.58 -3.28
N ARG B 24 -11.43 -25.37 -2.23
CA ARG B 24 -10.81 -24.89 -1.00
C ARG B 24 -9.38 -25.40 -0.83
N ALA B 25 -8.51 -24.51 -0.35
CA ALA B 25 -7.12 -24.85 -0.08
C ALA B 25 -6.88 -24.92 1.41
N SER B 26 -6.02 -25.84 1.83
CA SER B 26 -5.68 -26.00 3.25
C SER B 26 -5.02 -24.73 3.78
N GLN B 27 -4.10 -24.19 3.00
CA GLN B 27 -3.46 -22.92 3.32
C GLN B 27 -3.53 -21.99 2.11
N SER B 28 -3.21 -20.72 2.33
CA SER B 28 -3.34 -19.72 1.27
C SER B 28 -2.42 -20.01 0.08
N ILE B 29 -3.03 -20.31 -1.06
CA ILE B 29 -2.29 -20.48 -2.30
C ILE B 29 -2.37 -19.21 -3.14
N GLY B 30 -2.74 -18.11 -2.48
CA GLY B 30 -2.77 -16.80 -3.10
C GLY B 30 -3.69 -16.70 -4.30
N LEU B 31 -3.12 -16.36 -5.44
CA LEU B 31 -3.88 -16.18 -6.67
C LEU B 31 -3.59 -17.31 -7.65
N TYR B 32 -2.63 -18.15 -7.29
CA TYR B 32 -2.15 -19.20 -8.19
C TYR B 32 -2.99 -20.47 -8.09
N LEU B 33 -3.94 -20.60 -9.01
CA LEU B 33 -4.79 -21.79 -9.07
C LEU B 33 -5.31 -21.99 -10.48
N ALA B 34 -5.32 -23.23 -10.94
CA ALA B 34 -5.75 -23.55 -12.28
C ALA B 34 -6.93 -24.53 -12.30
N TRP B 35 -7.76 -24.42 -13.33
CA TRP B 35 -8.88 -25.33 -13.53
C TRP B 35 -8.70 -26.14 -14.81
N TYR B 36 -8.71 -27.46 -14.66
CA TYR B 36 -8.56 -28.38 -15.78
C TYR B 36 -9.82 -29.23 -15.96
N GLN B 37 -10.13 -29.54 -17.21
CA GLN B 37 -11.29 -30.37 -17.54
C GLN B 37 -10.84 -31.71 -18.12
N GLN B 38 -11.42 -32.80 -17.62
CA GLN B 38 -11.06 -34.12 -18.12
C GLN B 38 -12.26 -34.90 -18.63
N LYS B 39 -12.24 -35.20 -19.93
CA LYS B 39 -13.23 -36.07 -20.54
C LYS B 39 -12.86 -37.53 -20.25
N PRO B 40 -13.86 -38.40 -20.14
CA PRO B 40 -13.64 -39.83 -19.85
C PRO B 40 -12.71 -40.49 -20.87
N GLY B 41 -11.58 -41.00 -20.39
CA GLY B 41 -10.64 -41.72 -21.24
C GLY B 41 -9.68 -40.83 -22.00
N LYS B 42 -9.94 -39.53 -21.98
CA LYS B 42 -9.11 -38.58 -22.71
C LYS B 42 -8.29 -37.70 -21.77
N ALA B 43 -7.20 -37.15 -22.30
CA ALA B 43 -6.31 -36.29 -21.52
C ALA B 43 -7.01 -35.01 -21.07
N PRO B 44 -6.61 -34.47 -19.91
CA PRO B 44 -7.18 -33.23 -19.38
C PRO B 44 -7.00 -32.04 -20.33
N LYS B 45 -7.74 -30.97 -20.06
CA LYS B 45 -7.74 -29.78 -20.90
C LYS B 45 -7.70 -28.54 -20.02
N LEU B 46 -6.73 -27.66 -20.28
CA LEU B 46 -6.57 -26.46 -19.48
C LEU B 46 -7.67 -25.44 -19.77
N LEU B 47 -8.51 -25.18 -18.76
CA LEU B 47 -9.57 -24.20 -18.88
C LEU B 47 -9.13 -22.85 -18.32
N ILE B 48 -8.71 -22.85 -17.06
CA ILE B 48 -8.39 -21.60 -16.37
C ILE B 48 -7.00 -21.62 -15.76
N TYR B 49 -6.29 -20.49 -15.85
CA TYR B 49 -5.04 -20.32 -15.13
C TYR B 49 -5.08 -19.05 -14.31
N ALA B 50 -4.25 -18.98 -13.27
CA ALA B 50 -4.20 -17.83 -12.36
C ALA B 50 -5.58 -17.48 -11.78
N ALA B 51 -6.39 -18.52 -11.54
CA ALA B 51 -7.69 -18.40 -10.89
C ALA B 51 -8.79 -17.69 -11.68
N SER B 52 -8.44 -16.65 -12.44
CA SER B 52 -9.43 -15.87 -13.15
C SER B 52 -9.18 -15.73 -14.65
N SER B 53 -7.97 -16.07 -15.08
CA SER B 53 -7.60 -15.92 -16.49
C SER B 53 -8.16 -17.03 -17.36
N LEU B 54 -8.68 -16.65 -18.52
CA LEU B 54 -9.27 -17.60 -19.45
C LEU B 54 -8.24 -18.01 -20.50
N GLN B 55 -7.96 -19.30 -20.59
CA GLN B 55 -6.95 -19.82 -21.50
C GLN B 55 -7.40 -19.67 -22.96
N SER B 56 -6.43 -19.47 -23.85
CA SER B 56 -6.73 -19.27 -25.27
C SER B 56 -7.41 -20.49 -25.90
N GLY B 57 -8.56 -20.25 -26.53
CA GLY B 57 -9.28 -21.31 -27.22
C GLY B 57 -10.34 -21.98 -26.36
N VAL B 58 -10.54 -21.45 -25.15
CA VAL B 58 -11.54 -21.98 -24.24
C VAL B 58 -12.86 -21.24 -24.41
N PRO B 59 -13.98 -21.99 -24.50
CA PRO B 59 -15.33 -21.43 -24.63
C PRO B 59 -15.62 -20.28 -23.67
N SER B 60 -16.50 -19.37 -24.09
CA SER B 60 -16.77 -18.15 -23.34
C SER B 60 -17.58 -18.37 -22.05
N ARG B 61 -18.27 -19.50 -21.97
CA ARG B 61 -19.16 -19.77 -20.84
C ARG B 61 -18.41 -20.15 -19.56
N PHE B 62 -17.10 -20.32 -19.67
CA PHE B 62 -16.28 -20.71 -18.51
C PHE B 62 -15.67 -19.50 -17.81
N SER B 63 -15.97 -19.35 -16.52
CA SER B 63 -15.39 -18.26 -15.73
C SER B 63 -14.80 -18.78 -14.42
N GLY B 64 -13.99 -17.96 -13.77
CA GLY B 64 -13.35 -18.34 -12.53
C GLY B 64 -13.09 -17.17 -11.60
N SER B 65 -13.21 -17.41 -10.30
CA SER B 65 -13.05 -16.36 -9.31
C SER B 65 -12.45 -16.87 -8.01
N GLY B 66 -12.21 -15.96 -7.07
CA GLY B 66 -11.75 -16.31 -5.75
C GLY B 66 -10.29 -16.01 -5.47
N SER B 67 -9.94 -15.99 -4.19
CA SER B 67 -8.56 -15.78 -3.75
C SER B 67 -8.33 -16.45 -2.41
N GLY B 68 -7.12 -16.30 -1.88
CA GLY B 68 -6.76 -16.88 -0.59
C GLY B 68 -6.92 -18.40 -0.57
N THR B 69 -7.92 -18.87 0.17
CA THR B 69 -8.16 -20.30 0.29
C THR B 69 -9.50 -20.69 -0.35
N ASP B 70 -10.14 -19.76 -1.03
CA ASP B 70 -11.44 -20.02 -1.64
C ASP B 70 -11.47 -19.64 -3.12
N PHE B 71 -11.79 -20.61 -3.97
CA PHE B 71 -11.89 -20.37 -5.40
C PHE B 71 -13.19 -20.95 -5.95
N THR B 72 -13.60 -20.49 -7.13
CA THR B 72 -14.86 -20.95 -7.70
C THR B 72 -14.86 -20.94 -9.23
N LEU B 73 -15.12 -22.12 -9.81
CA LEU B 73 -15.30 -22.26 -11.25
C LEU B 73 -16.78 -22.15 -11.58
N THR B 74 -17.11 -21.41 -12.63
CA THR B 74 -18.50 -21.17 -12.99
C THR B 74 -18.80 -21.45 -14.46
N ILE B 75 -19.75 -22.34 -14.70
CA ILE B 75 -20.26 -22.60 -16.04
C ILE B 75 -21.53 -21.77 -16.24
N SER B 76 -21.51 -20.89 -17.24
CA SER B 76 -22.64 -20.03 -17.53
C SER B 76 -23.85 -20.82 -17.98
N SER B 77 -23.75 -21.45 -19.16
CA SER B 77 -24.81 -22.29 -19.67
C SER B 77 -24.25 -23.66 -20.04
N LEU B 78 -24.67 -24.68 -19.30
CA LEU B 78 -24.17 -26.03 -19.51
C LEU B 78 -24.51 -26.54 -20.90
N GLN B 79 -23.66 -27.42 -21.44
CA GLN B 79 -23.85 -27.99 -22.76
C GLN B 79 -23.98 -29.51 -22.66
N PRO B 80 -24.61 -30.15 -23.65
CA PRO B 80 -24.72 -31.60 -23.68
C PRO B 80 -23.36 -32.31 -23.72
N GLU B 81 -22.33 -31.61 -24.16
CA GLU B 81 -20.99 -32.18 -24.24
C GLU B 81 -20.05 -31.56 -23.21
N ASP B 82 -20.62 -30.83 -22.25
CA ASP B 82 -19.83 -30.18 -21.21
C ASP B 82 -19.68 -31.04 -19.95
N PHE B 83 -20.16 -32.28 -20.01
CA PHE B 83 -20.03 -33.18 -18.88
C PHE B 83 -18.63 -33.77 -18.83
N ALA B 84 -17.96 -33.57 -17.69
CA ALA B 84 -16.58 -34.02 -17.51
C ALA B 84 -16.18 -33.91 -16.05
N THR B 85 -14.98 -34.37 -15.73
CA THR B 85 -14.47 -34.26 -14.37
C THR B 85 -13.52 -33.06 -14.28
N TYR B 86 -13.91 -32.08 -13.47
CA TYR B 86 -13.16 -30.83 -13.38
C TYR B 86 -12.28 -30.75 -12.15
N TYR B 87 -10.96 -30.76 -12.36
CA TYR B 87 -9.99 -30.72 -11.28
C TYR B 87 -9.43 -29.31 -11.09
N CYS B 88 -9.07 -28.98 -9.86
CA CYS B 88 -8.36 -27.73 -9.57
C CYS B 88 -6.95 -28.04 -9.08
N GLN B 89 -6.01 -27.17 -9.42
CA GLN B 89 -4.61 -27.38 -9.09
C GLN B 89 -3.99 -26.12 -8.49
N GLN B 90 -3.09 -26.30 -7.54
CA GLN B 90 -2.41 -25.16 -6.91
C GLN B 90 -0.98 -25.04 -7.43
N GLY B 91 -0.51 -23.80 -7.55
CA GLY B 91 0.83 -23.54 -8.08
C GLY B 91 1.65 -22.60 -7.23
N ASN B 92 1.27 -22.45 -5.96
CA ASN B 92 2.02 -21.61 -5.03
C ASN B 92 3.26 -22.34 -4.51
N THR B 93 3.32 -23.64 -4.76
CA THR B 93 4.45 -24.46 -4.38
C THR B 93 4.86 -25.32 -5.59
N LEU B 94 6.14 -25.67 -5.67
CA LEU B 94 6.61 -26.52 -6.77
C LEU B 94 6.10 -27.96 -6.66
N SER B 95 5.42 -28.26 -5.56
CA SER B 95 4.74 -29.54 -5.40
C SER B 95 3.26 -29.36 -5.69
N TYR B 96 2.90 -29.42 -6.98
CA TYR B 96 1.53 -29.20 -7.41
C TYR B 96 0.61 -30.29 -6.88
N THR B 97 -0.42 -29.90 -6.15
CA THR B 97 -1.41 -30.86 -5.67
C THR B 97 -2.78 -30.54 -6.25
N PHE B 98 -3.40 -31.56 -6.84
CA PHE B 98 -4.73 -31.41 -7.42
C PHE B 98 -5.80 -31.70 -6.38
N GLY B 99 -7.04 -31.36 -6.71
CA GLY B 99 -8.17 -31.75 -5.88
C GLY B 99 -8.62 -33.14 -6.25
N GLN B 100 -9.70 -33.60 -5.64
CA GLN B 100 -10.25 -34.91 -5.96
C GLN B 100 -11.18 -34.80 -7.18
N GLY B 101 -11.38 -33.58 -7.65
CA GLY B 101 -12.19 -33.34 -8.83
C GLY B 101 -13.68 -33.31 -8.56
N THR B 102 -14.44 -32.79 -9.51
CA THR B 102 -15.88 -32.74 -9.39
C THR B 102 -16.53 -33.33 -10.64
N LYS B 103 -17.47 -34.25 -10.43
CA LYS B 103 -18.15 -34.91 -11.55
C LYS B 103 -19.41 -34.17 -11.96
N VAL B 104 -19.43 -33.73 -13.23
CA VAL B 104 -20.57 -32.99 -13.76
C VAL B 104 -21.48 -33.90 -14.60
N GLU B 105 -22.74 -33.96 -14.22
CA GLU B 105 -23.73 -34.79 -14.91
C GLU B 105 -24.90 -33.93 -15.38
N ILE B 106 -25.71 -34.47 -16.28
CA ILE B 106 -26.80 -33.70 -16.88
C ILE B 106 -28.18 -34.16 -16.40
N LYS B 107 -29.01 -33.20 -16.01
CA LYS B 107 -30.35 -33.49 -15.49
C LYS B 107 -31.41 -33.58 -16.58
N ARG B 108 -31.20 -34.48 -17.53
CA ARG B 108 -32.17 -34.72 -18.59
C ARG B 108 -33.43 -35.33 -17.98
N THR B 109 -34.57 -35.16 -18.63
CA THR B 109 -35.82 -35.72 -18.13
C THR B 109 -35.83 -37.24 -18.27
N VAL B 110 -36.86 -37.88 -17.75
CA VAL B 110 -37.00 -39.32 -17.80
C VAL B 110 -37.16 -39.83 -19.23
N ALA B 111 -36.45 -40.92 -19.56
CA ALA B 111 -36.55 -41.52 -20.88
C ALA B 111 -36.51 -43.04 -20.78
N ALA B 112 -37.49 -43.70 -21.40
CA ALA B 112 -37.59 -45.16 -21.36
C ALA B 112 -36.54 -45.81 -22.25
N PRO B 113 -36.05 -46.99 -21.83
CA PRO B 113 -35.00 -47.72 -22.57
C PRO B 113 -35.56 -48.59 -23.68
N SER B 114 -34.72 -48.90 -24.67
CA SER B 114 -35.09 -49.83 -25.73
C SER B 114 -34.41 -51.18 -25.51
N VAL B 115 -35.17 -52.15 -25.03
CA VAL B 115 -34.61 -53.44 -24.63
C VAL B 115 -34.43 -54.41 -25.80
N PHE B 116 -33.26 -55.04 -25.84
CA PHE B 116 -32.95 -56.06 -26.86
C PHE B 116 -32.12 -57.17 -26.22
N ILE B 117 -32.67 -58.39 -26.22
CA ILE B 117 -31.97 -59.53 -25.64
C ILE B 117 -31.34 -60.42 -26.71
N PHE B 118 -30.08 -60.79 -26.49
CA PHE B 118 -29.33 -61.57 -27.47
C PHE B 118 -28.84 -62.89 -26.90
N PRO B 119 -29.23 -64.01 -27.53
CA PRO B 119 -28.77 -65.35 -27.20
C PRO B 119 -27.34 -65.60 -27.70
N PRO B 120 -26.61 -66.52 -27.05
CA PRO B 120 -25.23 -66.83 -27.43
C PRO B 120 -25.13 -67.42 -28.84
N SER B 121 -24.11 -67.00 -29.58
CA SER B 121 -23.87 -67.56 -30.91
C SER B 121 -23.32 -68.99 -30.79
N ASP B 122 -23.52 -69.78 -31.84
CA ASP B 122 -23.12 -71.19 -31.81
C ASP B 122 -21.61 -71.39 -31.82
N GLU B 123 -20.89 -70.43 -32.39
CA GLU B 123 -19.43 -70.48 -32.42
C GLU B 123 -18.88 -70.42 -31.00
N GLN B 124 -19.61 -69.72 -30.12
CA GLN B 124 -19.26 -69.64 -28.72
C GLN B 124 -19.65 -70.93 -28.00
N LEU B 125 -20.76 -71.53 -28.45
CA LEU B 125 -21.23 -72.79 -27.90
C LEU B 125 -20.27 -73.92 -28.24
N LYS B 126 -19.47 -73.71 -29.28
CA LYS B 126 -18.46 -74.67 -29.70
C LYS B 126 -17.37 -74.81 -28.65
N SER B 127 -17.17 -73.75 -27.86
CA SER B 127 -16.10 -73.72 -26.86
C SER B 127 -16.47 -74.51 -25.61
N GLY B 128 -17.72 -74.37 -25.17
CA GLY B 128 -18.20 -75.09 -23.99
C GLY B 128 -18.72 -74.17 -22.90
N THR B 129 -19.06 -72.94 -23.26
CA THR B 129 -19.60 -71.98 -22.32
C THR B 129 -20.51 -70.98 -23.04
N ALA B 130 -21.64 -70.65 -22.43
CA ALA B 130 -22.61 -69.77 -23.05
C ALA B 130 -22.78 -68.45 -22.29
N SER B 131 -22.94 -67.36 -23.04
CA SER B 131 -23.14 -66.04 -22.44
C SER B 131 -24.27 -65.29 -23.13
N VAL B 132 -25.33 -65.01 -22.38
CA VAL B 132 -26.47 -64.27 -22.90
C VAL B 132 -26.31 -62.78 -22.60
N VAL B 133 -26.59 -61.94 -23.59
CA VAL B 133 -26.34 -60.51 -23.45
C VAL B 133 -27.62 -59.66 -23.52
N CYS B 134 -27.94 -58.97 -22.43
CA CYS B 134 -29.09 -58.08 -22.40
C CYS B 134 -28.68 -56.62 -22.66
N LEU B 135 -29.45 -55.95 -23.52
CA LEU B 135 -29.11 -54.60 -23.93
C LEU B 135 -30.23 -53.59 -23.63
N LEU B 136 -29.88 -52.50 -22.97
CA LEU B 136 -30.80 -51.39 -22.76
C LEU B 136 -30.31 -50.19 -23.56
N ASN B 137 -31.10 -49.77 -24.53
CA ASN B 137 -30.68 -48.72 -25.46
C ASN B 137 -31.23 -47.34 -25.14
N ASN B 138 -30.35 -46.41 -24.79
CA ASN B 138 -30.68 -45.00 -24.59
C ASN B 138 -31.79 -44.72 -23.58
N PHE B 139 -31.40 -44.41 -22.35
CA PHE B 139 -32.38 -44.16 -21.29
C PHE B 139 -31.88 -43.16 -20.24
N TYR B 140 -32.77 -42.82 -19.31
CA TYR B 140 -32.43 -41.95 -18.19
C TYR B 140 -33.46 -42.18 -17.08
N PRO B 141 -33.01 -42.22 -15.82
CA PRO B 141 -31.63 -42.02 -15.36
C PRO B 141 -30.79 -43.29 -15.35
N ARG B 142 -29.67 -43.22 -14.64
CA ARG B 142 -28.76 -44.35 -14.50
C ARG B 142 -29.40 -45.52 -13.75
N GLU B 143 -30.16 -45.19 -12.71
CA GLU B 143 -30.76 -46.20 -11.84
C GLU B 143 -31.68 -47.16 -12.62
N ALA B 144 -31.10 -48.25 -13.10
CA ALA B 144 -31.85 -49.27 -13.81
C ALA B 144 -31.78 -50.62 -13.10
N LYS B 145 -32.93 -51.24 -12.89
CA LYS B 145 -33.01 -52.51 -12.18
C LYS B 145 -33.16 -53.67 -13.16
N VAL B 146 -32.03 -54.24 -13.57
CA VAL B 146 -32.03 -55.33 -14.54
C VAL B 146 -32.07 -56.69 -13.85
N GLN B 147 -33.16 -57.43 -14.06
CA GLN B 147 -33.33 -58.74 -13.46
C GLN B 147 -33.53 -59.82 -14.52
N TRP B 148 -32.59 -60.77 -14.58
CA TRP B 148 -32.71 -61.91 -15.48
C TRP B 148 -33.70 -62.91 -14.92
N LYS B 149 -34.20 -63.80 -15.77
CA LYS B 149 -35.10 -64.86 -15.32
C LYS B 149 -34.99 -66.14 -16.15
N VAL B 150 -34.38 -67.16 -15.55
CA VAL B 150 -34.25 -68.46 -16.19
C VAL B 150 -35.39 -69.37 -15.74
N ASP B 151 -36.29 -69.67 -16.67
CA ASP B 151 -37.49 -70.46 -16.39
C ASP B 151 -38.31 -69.87 -15.23
N ASN B 152 -38.62 -68.59 -15.34
CA ASN B 152 -39.39 -67.88 -14.33
C ASN B 152 -38.78 -67.93 -12.93
N ALA B 153 -37.45 -68.00 -12.88
CA ALA B 153 -36.73 -68.01 -11.62
C ALA B 153 -35.59 -67.00 -11.64
N LEU B 154 -35.58 -66.09 -10.68
CA LEU B 154 -34.63 -64.99 -10.65
C LEU B 154 -33.18 -65.45 -10.40
N GLN B 155 -32.33 -65.23 -11.39
CA GLN B 155 -30.90 -65.49 -11.24
C GLN B 155 -30.23 -64.29 -10.57
N SER B 156 -29.13 -64.55 -9.86
CA SER B 156 -28.41 -63.48 -9.18
C SER B 156 -26.96 -63.84 -8.95
N GLY B 157 -26.07 -62.85 -9.05
CA GLY B 157 -24.66 -63.05 -8.80
C GLY B 157 -23.85 -63.32 -10.05
N ASN B 158 -24.46 -63.99 -11.02
CA ASN B 158 -23.77 -64.36 -12.26
C ASN B 158 -23.97 -63.36 -13.39
N SER B 159 -24.44 -62.16 -13.05
CA SER B 159 -24.65 -61.12 -14.04
C SER B 159 -23.74 -59.92 -13.79
N GLN B 160 -23.17 -59.38 -14.86
CA GLN B 160 -22.29 -58.22 -14.76
C GLN B 160 -22.68 -57.14 -15.77
N GLU B 161 -23.07 -55.98 -15.27
CA GLU B 161 -23.59 -54.92 -16.12
C GLU B 161 -22.61 -53.78 -16.36
N SER B 162 -22.54 -53.31 -17.60
CA SER B 162 -21.68 -52.19 -17.97
C SER B 162 -22.53 -51.01 -18.42
N VAL B 163 -22.23 -49.83 -17.88
CA VAL B 163 -22.98 -48.63 -18.22
C VAL B 163 -22.12 -47.63 -18.99
N THR B 164 -22.62 -47.21 -20.15
CA THR B 164 -21.87 -46.29 -21.02
C THR B 164 -22.00 -44.85 -20.54
N GLU B 165 -21.20 -43.98 -21.15
CA GLU B 165 -21.25 -42.54 -20.84
C GLU B 165 -22.57 -41.96 -21.31
N GLN B 166 -22.89 -40.76 -20.81
CA GLN B 166 -24.06 -40.04 -21.31
C GLN B 166 -23.81 -39.68 -22.77
N ASP B 167 -24.86 -39.76 -23.58
CA ASP B 167 -24.75 -39.49 -25.00
C ASP B 167 -24.28 -38.05 -25.23
N SER B 168 -23.48 -37.86 -26.28
CA SER B 168 -22.91 -36.56 -26.58
C SER B 168 -23.96 -35.54 -27.02
N LYS B 169 -25.17 -36.03 -27.29
CA LYS B 169 -26.25 -35.18 -27.75
C LYS B 169 -27.45 -35.18 -26.79
N ASP B 170 -28.08 -36.34 -26.64
CA ASP B 170 -29.31 -36.44 -25.84
C ASP B 170 -29.07 -36.84 -24.39
N SER B 171 -27.82 -37.12 -24.05
CA SER B 171 -27.43 -37.44 -22.67
C SER B 171 -28.18 -38.62 -22.08
N THR B 172 -28.10 -39.76 -22.76
CA THR B 172 -28.78 -40.97 -22.29
C THR B 172 -27.81 -42.14 -22.14
N TYR B 173 -27.85 -42.79 -20.98
CA TYR B 173 -26.97 -43.93 -20.71
C TYR B 173 -27.39 -45.14 -21.53
N SER B 174 -26.53 -46.15 -21.56
CA SER B 174 -26.84 -47.43 -22.16
C SER B 174 -26.27 -48.55 -21.30
N LEU B 175 -27.13 -49.49 -20.93
CA LEU B 175 -26.72 -50.57 -20.04
C LEU B 175 -26.62 -51.90 -20.79
N SER B 176 -25.59 -52.67 -20.48
CA SER B 176 -25.42 -54.00 -21.06
C SER B 176 -25.13 -55.01 -19.97
N SER B 177 -26.10 -55.86 -19.68
CA SER B 177 -25.94 -56.87 -18.65
C SER B 177 -25.53 -58.21 -19.26
N THR B 178 -24.34 -58.67 -18.90
CA THR B 178 -23.83 -59.94 -19.41
C THR B 178 -24.06 -61.06 -18.41
N LEU B 179 -24.77 -62.10 -18.84
CA LEU B 179 -25.04 -63.25 -17.99
C LEU B 179 -24.26 -64.47 -18.48
N THR B 180 -23.47 -65.06 -17.60
CA THR B 180 -22.62 -66.19 -17.96
C THR B 180 -23.14 -67.49 -17.36
N LEU B 181 -23.26 -68.52 -18.20
CA LEU B 181 -23.66 -69.85 -17.75
C LEU B 181 -22.96 -70.96 -18.52
N SER B 182 -22.77 -72.10 -17.87
CA SER B 182 -22.08 -73.24 -18.47
C SER B 182 -22.87 -73.81 -19.65
N LYS B 183 -22.19 -74.58 -20.48
CA LYS B 183 -22.81 -75.20 -21.65
C LYS B 183 -23.85 -76.22 -21.22
N ALA B 184 -23.61 -76.86 -20.07
CA ALA B 184 -24.53 -77.85 -19.53
C ALA B 184 -25.80 -77.19 -19.00
N ASP B 185 -25.68 -75.93 -18.59
CA ASP B 185 -26.82 -75.19 -18.05
C ASP B 185 -27.64 -74.55 -19.17
N TYR B 186 -27.06 -74.45 -20.35
CA TYR B 186 -27.73 -73.83 -21.49
C TYR B 186 -28.91 -74.68 -21.98
N GLU B 187 -28.61 -75.91 -22.37
CA GLU B 187 -29.63 -76.82 -22.90
C GLU B 187 -30.48 -77.43 -21.79
N LYS B 188 -30.16 -77.08 -20.55
CA LYS B 188 -30.86 -77.63 -19.39
C LYS B 188 -32.17 -76.89 -19.14
N HIS B 189 -32.27 -75.66 -19.64
CA HIS B 189 -33.43 -74.83 -19.38
C HIS B 189 -34.20 -74.46 -20.64
N LYS B 190 -35.33 -73.77 -20.47
CA LYS B 190 -36.24 -73.48 -21.57
C LYS B 190 -36.42 -71.99 -21.81
N VAL B 191 -37.03 -71.30 -20.85
CA VAL B 191 -37.33 -69.88 -21.00
C VAL B 191 -36.19 -68.99 -20.48
N TYR B 192 -35.67 -68.14 -21.36
CA TYR B 192 -34.64 -67.19 -20.96
C TYR B 192 -35.14 -65.76 -21.12
N ALA B 193 -35.44 -65.12 -20.00
CA ALA B 193 -36.09 -63.81 -20.02
C ALA B 193 -35.22 -62.68 -19.45
N CYS B 194 -35.41 -61.49 -19.99
CA CYS B 194 -34.73 -60.29 -19.49
C CYS B 194 -35.77 -59.26 -19.05
N GLU B 195 -35.84 -59.02 -17.75
CA GLU B 195 -36.80 -58.06 -17.20
C GLU B 195 -36.11 -56.76 -16.78
N VAL B 196 -36.70 -55.64 -17.17
CA VAL B 196 -36.12 -54.33 -16.88
C VAL B 196 -37.07 -53.44 -16.09
N THR B 197 -36.71 -53.14 -14.85
CA THR B 197 -37.49 -52.24 -14.02
C THR B 197 -36.84 -50.85 -14.01
N HIS B 198 -37.63 -49.83 -14.36
CA HIS B 198 -37.07 -48.48 -14.46
C HIS B 198 -38.07 -47.41 -14.02
N GLN B 199 -37.58 -46.19 -13.82
CA GLN B 199 -38.43 -45.06 -13.48
C GLN B 199 -39.06 -44.45 -14.73
N GLY B 200 -38.67 -44.99 -15.89
CA GLY B 200 -39.24 -44.55 -17.15
C GLY B 200 -40.25 -45.55 -17.68
N LEU B 201 -40.54 -46.56 -16.86
CA LEU B 201 -41.49 -47.61 -17.23
C LEU B 201 -42.45 -47.89 -16.09
N SER B 202 -43.75 -47.81 -16.37
CA SER B 202 -44.78 -48.11 -15.38
C SER B 202 -44.73 -49.58 -14.97
N SER B 203 -44.75 -50.45 -15.96
CA SER B 203 -44.62 -51.89 -15.73
C SER B 203 -43.37 -52.41 -16.44
N PRO B 204 -42.54 -53.17 -15.70
CA PRO B 204 -41.28 -53.72 -16.21
C PRO B 204 -41.45 -54.56 -17.46
N VAL B 205 -40.92 -54.09 -18.59
CA VAL B 205 -40.96 -54.83 -19.84
C VAL B 205 -40.00 -56.02 -19.78
N THR B 206 -40.46 -57.18 -20.24
CA THR B 206 -39.64 -58.37 -20.24
C THR B 206 -39.47 -58.95 -21.64
N LYS B 207 -38.29 -58.78 -22.21
CA LYS B 207 -38.00 -59.38 -23.51
C LYS B 207 -37.29 -60.71 -23.35
N SER B 208 -37.84 -61.74 -23.98
CA SER B 208 -37.39 -63.11 -23.73
C SER B 208 -37.10 -63.89 -25.01
N PHE B 209 -36.51 -65.06 -24.83
CA PHE B 209 -36.34 -66.02 -25.92
C PHE B 209 -36.28 -67.42 -25.34
N ASN B 210 -36.81 -68.40 -26.07
CA ASN B 210 -36.81 -69.77 -25.62
C ASN B 210 -35.65 -70.57 -26.21
N ARG B 211 -35.09 -71.47 -25.40
CA ARG B 211 -33.93 -72.25 -25.80
C ARG B 211 -34.27 -73.17 -26.97
N GLY B 212 -33.61 -72.94 -28.10
CA GLY B 212 -33.84 -73.72 -29.30
C GLY B 212 -34.78 -73.03 -30.27
N GLU B 213 -35.83 -72.41 -29.74
CA GLU B 213 -36.82 -71.72 -30.55
C GLU B 213 -36.29 -70.39 -31.09
N CYS B 214 -35.13 -69.98 -30.59
CA CYS B 214 -34.51 -68.75 -31.04
C CYS B 214 -33.26 -69.06 -31.88
N GLU C 1 0.72 -25.91 -34.30
CA GLU C 1 0.40 -27.32 -34.24
C GLU C 1 1.23 -28.06 -33.20
N VAL C 2 1.07 -27.68 -31.94
CA VAL C 2 1.78 -28.33 -30.84
C VAL C 2 1.21 -29.72 -30.59
N GLN C 3 2.08 -30.72 -30.59
CA GLN C 3 1.64 -32.11 -30.45
C GLN C 3 2.54 -32.94 -29.53
N LEU C 4 1.92 -33.63 -28.59
CA LEU C 4 2.65 -34.51 -27.68
C LEU C 4 2.13 -35.95 -27.78
N VAL C 5 3.03 -36.86 -28.17
CA VAL C 5 2.66 -38.26 -28.35
C VAL C 5 3.51 -39.19 -27.50
N GLN C 6 2.86 -39.96 -26.63
CA GLN C 6 3.56 -40.89 -25.77
C GLN C 6 3.61 -42.29 -26.39
N SER C 7 4.23 -43.23 -25.68
CA SER C 7 4.36 -44.59 -26.18
C SER C 7 3.06 -45.38 -26.06
N GLY C 8 3.05 -46.59 -26.59
CA GLY C 8 1.88 -47.45 -26.53
C GLY C 8 1.70 -48.09 -25.17
N ALA C 9 0.57 -48.77 -24.99
CA ALA C 9 0.26 -49.42 -23.72
C ALA C 9 1.26 -50.54 -23.42
N GLU C 10 1.77 -50.54 -22.18
CA GLU C 10 2.76 -51.52 -21.77
C GLU C 10 2.15 -52.59 -20.88
N VAL C 11 2.56 -53.84 -21.09
CA VAL C 11 2.08 -54.96 -20.29
C VAL C 11 3.25 -55.79 -19.78
N LYS C 12 3.65 -55.56 -18.52
CA LYS C 12 4.78 -56.27 -17.94
C LYS C 12 4.42 -56.92 -16.60
N LYS C 13 5.31 -57.75 -16.10
CA LYS C 13 5.14 -58.40 -14.81
C LYS C 13 5.86 -57.62 -13.72
N PRO C 14 5.41 -57.76 -12.46
CA PRO C 14 6.08 -57.08 -11.33
C PRO C 14 7.54 -57.51 -11.20
N GLY C 15 8.46 -56.59 -11.43
CA GLY C 15 9.88 -56.87 -11.33
C GLY C 15 10.61 -56.55 -12.62
N GLU C 16 9.86 -56.44 -13.71
CA GLU C 16 10.45 -56.14 -15.02
C GLU C 16 10.73 -54.65 -15.17
N SER C 17 11.75 -54.31 -15.94
CA SER C 17 12.10 -52.93 -16.21
C SER C 17 11.15 -52.33 -17.24
N LEU C 18 10.84 -51.05 -17.11
CA LEU C 18 9.92 -50.40 -18.04
C LEU C 18 10.35 -48.97 -18.33
N LYS C 19 10.09 -48.50 -19.55
CA LYS C 19 10.43 -47.13 -19.93
C LYS C 19 9.49 -46.59 -21.00
N ILE C 20 8.54 -45.76 -20.57
CA ILE C 20 7.59 -45.14 -21.49
C ILE C 20 8.14 -43.84 -22.07
N SER C 21 7.77 -43.57 -23.32
CA SER C 21 8.29 -42.41 -24.04
C SER C 21 7.27 -41.28 -24.12
N CYS C 22 7.74 -40.11 -24.56
CA CYS C 22 6.89 -38.94 -24.72
C CYS C 22 7.56 -37.92 -25.64
N LYS C 23 7.28 -38.01 -26.94
CA LYS C 23 7.91 -37.14 -27.92
C LYS C 23 7.01 -35.96 -28.29
N GLY C 24 7.60 -34.78 -28.38
CA GLY C 24 6.87 -33.59 -28.77
C GLY C 24 7.30 -33.08 -30.13
N SER C 25 6.38 -32.40 -30.82
CA SER C 25 6.67 -31.87 -32.15
C SER C 25 5.76 -30.69 -32.48
N GLY C 26 6.25 -29.80 -33.33
CA GLY C 26 5.49 -28.64 -33.75
C GLY C 26 5.78 -27.42 -32.91
N TYR C 27 6.55 -27.59 -31.85
CA TYR C 27 6.89 -26.48 -30.97
C TYR C 27 8.37 -26.54 -30.54
N SER C 28 8.84 -25.46 -29.94
CA SER C 28 10.20 -25.39 -29.43
C SER C 28 10.33 -26.29 -28.19
N PHE C 29 10.90 -27.47 -28.39
CA PHE C 29 10.89 -28.50 -27.36
C PHE C 29 11.67 -28.14 -26.09
N THR C 30 12.82 -27.52 -26.25
CA THR C 30 13.68 -27.21 -25.11
C THR C 30 13.34 -25.87 -24.46
N ASN C 31 12.25 -25.26 -24.90
CA ASN C 31 11.82 -23.97 -24.36
C ASN C 31 10.84 -24.09 -23.20
N TYR C 32 10.10 -25.18 -23.16
CA TYR C 32 9.10 -25.37 -22.12
C TYR C 32 9.32 -26.69 -21.36
N TRP C 33 9.19 -26.63 -20.05
CA TRP C 33 9.36 -27.81 -19.19
C TRP C 33 8.39 -28.93 -19.56
N VAL C 34 8.76 -30.15 -19.25
CA VAL C 34 7.89 -31.30 -19.49
C VAL C 34 7.58 -32.03 -18.18
N GLY C 35 6.30 -32.07 -17.81
CA GLY C 35 5.89 -32.69 -16.57
C GLY C 35 5.14 -34.00 -16.78
N TRP C 36 5.07 -34.80 -15.72
CA TRP C 36 4.39 -36.09 -15.78
C TRP C 36 3.24 -36.17 -14.77
N VAL C 37 2.19 -36.88 -15.14
CA VAL C 37 1.02 -37.04 -14.28
C VAL C 37 0.55 -38.49 -14.23
N ARG C 38 0.46 -39.04 -13.01
CA ARG C 38 -0.09 -40.36 -12.82
C ARG C 38 -1.55 -40.28 -12.41
N GLN C 39 -2.37 -41.18 -12.94
CA GLN C 39 -3.78 -41.25 -12.59
C GLN C 39 -4.19 -42.70 -12.38
N MET C 40 -4.35 -43.09 -11.12
CA MET C 40 -4.83 -44.42 -10.79
C MET C 40 -6.31 -44.53 -11.16
N PRO C 41 -6.72 -45.71 -11.67
CA PRO C 41 -8.08 -45.96 -12.15
C PRO C 41 -9.15 -45.59 -11.12
N GLY C 42 -9.88 -44.51 -11.39
CA GLY C 42 -10.95 -44.09 -10.51
C GLY C 42 -10.53 -43.02 -9.52
N LYS C 43 -9.24 -42.74 -9.47
CA LYS C 43 -8.70 -41.75 -8.53
C LYS C 43 -8.33 -40.46 -9.25
N GLY C 44 -8.07 -39.41 -8.47
CA GLY C 44 -7.77 -38.10 -9.03
C GLY C 44 -6.41 -38.01 -9.68
N LEU C 45 -6.17 -36.89 -10.36
CA LEU C 45 -4.88 -36.64 -11.00
C LEU C 45 -3.79 -36.44 -9.96
N GLU C 46 -2.64 -37.06 -10.18
CA GLU C 46 -1.52 -36.95 -9.26
C GLU C 46 -0.29 -36.40 -9.98
N TRP C 47 0.44 -35.51 -9.31
CA TRP C 47 1.63 -34.92 -9.90
C TRP C 47 2.85 -35.79 -9.66
N MET C 48 3.61 -36.06 -10.72
CA MET C 48 4.80 -36.89 -10.60
C MET C 48 6.06 -36.05 -10.44
N GLY C 49 6.19 -35.03 -11.28
CA GLY C 49 7.36 -34.16 -11.28
C GLY C 49 7.62 -33.64 -12.68
N PHE C 50 8.65 -32.82 -12.83
CA PHE C 50 8.96 -32.26 -14.14
C PHE C 50 10.44 -32.31 -14.48
N ILE C 51 10.74 -32.05 -15.76
CA ILE C 51 12.11 -32.03 -16.23
C ILE C 51 12.30 -31.00 -17.35
N ASP C 52 13.47 -30.36 -17.36
CA ASP C 52 13.82 -29.42 -18.41
C ASP C 52 14.61 -30.16 -19.48
N PRO C 53 14.04 -30.26 -20.69
CA PRO C 53 14.64 -30.99 -21.82
C PRO C 53 16.08 -30.56 -22.14
N SER C 54 16.40 -29.29 -21.88
CA SER C 54 17.72 -28.75 -22.19
C SER C 54 18.82 -29.35 -21.33
N ASP C 55 18.75 -29.13 -20.02
CA ASP C 55 19.80 -29.58 -19.11
C ASP C 55 19.43 -30.84 -18.34
N SER C 56 18.25 -31.39 -18.63
CA SER C 56 17.74 -32.58 -17.94
C SER C 56 17.66 -32.40 -16.43
N TYR C 57 17.32 -31.19 -16.00
CA TYR C 57 17.11 -30.90 -14.58
C TYR C 57 15.81 -31.55 -14.13
N THR C 58 15.90 -32.43 -13.14
CA THR C 58 14.73 -33.17 -12.67
C THR C 58 14.23 -32.68 -11.32
N ASN C 59 12.92 -32.52 -11.21
CA ASN C 59 12.30 -32.18 -9.93
C ASN C 59 11.08 -33.07 -9.67
N TYR C 60 11.27 -34.08 -8.84
CA TYR C 60 10.22 -35.05 -8.56
C TYR C 60 9.31 -34.59 -7.43
N ALA C 61 8.10 -35.12 -7.39
CA ALA C 61 7.20 -34.90 -6.27
C ALA C 61 7.76 -35.65 -5.06
N PRO C 62 7.53 -35.12 -3.85
CA PRO C 62 8.06 -35.73 -2.62
C PRO C 62 7.59 -37.17 -2.46
N SER C 63 6.49 -37.53 -3.11
CA SER C 63 5.97 -38.88 -3.07
C SER C 63 6.78 -39.81 -3.95
N PHE C 64 7.30 -39.28 -5.06
CA PHE C 64 8.00 -40.10 -6.04
C PHE C 64 9.51 -39.90 -6.02
N GLN C 65 10.02 -39.33 -4.94
CA GLN C 65 11.46 -39.16 -4.79
C GLN C 65 12.15 -40.50 -4.56
N GLY C 66 12.90 -40.96 -5.55
CA GLY C 66 13.62 -42.21 -5.45
C GLY C 66 12.78 -43.41 -5.86
N GLN C 67 11.52 -43.16 -6.22
CA GLN C 67 10.61 -44.23 -6.62
C GLN C 67 10.42 -44.28 -8.13
N VAL C 68 11.00 -43.32 -8.84
CA VAL C 68 10.90 -43.27 -10.29
C VAL C 68 12.01 -42.38 -10.85
N THR C 69 12.30 -42.52 -12.14
CA THR C 69 13.35 -41.74 -12.79
C THR C 69 12.85 -41.05 -14.06
N ILE C 70 12.82 -39.73 -14.03
CA ILE C 70 12.42 -38.95 -15.20
C ILE C 70 13.65 -38.56 -16.00
N SER C 71 13.66 -38.91 -17.29
CA SER C 71 14.78 -38.55 -18.17
C SER C 71 14.28 -37.79 -19.39
N ALA C 72 15.21 -37.39 -20.24
CA ALA C 72 14.86 -36.64 -21.45
C ALA C 72 15.95 -36.71 -22.51
N ASP C 73 15.55 -36.63 -23.77
CA ASP C 73 16.47 -36.64 -24.89
C ASP C 73 16.23 -35.39 -25.74
N LYS C 74 17.18 -34.46 -25.68
CA LYS C 74 17.08 -33.19 -26.39
C LYS C 74 17.12 -33.40 -27.90
N SER C 75 17.90 -34.38 -28.34
CA SER C 75 18.07 -34.65 -29.77
C SER C 75 16.77 -35.10 -30.43
N ILE C 76 16.20 -36.19 -29.93
CA ILE C 76 14.97 -36.75 -30.49
C ILE C 76 13.76 -35.91 -30.05
N SER C 77 14.01 -34.94 -29.17
CA SER C 77 12.95 -34.14 -28.56
C SER C 77 11.94 -35.04 -27.88
N THR C 78 12.44 -35.93 -27.02
CA THR C 78 11.58 -36.94 -26.39
C THR C 78 11.90 -37.14 -24.91
N ALA C 79 10.98 -36.75 -24.05
CA ALA C 79 11.13 -36.99 -22.62
C ALA C 79 10.70 -38.42 -22.28
N TYR C 80 11.46 -39.07 -21.42
CA TYR C 80 11.16 -40.45 -21.02
C TYR C 80 10.84 -40.57 -19.54
N LEU C 81 10.09 -41.61 -19.19
CA LEU C 81 9.79 -41.91 -17.79
C LEU C 81 9.97 -43.40 -17.57
N GLN C 82 10.77 -43.79 -16.59
CA GLN C 82 11.08 -45.20 -16.42
C GLN C 82 11.05 -45.73 -14.98
N TRP C 83 10.79 -47.03 -14.87
CA TRP C 83 10.90 -47.75 -13.61
C TRP C 83 11.92 -48.87 -13.78
N SER C 84 12.84 -48.98 -12.82
CA SER C 84 13.84 -50.04 -12.84
C SER C 84 13.18 -51.39 -12.54
N SER C 85 12.32 -51.40 -11.53
CA SER C 85 11.58 -52.61 -11.16
C SER C 85 10.13 -52.28 -10.89
N LEU C 86 9.24 -52.76 -11.76
CA LEU C 86 7.81 -52.46 -11.65
C LEU C 86 7.19 -53.05 -10.39
N LYS C 87 6.06 -52.48 -9.98
CA LYS C 87 5.40 -52.89 -8.76
C LYS C 87 3.94 -53.21 -9.03
N ALA C 88 3.26 -53.83 -8.07
CA ALA C 88 1.85 -54.18 -8.21
C ALA C 88 0.96 -52.95 -8.21
N SER C 89 1.45 -51.86 -7.62
CA SER C 89 0.66 -50.65 -7.48
C SER C 89 1.02 -49.58 -8.51
N ASP C 90 1.88 -49.93 -9.46
CA ASP C 90 2.27 -49.00 -10.52
C ASP C 90 1.24 -48.98 -11.64
N THR C 91 0.20 -49.79 -11.51
CA THR C 91 -0.83 -49.90 -12.53
C THR C 91 -1.72 -48.66 -12.57
N ALA C 92 -1.47 -47.80 -13.54
CA ALA C 92 -2.24 -46.56 -13.69
C ALA C 92 -2.06 -45.96 -15.08
N MET C 93 -2.77 -44.86 -15.34
CA MET C 93 -2.65 -44.15 -16.61
C MET C 93 -1.64 -43.02 -16.48
N TYR C 94 -0.69 -42.95 -17.41
CA TYR C 94 0.38 -41.96 -17.33
C TYR C 94 0.35 -40.94 -18.47
N TYR C 95 0.15 -39.67 -18.10
CA TYR C 95 0.14 -38.59 -19.08
C TYR C 95 1.41 -37.75 -18.97
N CYS C 96 1.75 -37.07 -20.06
CA CYS C 96 2.84 -36.09 -20.06
C CYS C 96 2.29 -34.76 -20.57
N ALA C 97 2.74 -33.66 -19.97
CA ALA C 97 2.22 -32.35 -20.33
C ALA C 97 3.31 -31.29 -20.46
N ARG C 98 2.99 -30.22 -21.18
CA ARG C 98 3.94 -29.12 -21.35
C ARG C 98 3.65 -28.00 -20.37
N GLU C 99 4.67 -27.59 -19.61
CA GLU C 99 4.51 -26.54 -18.63
C GLU C 99 4.70 -25.15 -19.23
N LEU C 100 3.60 -24.43 -19.40
CA LEU C 100 3.65 -23.06 -19.93
C LEU C 100 3.47 -22.05 -18.81
N TYR C 101 4.50 -21.23 -18.59
CA TYR C 101 4.48 -20.26 -17.50
C TYR C 101 3.66 -19.02 -17.86
N GLN C 102 2.38 -19.05 -17.49
CA GLN C 102 1.48 -17.93 -17.72
C GLN C 102 0.77 -17.56 -16.42
N GLY C 103 0.56 -16.26 -16.21
CA GLY C 103 -0.08 -15.80 -15.00
C GLY C 103 0.79 -16.03 -13.78
N TYR C 104 2.10 -16.09 -14.01
CA TYR C 104 3.09 -16.28 -12.95
C TYR C 104 2.90 -17.58 -12.18
N MET C 105 2.61 -18.65 -12.93
CA MET C 105 2.53 -20.00 -12.38
C MET C 105 2.61 -21.00 -13.52
N ASP C 106 3.20 -22.16 -13.27
CA ASP C 106 3.31 -23.19 -14.28
C ASP C 106 1.97 -23.86 -14.54
N THR C 107 1.52 -23.83 -15.80
CA THR C 107 0.27 -24.45 -16.20
C THR C 107 0.49 -25.36 -17.39
N PHE C 108 -0.32 -26.42 -17.48
CA PHE C 108 -0.16 -27.42 -18.53
C PHE C 108 -1.21 -27.26 -19.63
N ASP C 109 -0.78 -26.78 -20.79
CA ASP C 109 -1.71 -26.57 -21.92
C ASP C 109 -1.83 -27.79 -22.82
N SER C 110 -0.70 -28.31 -23.27
CA SER C 110 -0.69 -29.47 -24.16
C SER C 110 -0.40 -30.75 -23.39
N TRP C 111 -1.20 -31.78 -23.65
CA TRP C 111 -1.05 -33.06 -22.98
C TRP C 111 -0.79 -34.19 -23.97
N GLY C 112 -0.35 -35.33 -23.46
CA GLY C 112 -0.14 -36.51 -24.28
C GLY C 112 -1.46 -37.23 -24.51
N GLN C 113 -1.41 -38.38 -25.19
CA GLN C 113 -2.62 -39.14 -25.45
C GLN C 113 -2.88 -40.14 -24.32
N GLY C 114 -1.86 -40.40 -23.51
CA GLY C 114 -1.99 -41.30 -22.39
C GLY C 114 -1.34 -42.65 -22.61
N THR C 115 -0.62 -43.12 -21.60
CA THR C 115 0.01 -44.44 -21.66
C THR C 115 -0.52 -45.34 -20.56
N LEU C 116 -1.20 -46.41 -20.95
CA LEU C 116 -1.75 -47.35 -19.99
C LEU C 116 -0.71 -48.38 -19.56
N VAL C 117 -0.36 -48.35 -18.28
CA VAL C 117 0.59 -49.32 -17.73
C VAL C 117 -0.14 -50.37 -16.89
N THR C 118 -0.10 -51.61 -17.36
CA THR C 118 -0.79 -52.70 -16.69
C THR C 118 0.20 -53.72 -16.14
N VAL C 119 0.38 -53.71 -14.82
CA VAL C 119 1.35 -54.59 -14.17
C VAL C 119 0.69 -55.54 -13.19
N SER C 120 0.68 -56.83 -13.52
CA SER C 120 0.13 -57.85 -12.64
C SER C 120 0.86 -59.17 -12.81
N SER C 121 0.60 -60.10 -11.89
CA SER C 121 1.27 -61.41 -11.91
C SER C 121 0.69 -62.35 -12.95
N ALA C 122 -0.38 -61.93 -13.62
CA ALA C 122 -1.02 -62.73 -14.65
C ALA C 122 -0.35 -62.55 -16.01
N SER C 123 -0.72 -63.38 -16.96
CA SER C 123 -0.15 -63.32 -18.30
C SER C 123 -1.16 -62.84 -19.35
N THR C 124 -0.73 -62.75 -20.59
CA THR C 124 -1.56 -62.21 -21.66
C THR C 124 -2.29 -63.29 -22.44
N LYS C 125 -3.58 -63.06 -22.70
CA LYS C 125 -4.40 -63.98 -23.49
C LYS C 125 -5.17 -63.23 -24.57
N GLY C 126 -5.19 -63.81 -25.77
CA GLY C 126 -5.94 -63.23 -26.87
C GLY C 126 -7.44 -63.28 -26.65
N PRO C 127 -8.16 -62.25 -27.13
CA PRO C 127 -9.62 -62.13 -26.97
C PRO C 127 -10.40 -63.18 -27.76
N SER C 128 -11.67 -63.37 -27.37
CA SER C 128 -12.56 -64.25 -28.10
C SER C 128 -13.83 -63.50 -28.48
N VAL C 129 -14.01 -63.25 -29.77
CA VAL C 129 -15.12 -62.44 -30.26
C VAL C 129 -16.27 -63.28 -30.80
N PHE C 130 -17.46 -63.07 -30.25
CA PHE C 130 -18.66 -63.77 -30.71
C PHE C 130 -19.85 -62.83 -30.84
N PRO C 131 -20.55 -62.87 -31.98
CA PRO C 131 -21.61 -61.92 -32.33
C PRO C 131 -22.89 -62.11 -31.54
N LEU C 132 -23.75 -61.08 -31.56
CA LEU C 132 -25.05 -61.13 -30.90
C LEU C 132 -26.16 -60.77 -31.88
N ALA C 133 -27.20 -61.59 -31.93
CA ALA C 133 -28.32 -61.36 -32.83
C ALA C 133 -29.63 -61.88 -32.24
N PRO C 134 -30.71 -61.08 -32.35
CA PRO C 134 -32.03 -61.47 -31.86
C PRO C 134 -32.65 -62.55 -32.74
N CYS C 135 -33.85 -63.01 -32.38
CA CYS C 135 -34.53 -64.06 -33.13
C CYS C 135 -34.94 -63.60 -34.53
N SER C 136 -35.42 -64.53 -35.34
CA SER C 136 -35.76 -64.26 -36.73
C SER C 136 -37.00 -63.37 -36.88
N ARG C 137 -38.10 -63.79 -36.28
CA ARG C 137 -39.38 -63.10 -36.45
C ARG C 137 -39.64 -62.07 -35.36
N SER C 138 -38.71 -61.98 -34.40
CA SER C 138 -38.87 -61.06 -33.28
C SER C 138 -38.66 -59.60 -33.68
N THR C 139 -38.04 -59.39 -34.84
CA THR C 139 -37.76 -58.04 -35.32
C THR C 139 -38.87 -57.54 -36.24
N SER C 140 -39.70 -56.65 -35.70
CA SER C 140 -40.79 -56.03 -36.47
C SER C 140 -41.31 -54.79 -35.73
N GLU C 141 -40.40 -54.04 -35.14
CA GLU C 141 -40.75 -52.85 -34.37
C GLU C 141 -40.52 -51.60 -35.20
N SER C 142 -39.43 -50.90 -34.91
CA SER C 142 -39.03 -49.73 -35.66
C SER C 142 -37.55 -49.83 -36.01
N THR C 143 -36.73 -50.10 -34.99
CA THR C 143 -35.30 -50.29 -35.19
C THR C 143 -34.81 -51.50 -34.41
N ALA C 144 -33.90 -52.26 -35.03
CA ALA C 144 -33.30 -53.42 -34.38
C ALA C 144 -31.84 -53.15 -34.04
N ALA C 145 -31.20 -54.09 -33.35
CA ALA C 145 -29.82 -53.92 -32.93
C ALA C 145 -29.03 -55.22 -33.03
N LEU C 146 -27.77 -55.11 -33.43
CA LEU C 146 -26.88 -56.27 -33.48
C LEU C 146 -25.68 -56.03 -32.55
N GLY C 147 -24.94 -57.09 -32.25
CA GLY C 147 -23.86 -56.97 -31.29
C GLY C 147 -22.58 -57.74 -31.57
N CYS C 148 -21.54 -57.39 -30.82
CA CYS C 148 -20.26 -58.09 -30.85
C CYS C 148 -19.70 -58.19 -29.44
N LEU C 149 -19.41 -59.41 -29.01
CA LEU C 149 -18.91 -59.65 -27.65
C LEU C 149 -17.44 -60.06 -27.66
N VAL C 150 -16.59 -59.15 -27.21
CA VAL C 150 -15.17 -59.45 -27.05
C VAL C 150 -14.93 -59.94 -25.63
N LYS C 151 -14.95 -61.26 -25.45
CA LYS C 151 -14.91 -61.84 -24.12
C LYS C 151 -13.63 -62.62 -23.85
N ASP C 152 -13.28 -62.73 -22.58
CA ASP C 152 -12.10 -63.49 -22.13
C ASP C 152 -10.79 -62.97 -22.73
N TYR C 153 -10.42 -61.75 -22.35
CA TYR C 153 -9.15 -61.18 -22.78
C TYR C 153 -8.44 -60.46 -21.65
N PHE C 154 -7.12 -60.37 -21.76
CA PHE C 154 -6.31 -59.70 -20.75
C PHE C 154 -4.96 -59.29 -21.33
N PRO C 155 -4.56 -58.03 -21.12
CA PRO C 155 -5.35 -57.03 -20.40
C PRO C 155 -6.01 -56.04 -21.35
N GLU C 156 -6.54 -54.95 -20.79
CA GLU C 156 -7.06 -53.85 -21.58
C GLU C 156 -5.88 -53.07 -22.19
N PRO C 157 -6.13 -52.26 -23.23
CA PRO C 157 -7.40 -51.94 -23.87
C PRO C 157 -7.71 -52.80 -25.10
N VAL C 158 -8.92 -52.63 -25.63
CA VAL C 158 -9.33 -53.26 -26.87
C VAL C 158 -10.06 -52.24 -27.73
N THR C 159 -9.61 -52.05 -28.96
CA THR C 159 -10.22 -51.08 -29.86
C THR C 159 -11.29 -51.71 -30.74
N VAL C 160 -12.53 -51.22 -30.60
CA VAL C 160 -13.65 -51.76 -31.37
C VAL C 160 -14.09 -50.77 -32.45
N SER C 161 -14.25 -51.27 -33.67
CA SER C 161 -14.71 -50.46 -34.78
C SER C 161 -15.78 -51.18 -35.58
N TRP C 162 -16.49 -50.44 -36.42
CA TRP C 162 -17.50 -51.03 -37.29
C TRP C 162 -17.26 -50.63 -38.74
N ASN C 163 -17.11 -51.64 -39.61
CA ASN C 163 -16.78 -51.42 -41.02
C ASN C 163 -15.50 -50.62 -41.21
N SER C 164 -14.45 -51.02 -40.48
CA SER C 164 -13.14 -50.37 -40.53
C SER C 164 -13.19 -48.89 -40.20
N GLY C 165 -14.05 -48.52 -39.25
CA GLY C 165 -14.14 -47.14 -38.79
C GLY C 165 -15.06 -46.27 -39.61
N ALA C 166 -15.72 -46.87 -40.60
CA ALA C 166 -16.65 -46.13 -41.44
C ALA C 166 -17.88 -45.72 -40.65
N LEU C 167 -18.55 -46.70 -40.06
CA LEU C 167 -19.76 -46.46 -39.27
C LEU C 167 -19.41 -45.77 -37.96
N THR C 168 -19.90 -44.55 -37.78
CA THR C 168 -19.62 -43.78 -36.57
C THR C 168 -20.79 -43.77 -35.61
N SER C 169 -21.79 -42.93 -35.88
CA SER C 169 -22.96 -42.83 -35.02
C SER C 169 -23.83 -44.08 -35.09
N GLY C 170 -24.58 -44.34 -34.03
CA GLY C 170 -25.47 -45.48 -33.98
C GLY C 170 -24.93 -46.64 -33.16
N VAL C 171 -23.62 -46.65 -32.96
CA VAL C 171 -22.96 -47.73 -32.23
C VAL C 171 -22.78 -47.38 -30.75
N HIS C 172 -22.55 -48.40 -29.94
CA HIS C 172 -22.32 -48.20 -28.51
C HIS C 172 -21.37 -49.26 -27.95
N THR C 173 -20.19 -48.83 -27.53
CA THR C 173 -19.21 -49.72 -26.91
C THR C 173 -19.25 -49.57 -25.39
N PHE C 174 -19.54 -50.67 -24.70
CA PHE C 174 -19.68 -50.66 -23.26
C PHE C 174 -18.34 -50.86 -22.55
N PRO C 175 -18.22 -50.33 -21.33
CA PRO C 175 -17.03 -50.55 -20.51
C PRO C 175 -16.79 -52.03 -20.26
N ALA C 176 -15.53 -52.41 -20.06
CA ALA C 176 -15.19 -53.81 -19.84
C ALA C 176 -15.42 -54.21 -18.39
N VAL C 177 -16.02 -55.38 -18.20
CA VAL C 177 -16.23 -55.93 -16.86
C VAL C 177 -15.21 -57.01 -16.57
N LEU C 178 -14.74 -57.05 -15.32
CA LEU C 178 -13.75 -58.04 -14.90
C LEU C 178 -14.44 -59.31 -14.41
N GLN C 179 -14.19 -60.42 -15.08
CA GLN C 179 -14.81 -61.69 -14.72
C GLN C 179 -14.15 -62.31 -13.49
N SER C 180 -14.73 -63.40 -13.00
CA SER C 180 -14.25 -64.05 -11.79
C SER C 180 -12.83 -64.59 -11.98
N SER C 181 -12.52 -65.04 -13.18
CA SER C 181 -11.23 -65.63 -13.48
C SER C 181 -10.10 -64.61 -13.41
N GLY C 182 -10.35 -63.42 -13.94
CA GLY C 182 -9.33 -62.40 -14.02
C GLY C 182 -9.24 -61.86 -15.44
N LEU C 183 -10.10 -62.38 -16.31
CA LEU C 183 -10.17 -61.93 -17.69
C LEU C 183 -11.26 -60.87 -17.84
N TYR C 184 -11.17 -60.07 -18.90
CA TYR C 184 -12.15 -59.01 -19.14
C TYR C 184 -13.23 -59.45 -20.12
N SER C 185 -14.34 -58.71 -20.12
CA SER C 185 -15.43 -58.95 -21.06
C SER C 185 -16.02 -57.62 -21.51
N LEU C 186 -16.11 -57.43 -22.82
CA LEU C 186 -16.60 -56.18 -23.37
C LEU C 186 -17.73 -56.42 -24.38
N SER C 187 -18.79 -55.62 -24.27
CA SER C 187 -19.91 -55.70 -25.20
C SER C 187 -19.93 -54.46 -26.09
N SER C 188 -20.15 -54.66 -27.39
CA SER C 188 -20.20 -53.55 -28.33
C SER C 188 -21.31 -53.73 -29.36
N VAL C 189 -22.36 -52.93 -29.25
CA VAL C 189 -23.52 -53.08 -30.11
C VAL C 189 -23.67 -51.97 -31.14
N VAL C 190 -24.68 -52.13 -32.01
CA VAL C 190 -24.98 -51.15 -33.06
C VAL C 190 -26.46 -51.21 -33.41
N THR C 191 -27.08 -50.04 -33.55
CA THR C 191 -28.50 -49.95 -33.87
C THR C 191 -28.74 -49.55 -35.33
N VAL C 192 -29.68 -50.24 -35.97
CA VAL C 192 -30.02 -49.98 -37.36
C VAL C 192 -31.54 -50.04 -37.56
N PRO C 193 -32.06 -49.38 -38.61
CA PRO C 193 -33.49 -49.41 -38.90
C PRO C 193 -34.02 -50.80 -39.26
N SER C 194 -35.24 -50.85 -39.79
CA SER C 194 -35.91 -52.12 -40.09
C SER C 194 -35.29 -52.89 -41.25
N SER C 195 -34.32 -52.27 -41.93
CA SER C 195 -33.63 -52.92 -43.04
C SER C 195 -32.41 -53.69 -42.54
N SER C 196 -32.54 -54.31 -41.38
CA SER C 196 -31.44 -55.04 -40.76
C SER C 196 -31.38 -56.48 -41.23
N LEU C 197 -32.42 -56.93 -41.92
CA LEU C 197 -32.50 -58.32 -42.37
C LEU C 197 -31.42 -58.67 -43.38
N GLY C 198 -31.59 -58.20 -44.62
CA GLY C 198 -30.63 -58.48 -45.68
C GLY C 198 -30.44 -57.32 -46.64
N THR C 199 -30.01 -56.18 -46.11
CA THR C 199 -29.78 -55.00 -46.92
C THR C 199 -28.30 -54.62 -46.96
N LYS C 200 -27.70 -54.46 -45.78
CA LYS C 200 -26.32 -54.04 -45.67
C LYS C 200 -25.50 -55.02 -44.83
N THR C 201 -24.18 -54.96 -44.99
CA THR C 201 -23.28 -55.84 -44.25
C THR C 201 -22.65 -55.11 -43.07
N TYR C 202 -22.84 -55.64 -41.87
CA TYR C 202 -22.28 -55.04 -40.66
C TYR C 202 -21.20 -55.94 -40.07
N THR C 203 -19.94 -55.59 -40.32
CA THR C 203 -18.81 -56.37 -39.83
C THR C 203 -18.00 -55.60 -38.80
N CYS C 204 -17.92 -56.13 -37.59
CA CYS C 204 -17.17 -55.49 -36.52
C CYS C 204 -15.69 -55.88 -36.55
N ASN C 205 -14.82 -54.90 -36.35
CA ASN C 205 -13.38 -55.11 -36.36
C ASN C 205 -12.78 -54.78 -35.00
N VAL C 206 -12.22 -55.80 -34.35
CA VAL C 206 -11.66 -55.62 -33.01
C VAL C 206 -10.15 -55.84 -33.00
N ASP C 207 -9.43 -54.88 -32.41
CA ASP C 207 -7.97 -54.97 -32.33
C ASP C 207 -7.50 -54.99 -30.88
N HIS C 208 -6.60 -55.93 -30.58
CA HIS C 208 -6.06 -56.08 -29.23
C HIS C 208 -4.55 -55.84 -29.26
N LYS C 209 -4.13 -54.70 -28.72
CA LYS C 209 -2.74 -54.26 -28.79
C LYS C 209 -1.70 -55.13 -28.04
N PRO C 210 -1.99 -55.53 -26.78
CA PRO C 210 -1.00 -56.33 -26.07
C PRO C 210 -0.65 -57.66 -26.75
N SER C 211 -1.67 -58.48 -27.03
CA SER C 211 -1.45 -59.79 -27.63
C SER C 211 -1.26 -59.73 -29.14
N ASN C 212 -1.38 -58.52 -29.69
CA ASN C 212 -1.24 -58.29 -31.14
C ASN C 212 -2.20 -59.16 -31.96
N THR C 213 -3.50 -58.93 -31.75
CA THR C 213 -4.52 -59.73 -32.42
C THR C 213 -5.62 -58.86 -33.01
N LYS C 214 -5.96 -59.11 -34.28
CA LYS C 214 -7.01 -58.38 -34.96
C LYS C 214 -8.04 -59.35 -35.56
N VAL C 215 -9.30 -59.22 -35.15
CA VAL C 215 -10.34 -60.13 -35.60
C VAL C 215 -11.57 -59.37 -36.11
N ASP C 216 -12.03 -59.74 -37.31
CA ASP C 216 -13.24 -59.16 -37.88
C ASP C 216 -14.36 -60.20 -37.89
N LYS C 217 -15.60 -59.74 -37.86
CA LYS C 217 -16.74 -60.66 -37.81
C LYS C 217 -18.03 -60.06 -38.34
N ARG C 218 -18.69 -60.79 -39.25
CA ARG C 218 -20.00 -60.38 -39.77
C ARG C 218 -21.12 -60.86 -38.85
N VAL C 219 -22.13 -60.02 -38.68
CA VAL C 219 -23.25 -60.34 -37.80
C VAL C 219 -24.56 -60.54 -38.56
N HIS C 220 -25.16 -61.71 -38.39
CA HIS C 220 -26.47 -62.02 -38.95
C HIS C 220 -27.08 -63.20 -38.21
N HIS C 221 -28.40 -63.27 -38.16
CA HIS C 221 -29.07 -64.32 -37.41
C HIS C 221 -29.26 -65.59 -38.23
N HIS C 222 -28.86 -66.72 -37.65
CA HIS C 222 -29.04 -68.02 -38.28
C HIS C 222 -30.32 -68.66 -37.78
N HIS C 223 -31.08 -69.27 -38.68
CA HIS C 223 -32.40 -69.79 -38.34
C HIS C 223 -32.37 -71.19 -37.74
N HIS C 224 -31.39 -72.00 -38.15
CA HIS C 224 -31.29 -73.36 -37.65
C HIS C 224 -30.09 -73.56 -36.73
N HIS C 225 -30.18 -74.56 -35.86
CA HIS C 225 -29.10 -74.87 -34.93
C HIS C 225 -28.53 -76.26 -35.21
N SER D 2 -45.46 37.47 7.15
CA SER D 2 -46.21 36.43 7.82
C SER D 2 -47.50 36.98 8.42
N VAL D 3 -48.24 36.12 9.11
CA VAL D 3 -49.50 36.53 9.72
C VAL D 3 -49.51 36.28 11.23
N LEU D 4 -49.45 37.36 12.00
CA LEU D 4 -49.51 37.27 13.45
C LEU D 4 -50.71 38.04 13.98
N THR D 5 -51.52 37.38 14.80
CA THR D 5 -52.77 37.97 15.29
C THR D 5 -52.76 38.18 16.80
N GLN D 6 -53.05 39.41 17.22
CA GLN D 6 -53.12 39.75 18.63
C GLN D 6 -54.55 40.17 18.99
N PRO D 7 -54.94 39.98 20.26
CA PRO D 7 -56.27 40.43 20.70
C PRO D 7 -56.38 41.95 20.66
N PRO D 8 -57.51 42.47 20.18
CA PRO D 8 -57.75 43.91 20.03
C PRO D 8 -57.55 44.67 21.34
N SER D 9 -58.41 44.42 22.33
CA SER D 9 -58.32 45.10 23.61
C SER D 9 -58.45 44.15 24.78
N VAL D 10 -57.60 44.32 25.78
CA VAL D 10 -57.65 43.51 26.99
C VAL D 10 -57.57 44.40 28.24
N SER D 11 -58.54 44.24 29.13
CA SER D 11 -58.58 45.02 30.36
C SER D 11 -58.22 44.15 31.57
N VAL D 12 -57.75 44.79 32.63
CA VAL D 12 -57.35 44.07 33.84
C VAL D 12 -57.40 44.97 35.07
N ALA D 13 -57.75 44.38 36.22
CA ALA D 13 -57.77 45.11 37.48
C ALA D 13 -56.33 45.36 37.96
N PRO D 14 -56.09 46.54 38.55
CA PRO D 14 -54.77 46.92 39.05
C PRO D 14 -54.24 45.95 40.11
N GLY D 15 -53.16 45.25 39.79
CA GLY D 15 -52.55 44.32 40.71
C GLY D 15 -52.99 42.88 40.47
N GLN D 16 -53.52 42.62 39.28
CA GLN D 16 -53.99 41.28 38.93
C GLN D 16 -53.13 40.69 37.81
N THR D 17 -53.11 39.37 37.72
CA THR D 17 -52.33 38.68 36.69
C THR D 17 -52.87 38.98 35.30
N ALA D 18 -52.05 39.63 34.48
CA ALA D 18 -52.46 40.00 33.13
C ALA D 18 -51.82 39.09 32.08
N ARG D 19 -52.61 38.71 31.07
CA ARG D 19 -52.14 37.82 30.02
C ARG D 19 -52.43 38.39 28.64
N ILE D 20 -51.42 38.36 27.77
CA ILE D 20 -51.56 38.85 26.40
C ILE D 20 -51.24 37.71 25.41
N SER D 21 -52.04 37.60 24.37
CA SER D 21 -51.87 36.53 23.39
C SER D 21 -51.22 37.00 22.10
N CYS D 22 -50.58 36.07 21.40
CA CYS D 22 -50.02 36.32 20.07
C CYS D 22 -50.07 35.05 19.25
N SER D 23 -51.07 34.95 18.38
CA SER D 23 -51.32 33.73 17.63
C SER D 23 -50.58 33.68 16.30
N GLY D 24 -50.29 32.47 15.85
CA GLY D 24 -49.59 32.25 14.59
C GLY D 24 -49.33 30.78 14.31
N ASP D 25 -49.27 30.43 13.03
CA ASP D 25 -49.01 29.04 12.64
C ASP D 25 -47.62 28.58 13.04
N ASN D 26 -47.58 27.67 14.01
CA ASN D 26 -46.32 27.10 14.50
C ASN D 26 -45.32 28.17 14.95
N ILE D 27 -45.81 29.16 15.67
CA ILE D 27 -44.97 30.27 16.14
C ILE D 27 -44.02 29.81 17.25
N GLY D 28 -44.25 28.60 17.75
CA GLY D 28 -43.40 28.03 18.80
C GLY D 28 -42.02 27.63 18.31
N SER D 29 -41.76 27.84 17.02
CA SER D 29 -40.47 27.49 16.43
C SER D 29 -39.55 28.69 16.34
N TYR D 30 -40.11 29.89 16.55
CA TYR D 30 -39.33 31.12 16.42
C TYR D 30 -39.23 31.89 17.72
N TYR D 31 -38.24 32.77 17.80
CA TYR D 31 -38.07 33.64 18.96
C TYR D 31 -38.94 34.89 18.82
N VAL D 32 -39.87 35.07 19.76
CA VAL D 32 -40.81 36.19 19.71
C VAL D 32 -40.34 37.34 20.58
N HIS D 33 -40.71 38.56 20.20
CA HIS D 33 -40.33 39.75 20.95
C HIS D 33 -41.55 40.62 21.28
N TRP D 34 -41.53 41.24 22.44
CA TRP D 34 -42.63 42.10 22.88
C TRP D 34 -42.17 43.52 23.16
N TYR D 35 -42.81 44.48 22.51
CA TYR D 35 -42.52 45.90 22.64
C TYR D 35 -43.67 46.62 23.34
N GLN D 36 -43.33 47.57 24.20
CA GLN D 36 -44.30 48.42 24.88
C GLN D 36 -44.23 49.84 24.34
N GLN D 37 -45.40 50.44 24.08
CA GLN D 37 -45.45 51.78 23.51
C GLN D 37 -46.50 52.66 24.17
N LYS D 38 -46.06 53.82 24.66
CA LYS D 38 -46.98 54.80 25.24
C LYS D 38 -47.18 55.96 24.26
N PRO D 39 -48.43 56.43 24.13
CA PRO D 39 -48.78 57.53 23.22
C PRO D 39 -47.93 58.78 23.45
N GLY D 40 -47.28 59.26 22.40
CA GLY D 40 -46.40 60.42 22.49
C GLY D 40 -44.96 60.01 22.68
N GLN D 41 -44.73 58.73 22.90
CA GLN D 41 -43.38 58.20 23.12
C GLN D 41 -43.01 57.18 22.05
N ALA D 42 -41.74 56.78 22.06
CA ALA D 42 -41.25 55.75 21.14
C ALA D 42 -41.36 54.38 21.79
N PRO D 43 -41.76 53.37 21.00
CA PRO D 43 -41.90 52.00 21.48
C PRO D 43 -40.60 51.44 22.05
N VAL D 44 -40.68 50.80 23.21
CA VAL D 44 -39.50 50.25 23.87
C VAL D 44 -39.63 48.74 24.06
N LEU D 45 -38.59 48.00 23.71
CA LEU D 45 -38.59 46.55 23.84
C LEU D 45 -38.57 46.13 25.31
N VAL D 46 -39.53 45.29 25.69
CA VAL D 46 -39.59 44.79 27.07
C VAL D 46 -39.30 43.29 27.14
N ILE D 47 -39.50 42.58 26.04
CA ILE D 47 -39.20 41.16 26.02
C ILE D 47 -38.45 40.71 24.76
N TYR D 48 -37.26 40.15 24.94
CA TYR D 48 -36.52 39.54 23.84
C TYR D 48 -36.14 38.12 24.24
N GLU D 49 -35.91 37.27 23.24
CA GLU D 49 -35.64 35.85 23.47
C GLU D 49 -36.77 35.22 24.29
N ASP D 50 -37.99 35.65 24.00
CA ASP D 50 -39.21 35.08 24.58
C ASP D 50 -39.40 35.30 26.08
N SER D 51 -38.34 35.19 26.86
CA SER D 51 -38.46 35.24 28.32
C SER D 51 -37.42 36.11 29.02
N GLU D 52 -36.57 36.78 28.25
CA GLU D 52 -35.50 37.58 28.83
C GLU D 52 -35.88 39.05 29.01
N ARG D 53 -35.49 39.61 30.14
CA ARG D 53 -35.78 41.00 30.46
C ARG D 53 -34.52 41.85 30.28
N PRO D 54 -34.56 42.78 29.31
CA PRO D 54 -33.44 43.67 28.99
C PRO D 54 -33.01 44.56 30.17
N SER D 55 -31.95 45.33 29.97
CA SER D 55 -31.43 46.21 31.01
C SER D 55 -32.40 47.35 31.31
N GLY D 56 -32.92 47.35 32.54
CA GLY D 56 -33.84 48.39 32.97
C GLY D 56 -35.30 47.98 32.84
N ILE D 57 -35.54 46.67 32.74
CA ILE D 57 -36.90 46.15 32.62
C ILE D 57 -37.34 45.44 33.89
N PRO D 58 -38.50 45.85 34.43
CA PRO D 58 -39.08 45.29 35.65
C PRO D 58 -39.27 43.77 35.56
N GLU D 59 -39.25 43.09 36.71
CA GLU D 59 -39.40 41.65 36.75
C GLU D 59 -40.87 41.22 36.67
N ARG D 60 -41.76 42.21 36.63
CA ARG D 60 -43.18 41.94 36.49
C ARG D 60 -43.50 41.39 35.10
N PHE D 61 -42.62 41.69 34.15
CA PHE D 61 -42.80 41.25 32.77
C PHE D 61 -42.12 39.89 32.51
N SER D 62 -42.94 38.86 32.38
CA SER D 62 -42.44 37.54 31.99
C SER D 62 -43.06 37.14 30.67
N GLY D 63 -42.44 36.19 29.98
CA GLY D 63 -42.93 35.78 28.68
C GLY D 63 -42.76 34.30 28.39
N SER D 64 -43.52 33.82 27.41
CA SER D 64 -43.44 32.41 26.99
C SER D 64 -43.93 32.24 25.56
N ASN D 65 -43.55 31.12 24.94
CA ASN D 65 -43.92 30.85 23.56
C ASN D 65 -43.95 29.35 23.26
N SER D 66 -45.14 28.84 22.95
CA SER D 66 -45.29 27.41 22.70
C SER D 66 -46.45 27.11 21.75
N GLY D 67 -46.29 26.07 20.95
CA GLY D 67 -47.31 25.65 20.00
C GLY D 67 -47.65 26.72 18.98
N ASN D 68 -48.88 27.21 19.05
CA ASN D 68 -49.32 28.27 18.15
C ASN D 68 -49.50 29.59 18.90
N THR D 69 -49.15 29.58 20.18
CA THR D 69 -49.42 30.72 21.05
C THR D 69 -48.16 31.30 21.68
N ALA D 70 -47.98 32.61 21.51
CA ALA D 70 -46.93 33.34 22.21
C ALA D 70 -47.59 34.22 23.26
N THR D 71 -47.38 33.88 24.53
CA THR D 71 -48.09 34.55 25.62
C THR D 71 -47.18 35.43 26.47
N LEU D 72 -47.61 36.68 26.68
CA LEU D 72 -46.93 37.59 27.58
C LEU D 72 -47.68 37.64 28.90
N THR D 73 -46.96 37.79 30.00
CA THR D 73 -47.58 37.80 31.33
C THR D 73 -47.06 38.91 32.21
N ILE D 74 -47.97 39.73 32.72
CA ILE D 74 -47.62 40.83 33.62
C ILE D 74 -48.39 40.71 34.93
N SER D 75 -47.71 40.25 35.98
CA SER D 75 -48.33 40.12 37.29
C SER D 75 -48.07 41.37 38.12
N GLY D 76 -49.10 41.83 38.83
CA GLY D 76 -49.00 43.05 39.61
C GLY D 76 -49.07 44.27 38.71
N THR D 77 -50.09 44.29 37.85
CA THR D 77 -50.26 45.38 36.89
C THR D 77 -50.57 46.69 37.58
N GLN D 78 -49.74 47.71 37.31
CA GLN D 78 -49.94 49.03 37.89
C GLN D 78 -50.63 49.97 36.90
N ALA D 79 -50.78 51.22 37.29
CA ALA D 79 -51.42 52.22 36.45
C ALA D 79 -50.47 52.73 35.37
N GLU D 80 -49.17 52.55 35.61
CA GLU D 80 -48.15 52.98 34.66
C GLU D 80 -47.96 51.96 33.56
N ASP D 81 -48.49 50.75 33.76
CA ASP D 81 -48.33 49.67 32.81
C ASP D 81 -49.31 49.77 31.64
N GLU D 82 -50.25 50.70 31.76
CA GLU D 82 -51.27 50.88 30.73
C GLU D 82 -50.69 51.49 29.46
N ALA D 83 -50.54 50.66 28.43
CA ALA D 83 -49.98 51.10 27.15
C ALA D 83 -50.30 50.11 26.03
N ASP D 84 -49.69 50.34 24.87
CA ASP D 84 -49.84 49.44 23.73
C ASP D 84 -48.75 48.38 23.74
N TYR D 85 -49.06 47.20 23.20
CA TYR D 85 -48.09 46.12 23.13
C TYR D 85 -48.06 45.47 21.76
N TYR D 86 -46.85 45.29 21.21
CA TYR D 86 -46.70 44.67 19.89
C TYR D 86 -45.75 43.49 19.91
N CYS D 87 -46.14 42.39 19.27
CA CYS D 87 -45.28 41.22 19.16
C CYS D 87 -44.62 41.15 17.77
N SER D 88 -43.39 40.65 17.73
CA SER D 88 -42.64 40.63 16.48
C SER D 88 -41.68 39.44 16.36
N SER D 89 -41.44 39.00 15.12
CA SER D 89 -40.48 37.92 14.86
C SER D 89 -40.00 37.95 13.41
N TYR D 90 -38.69 37.80 13.21
CA TYR D 90 -38.10 38.00 11.88
C TYR D 90 -38.45 36.95 10.83
N ASP D 91 -38.30 35.67 11.17
CA ASP D 91 -38.71 34.57 10.28
C ASP D 91 -38.01 34.61 8.92
N ASP D 92 -38.80 34.60 7.86
CA ASP D 92 -38.30 34.59 6.48
C ASP D 92 -37.60 35.90 6.13
N PRO D 93 -37.01 35.98 4.91
CA PRO D 93 -36.50 37.23 4.33
C PRO D 93 -37.40 38.47 4.52
N ASN D 94 -38.61 38.28 5.03
CA ASN D 94 -39.45 39.40 5.44
C ASN D 94 -38.74 40.24 6.50
N PHE D 95 -37.92 39.57 7.31
CA PHE D 95 -37.00 40.24 8.23
C PHE D 95 -37.70 41.24 9.14
N GLN D 96 -38.39 40.72 10.16
CA GLN D 96 -39.28 41.46 11.09
C GLN D 96 -40.74 41.46 10.66
N VAL D 97 -41.53 40.65 11.36
CA VAL D 97 -42.98 40.59 11.13
C VAL D 97 -43.69 40.99 12.40
N PHE D 98 -44.62 41.93 12.30
CA PHE D 98 -45.37 42.43 13.44
C PHE D 98 -46.78 41.85 13.50
N GLY D 99 -47.44 42.05 14.64
CA GLY D 99 -48.81 41.58 14.83
C GLY D 99 -49.81 42.71 14.70
N GLY D 100 -51.04 42.46 15.11
CA GLY D 100 -52.10 43.45 15.02
C GLY D 100 -51.98 44.54 16.06
N GLY D 101 -51.51 44.18 17.25
CA GLY D 101 -51.37 45.13 18.33
C GLY D 101 -52.37 44.88 19.44
N THR D 102 -51.96 45.11 20.68
CA THR D 102 -52.82 44.88 21.84
C THR D 102 -52.93 46.13 22.69
N LYS D 103 -54.16 46.47 23.08
CA LYS D 103 -54.40 47.64 23.91
C LYS D 103 -54.76 47.23 25.33
N LEU D 104 -53.92 47.62 26.29
CA LEU D 104 -54.16 47.28 27.69
C LEU D 104 -54.98 48.35 28.39
N THR D 105 -55.97 47.93 29.17
CA THR D 105 -56.82 48.86 29.90
C THR D 105 -56.78 48.59 31.40
N VAL D 106 -56.29 49.59 32.15
CA VAL D 106 -56.24 49.49 33.61
C VAL D 106 -57.41 50.25 34.23
N LEU D 107 -58.20 49.55 35.05
CA LEU D 107 -59.38 50.14 35.67
C LEU D 107 -59.02 51.21 36.72
N GLY D 108 -60.05 51.73 37.39
CA GLY D 108 -59.88 52.78 38.36
C GLY D 108 -58.99 52.41 39.53
N GLN D 109 -58.32 53.36 40.20
CA GLN D 109 -58.36 54.82 39.94
C GLN D 109 -59.72 55.50 40.06
N PRO D 110 -60.11 55.88 41.30
CA PRO D 110 -61.39 56.51 41.62
C PRO D 110 -61.69 57.73 40.75
N LYS D 111 -62.98 58.02 40.59
CA LYS D 111 -63.43 59.13 39.75
C LYS D 111 -63.05 60.48 40.36
N ALA D 112 -62.70 61.43 39.51
CA ALA D 112 -62.29 62.76 39.98
C ALA D 112 -63.13 63.86 39.35
N ALA D 113 -63.06 65.06 39.93
CA ALA D 113 -63.81 66.21 39.43
C ALA D 113 -63.00 66.97 38.39
N PRO D 114 -63.61 67.21 37.21
CA PRO D 114 -62.96 67.90 36.09
C PRO D 114 -62.65 69.36 36.40
N SER D 115 -61.41 69.78 36.15
CA SER D 115 -61.02 71.17 36.30
C SER D 115 -61.20 71.90 34.98
N VAL D 116 -62.24 72.74 34.90
CA VAL D 116 -62.56 73.45 33.67
C VAL D 116 -62.08 74.89 33.71
N THR D 117 -61.25 75.26 32.73
CA THR D 117 -60.74 76.62 32.64
C THR D 117 -61.00 77.18 31.24
N LEU D 118 -61.72 78.29 31.19
CA LEU D 118 -62.09 78.90 29.92
C LEU D 118 -61.28 80.17 29.64
N PHE D 119 -60.42 80.10 28.62
CA PHE D 119 -59.63 81.25 28.21
C PHE D 119 -60.22 81.95 26.99
N PRO D 120 -60.62 83.21 27.16
CA PRO D 120 -61.13 84.07 26.08
C PRO D 120 -60.01 84.42 25.10
N PRO D 121 -60.38 84.88 23.88
CA PRO D 121 -59.38 85.31 22.89
C PRO D 121 -58.52 86.46 23.41
N SER D 122 -57.23 86.44 23.08
CA SER D 122 -56.32 87.50 23.49
C SER D 122 -56.61 88.78 22.72
N SER D 123 -56.07 89.89 23.20
CA SER D 123 -56.26 91.19 22.56
C SER D 123 -55.60 91.22 21.18
N GLU D 124 -54.43 90.59 21.08
CA GLU D 124 -53.70 90.52 19.83
C GLU D 124 -54.46 89.71 18.79
N GLU D 125 -55.29 88.78 19.26
CA GLU D 125 -56.13 87.99 18.38
C GLU D 125 -57.23 88.86 17.79
N LEU D 126 -57.72 89.81 18.59
CA LEU D 126 -58.71 90.77 18.11
C LEU D 126 -58.05 91.79 17.20
N GLN D 127 -56.75 92.01 17.39
CA GLN D 127 -55.98 92.89 16.53
C GLN D 127 -55.90 92.32 15.11
N ALA D 128 -55.96 90.99 15.02
CA ALA D 128 -55.94 90.31 13.73
C ALA D 128 -57.35 90.03 13.25
N ASN D 129 -58.33 90.64 13.91
CA ASN D 129 -59.74 90.52 13.56
C ASN D 129 -60.25 89.08 13.61
N LYS D 130 -59.93 88.37 14.69
CA LYS D 130 -60.40 87.01 14.89
C LYS D 130 -60.71 86.76 16.36
N ALA D 131 -61.54 85.75 16.62
CA ALA D 131 -61.82 85.35 18.00
C ALA D 131 -61.95 83.83 18.10
N THR D 132 -61.54 83.29 19.24
CA THR D 132 -61.64 81.85 19.50
C THR D 132 -61.62 81.55 20.99
N LEU D 133 -62.74 81.06 21.52
CA LEU D 133 -62.82 80.71 22.92
C LEU D 133 -62.21 79.33 23.17
N VAL D 134 -61.38 79.23 24.20
CA VAL D 134 -60.65 78.00 24.46
C VAL D 134 -61.08 77.33 25.76
N CYS D 135 -61.66 76.14 25.66
CA CYS D 135 -62.09 75.39 26.84
C CYS D 135 -61.05 74.31 27.17
N LEU D 136 -60.47 74.41 28.37
CA LEU D 136 -59.40 73.51 28.78
C LEU D 136 -59.77 72.73 30.04
N ILE D 137 -59.96 71.42 29.90
CA ILE D 137 -60.31 70.57 31.04
C ILE D 137 -59.10 69.74 31.47
N SER D 138 -58.99 69.50 32.77
CA SER D 138 -57.87 68.72 33.29
C SER D 138 -58.24 67.87 34.52
N ASP D 139 -57.58 66.72 34.65
CA ASP D 139 -57.76 65.82 35.79
C ASP D 139 -59.21 65.36 36.00
N PHE D 140 -59.63 64.36 35.24
CA PHE D 140 -60.94 63.76 35.43
C PHE D 140 -60.99 62.31 34.97
N TYR D 141 -61.80 61.51 35.65
CA TYR D 141 -61.96 60.09 35.32
C TYR D 141 -63.41 59.67 35.54
N PRO D 142 -63.99 58.95 34.56
CA PRO D 142 -63.39 58.55 33.28
C PRO D 142 -63.29 59.71 32.29
N GLY D 143 -62.77 59.43 31.10
CA GLY D 143 -62.58 60.45 30.09
C GLY D 143 -63.83 60.77 29.29
N ALA D 144 -64.89 60.01 29.51
CA ALA D 144 -66.15 60.22 28.80
C ALA D 144 -66.85 61.49 29.27
N VAL D 145 -66.77 62.54 28.45
CA VAL D 145 -67.40 63.82 28.78
C VAL D 145 -68.22 64.36 27.62
N THR D 146 -69.20 65.19 27.93
CA THR D 146 -70.05 65.81 26.92
C THR D 146 -70.07 67.33 27.09
N VAL D 147 -69.28 68.02 26.27
CA VAL D 147 -69.14 69.48 26.39
C VAL D 147 -70.09 70.21 25.45
N ALA D 148 -70.70 71.27 25.96
CA ALA D 148 -71.63 72.08 25.17
C ALA D 148 -71.35 73.57 25.32
N TRP D 149 -71.57 74.32 24.24
CA TRP D 149 -71.35 75.76 24.25
C TRP D 149 -72.67 76.53 24.17
N LYS D 150 -72.86 77.47 25.08
CA LYS D 150 -74.12 78.21 25.17
C LYS D 150 -73.93 79.70 24.93
N ALA D 151 -74.75 80.26 24.02
CA ALA D 151 -74.80 81.70 23.83
C ALA D 151 -76.04 82.23 24.55
N ASP D 152 -75.83 82.83 25.71
CA ASP D 152 -76.91 83.23 26.61
C ASP D 152 -77.74 82.01 27.04
N SER D 153 -78.86 81.79 26.35
CA SER D 153 -79.72 80.64 26.63
C SER D 153 -79.88 79.76 25.40
N SER D 154 -79.37 80.24 24.27
CA SER D 154 -79.46 79.50 23.01
C SER D 154 -78.17 78.73 22.74
N PRO D 155 -78.28 77.39 22.66
CA PRO D 155 -77.14 76.50 22.39
C PRO D 155 -76.51 76.77 21.03
N VAL D 156 -75.18 76.82 20.97
CA VAL D 156 -74.47 77.04 19.71
C VAL D 156 -73.43 75.95 19.44
N LYS D 157 -73.65 75.20 18.37
CA LYS D 157 -72.74 74.13 17.98
C LYS D 157 -72.02 74.48 16.67
N ALA D 158 -72.27 75.69 16.18
CA ALA D 158 -71.67 76.13 14.92
C ALA D 158 -70.25 76.65 15.14
N GLY D 159 -69.35 76.26 14.24
CA GLY D 159 -67.96 76.69 14.33
C GLY D 159 -67.26 76.11 15.54
N VAL D 160 -67.57 74.86 15.86
CA VAL D 160 -67.00 74.23 17.04
C VAL D 160 -66.01 73.12 16.67
N GLU D 161 -64.79 73.22 17.17
CA GLU D 161 -63.79 72.17 16.99
C GLU D 161 -63.36 71.59 18.33
N THR D 162 -63.26 70.26 18.41
CA THR D 162 -62.95 69.59 19.67
C THR D 162 -62.05 68.38 19.46
N THR D 163 -61.18 68.12 20.42
CA THR D 163 -60.31 66.95 20.39
C THR D 163 -60.93 65.79 21.16
N THR D 164 -60.47 64.58 20.88
CA THR D 164 -60.87 63.41 21.65
C THR D 164 -60.03 63.34 22.93
N PRO D 165 -60.67 63.04 24.07
CA PRO D 165 -60.03 63.01 25.39
C PRO D 165 -58.81 62.09 25.45
N SER D 166 -57.66 62.65 25.84
CA SER D 166 -56.44 61.87 25.99
C SER D 166 -56.03 61.84 27.46
N LYS D 167 -55.10 60.94 27.80
CA LYS D 167 -54.67 60.77 29.18
C LYS D 167 -53.37 61.53 29.47
N GLN D 168 -53.26 62.07 30.68
CA GLN D 168 -52.08 62.82 31.08
C GLN D 168 -50.97 61.90 31.61
N SER D 169 -50.05 62.47 32.36
CA SER D 169 -48.94 61.71 32.93
C SER D 169 -49.34 61.07 34.26
N ASN D 170 -50.34 61.65 34.92
CA ASN D 170 -50.83 61.12 36.18
C ASN D 170 -52.03 60.20 35.96
N ASN D 171 -52.11 59.64 34.76
CA ASN D 171 -53.20 58.72 34.38
C ASN D 171 -54.61 59.29 34.49
N LYS D 172 -54.71 60.61 34.49
CA LYS D 172 -56.01 61.27 34.42
C LYS D 172 -56.20 61.86 33.04
N TYR D 173 -57.44 61.92 32.58
CA TYR D 173 -57.73 62.35 31.21
C TYR D 173 -57.94 63.86 31.07
N ALA D 174 -57.76 64.36 29.86
CA ALA D 174 -57.90 65.78 29.56
C ALA D 174 -58.08 66.01 28.06
N ALA D 175 -58.63 67.17 27.71
CA ALA D 175 -58.83 67.53 26.30
C ALA D 175 -58.99 69.04 26.15
N SER D 176 -58.92 69.51 24.90
CA SER D 176 -59.05 70.93 24.61
C SER D 176 -60.12 71.18 23.55
N SER D 177 -60.82 72.32 23.68
CA SER D 177 -61.87 72.67 22.72
C SER D 177 -61.74 74.13 22.28
N TYR D 178 -62.16 74.39 21.05
CA TYR D 178 -62.06 75.74 20.46
C TYR D 178 -63.35 76.15 19.76
N LEU D 179 -63.81 77.35 20.04
CA LEU D 179 -64.98 77.93 19.37
C LEU D 179 -64.59 79.20 18.64
N SER D 180 -64.50 79.11 17.31
CA SER D 180 -64.06 80.24 16.50
C SER D 180 -65.21 81.18 16.11
N LEU D 181 -65.09 82.44 16.53
CA LEU D 181 -66.08 83.45 16.21
C LEU D 181 -65.42 84.78 15.83
N THR D 182 -66.24 85.80 15.61
CA THR D 182 -65.74 87.13 15.29
C THR D 182 -65.87 88.04 16.51
N PRO D 183 -65.01 89.06 16.61
CA PRO D 183 -65.05 90.03 17.72
C PRO D 183 -66.42 90.69 17.84
N GLU D 184 -67.12 90.83 16.72
CA GLU D 184 -68.45 91.42 16.70
C GLU D 184 -69.44 90.58 17.50
N GLN D 185 -69.44 89.27 17.23
CA GLN D 185 -70.31 88.34 17.95
C GLN D 185 -69.90 88.22 19.41
N TRP D 186 -68.60 88.40 19.66
CA TRP D 186 -68.08 88.37 21.03
C TRP D 186 -68.56 89.58 21.81
N LYS D 187 -68.73 90.70 21.12
CA LYS D 187 -69.23 91.93 21.74
C LYS D 187 -70.73 92.07 21.52
N SER D 188 -71.35 91.00 21.01
CA SER D 188 -72.79 90.98 20.76
C SER D 188 -73.56 90.32 21.90
N HIS D 189 -73.48 89.00 21.98
CA HIS D 189 -74.19 88.24 23.00
C HIS D 189 -73.70 88.58 24.40
N ARG D 190 -74.63 88.65 25.34
CA ARG D 190 -74.31 89.09 26.70
C ARG D 190 -73.37 88.15 27.45
N SER D 191 -73.46 86.85 27.15
CA SER D 191 -72.64 85.86 27.84
C SER D 191 -72.45 84.59 27.04
N TYR D 192 -71.21 84.10 27.01
CA TYR D 192 -70.90 82.80 26.42
C TYR D 192 -70.42 81.84 27.49
N SER D 193 -70.95 80.62 27.47
CA SER D 193 -70.67 79.65 28.53
C SER D 193 -70.20 78.30 28.02
N CYS D 194 -69.18 77.77 28.69
CA CYS D 194 -68.69 76.42 28.42
C CYS D 194 -69.20 75.47 29.51
N GLN D 195 -70.10 74.58 29.13
CA GLN D 195 -70.69 73.64 30.08
C GLN D 195 -70.23 72.21 29.83
N VAL D 196 -69.41 71.68 30.73
CA VAL D 196 -68.87 70.33 30.57
C VAL D 196 -69.64 69.32 31.42
N THR D 197 -70.26 68.36 30.75
CA THR D 197 -71.02 67.31 31.43
C THR D 197 -70.16 66.08 31.70
N HIS D 198 -69.94 65.80 32.99
CA HIS D 198 -69.12 64.67 33.41
C HIS D 198 -69.91 63.72 34.29
N GLU D 199 -70.17 62.52 33.77
CA GLU D 199 -70.95 61.50 34.47
C GLU D 199 -72.35 61.97 34.86
N GLY D 200 -72.86 62.96 34.14
CA GLY D 200 -74.17 63.52 34.42
C GLY D 200 -74.12 64.92 34.98
N SER D 201 -73.18 65.15 35.91
CA SER D 201 -73.02 66.47 36.52
C SER D 201 -72.35 67.43 35.55
N THR D 202 -72.48 68.73 35.81
CA THR D 202 -71.97 69.75 34.90
C THR D 202 -71.10 70.80 35.58
N VAL D 203 -69.90 71.02 35.05
CA VAL D 203 -69.03 72.09 35.50
C VAL D 203 -69.00 73.18 34.43
N GLU D 204 -69.29 74.42 34.83
CA GLU D 204 -69.51 75.49 33.86
C GLU D 204 -68.61 76.72 34.07
N LYS D 205 -68.14 77.28 32.96
CA LYS D 205 -67.46 78.57 32.99
C LYS D 205 -68.18 79.56 32.08
N THR D 206 -67.96 80.86 32.29
CA THR D 206 -68.71 81.88 31.55
C THR D 206 -67.92 83.18 31.38
N VAL D 207 -67.97 83.75 30.19
CA VAL D 207 -67.34 85.04 29.93
C VAL D 207 -68.26 86.00 29.18
N ALA D 208 -68.02 87.29 29.34
CA ALA D 208 -68.89 88.33 28.81
C ALA D 208 -68.10 89.39 28.03
N PRO D 209 -68.77 90.15 27.15
CA PRO D 209 -68.13 91.25 26.42
C PRO D 209 -67.45 92.25 27.35
N THR D 210 -67.99 92.43 28.55
CA THR D 210 -67.39 93.29 29.55
C THR D 210 -66.14 92.64 30.11
N GLU D 211 -64.97 93.07 29.62
CA GLU D 211 -63.71 92.49 30.06
C GLU D 211 -62.62 93.55 30.15
N GLN E 1 -24.01 54.90 26.51
CA GLN E 1 -25.10 54.23 25.84
C GLN E 1 -25.17 54.59 24.36
N VAL E 2 -26.05 53.92 23.62
CA VAL E 2 -26.21 54.16 22.20
C VAL E 2 -27.42 55.08 21.96
N GLN E 3 -27.18 56.19 21.27
CA GLN E 3 -28.23 57.17 20.99
C GLN E 3 -28.40 57.40 19.50
N LEU E 4 -29.65 57.53 19.06
CA LEU E 4 -29.96 57.70 17.65
C LEU E 4 -30.68 59.03 17.42
N GLN E 5 -30.05 59.93 16.67
CA GLN E 5 -30.64 61.22 16.36
C GLN E 5 -31.26 61.23 14.96
N GLN E 6 -32.57 61.36 14.90
CA GLN E 6 -33.31 61.27 13.64
C GLN E 6 -33.84 62.63 13.21
N SER E 7 -33.73 62.93 11.92
CA SER E 7 -34.21 64.20 11.39
C SER E 7 -34.63 64.10 9.93
N GLY E 8 -35.39 65.08 9.47
CA GLY E 8 -35.86 65.12 8.09
C GLY E 8 -37.05 66.04 7.93
N PRO E 9 -37.43 66.33 6.67
CA PRO E 9 -38.57 67.20 6.38
C PRO E 9 -39.88 66.62 6.89
N GLY E 10 -40.67 67.46 7.57
CA GLY E 10 -41.94 67.04 8.10
C GLY E 10 -43.05 67.10 7.05
N LEU E 11 -42.73 67.70 5.92
CA LEU E 11 -43.71 67.86 4.85
C LEU E 11 -43.12 67.51 3.49
N VAL E 12 -43.69 66.51 2.82
CA VAL E 12 -43.25 66.11 1.49
C VAL E 12 -44.41 66.09 0.50
N LYS E 13 -44.30 66.87 -0.56
CA LYS E 13 -45.35 66.93 -1.57
C LYS E 13 -45.48 65.62 -2.33
N PRO E 14 -46.71 65.25 -2.71
CA PRO E 14 -47.02 64.02 -3.46
C PRO E 14 -46.21 63.88 -4.75
N SER E 15 -46.04 62.64 -5.20
CA SER E 15 -45.32 62.32 -6.43
C SER E 15 -43.84 62.76 -6.41
N GLN E 16 -43.35 63.13 -5.23
CA GLN E 16 -41.96 63.52 -5.09
C GLN E 16 -41.19 62.52 -4.23
N THR E 17 -40.06 62.96 -3.70
CA THR E 17 -39.18 62.06 -2.95
C THR E 17 -39.06 62.43 -1.47
N LEU E 18 -39.48 61.52 -0.61
CA LEU E 18 -39.29 61.66 0.83
C LEU E 18 -37.86 61.29 1.21
N SER E 19 -37.23 62.14 2.00
CA SER E 19 -35.88 61.87 2.47
C SER E 19 -35.81 61.95 4.00
N LEU E 20 -35.00 61.09 4.60
CA LEU E 20 -34.80 61.09 6.05
C LEU E 20 -33.36 60.74 6.39
N THR E 21 -32.92 61.16 7.58
CA THR E 21 -31.54 60.93 8.00
C THR E 21 -31.46 60.52 9.47
N CYS E 22 -30.81 59.40 9.74
CA CYS E 22 -30.64 58.93 11.10
C CYS E 22 -29.15 58.78 11.45
N ALA E 23 -28.67 59.62 12.36
CA ALA E 23 -27.28 59.58 12.79
C ALA E 23 -27.12 58.76 14.07
N ILE E 24 -26.08 57.93 14.11
CA ILE E 24 -25.85 57.04 15.24
C ILE E 24 -24.72 57.53 16.13
N SER E 25 -24.83 57.26 17.42
CA SER E 25 -23.78 57.58 18.38
C SER E 25 -23.62 56.45 19.38
N GLY E 26 -22.39 56.01 19.60
CA GLY E 26 -22.12 54.92 20.52
C GLY E 26 -22.04 53.58 19.82
N ASP E 27 -22.05 53.62 18.48
CA ASP E 27 -21.93 52.41 17.67
C ASP E 27 -21.56 52.78 16.25
N SER E 28 -20.97 51.83 15.53
CA SER E 28 -20.54 52.07 14.16
C SER E 28 -21.55 51.52 13.15
N VAL E 29 -21.67 52.21 12.02
CA VAL E 29 -22.63 51.83 10.99
C VAL E 29 -22.18 50.59 10.21
N SER E 30 -20.89 50.51 9.91
CA SER E 30 -20.36 49.41 9.12
C SER E 30 -19.59 48.41 9.98
N SER E 31 -20.31 47.61 10.76
CA SER E 31 -19.71 46.57 11.59
C SER E 31 -20.75 45.55 11.99
N ASN E 32 -20.29 44.34 12.32
CA ASN E 32 -21.19 43.31 12.81
C ASN E 32 -21.58 43.58 14.25
N SER E 33 -22.35 42.66 14.84
CA SER E 33 -22.88 42.83 16.20
C SER E 33 -23.76 44.07 16.30
N ALA E 34 -24.24 44.54 15.16
CA ALA E 34 -25.09 45.73 15.09
C ALA E 34 -25.82 45.80 13.75
N ALA E 35 -27.14 45.72 13.79
CA ALA E 35 -27.95 45.90 12.59
C ALA E 35 -28.77 47.18 12.69
N TRP E 36 -29.26 47.68 11.57
CA TRP E 36 -30.02 48.91 11.58
C TRP E 36 -31.27 48.78 10.72
N GLY E 37 -32.07 49.84 10.66
CA GLY E 37 -33.25 49.81 9.80
C GLY E 37 -34.25 50.95 10.00
N TRP E 38 -35.33 50.90 9.24
CA TRP E 38 -36.41 51.87 9.34
C TRP E 38 -37.76 51.19 9.51
N ILE E 39 -38.58 51.75 10.39
CA ILE E 39 -39.95 51.28 10.60
C ILE E 39 -40.87 52.46 10.89
N ARG E 40 -41.95 52.58 10.11
CA ARG E 40 -42.89 53.69 10.29
C ARG E 40 -44.16 53.23 11.00
N GLN E 41 -44.79 54.16 11.71
CA GLN E 41 -46.06 53.89 12.37
C GLN E 41 -47.12 54.87 11.87
N SER E 42 -47.92 54.43 10.91
CA SER E 42 -48.96 55.25 10.33
C SER E 42 -50.02 55.60 11.39
N PRO E 43 -50.57 56.83 11.33
CA PRO E 43 -51.61 57.28 12.26
C PRO E 43 -52.77 56.29 12.34
N GLY E 44 -53.02 55.76 13.54
CA GLY E 44 -54.05 54.77 13.74
C GLY E 44 -53.48 53.53 14.40
N ARG E 45 -52.32 53.68 15.04
CA ARG E 45 -51.64 52.59 15.73
C ARG E 45 -51.36 51.40 14.81
N GLY E 46 -50.90 51.70 13.60
CA GLY E 46 -50.52 50.67 12.65
C GLY E 46 -49.02 50.56 12.51
N LEU E 47 -48.42 49.61 13.22
CA LEU E 47 -46.97 49.44 13.21
C LEU E 47 -46.52 48.64 11.99
N GLU E 48 -45.78 49.29 11.11
CA GLU E 48 -45.35 48.68 9.86
C GLU E 48 -43.83 48.53 9.82
N TRP E 49 -43.35 47.58 9.03
CA TRP E 49 -41.91 47.38 8.84
C TRP E 49 -41.47 47.85 7.47
N LEU E 50 -40.59 48.84 7.43
CA LEU E 50 -40.07 49.36 6.17
C LEU E 50 -38.90 48.54 5.66
N GLY E 51 -37.81 48.51 6.45
CA GLY E 51 -36.65 47.76 6.01
C GLY E 51 -35.56 47.60 7.07
N ILE E 52 -34.59 46.73 6.79
CA ILE E 52 -33.39 46.64 7.62
C ILE E 52 -32.15 46.71 6.75
N ILE E 53 -31.01 46.96 7.39
CA ILE E 53 -29.73 47.00 6.70
C ILE E 53 -28.62 46.51 7.62
N GLN E 54 -27.65 45.81 7.05
CA GLN E 54 -26.57 45.21 7.83
C GLN E 54 -25.36 44.87 6.96
N LYS E 55 -24.22 44.62 7.60
CA LYS E 55 -22.99 44.32 6.88
C LYS E 55 -22.31 43.04 7.39
N ARG E 56 -21.96 42.16 6.46
CA ARG E 56 -21.16 40.98 6.78
C ARG E 56 -19.86 41.07 6.01
N SER E 57 -19.96 41.02 4.69
CA SER E 57 -18.84 41.33 3.80
C SER E 57 -19.26 42.45 2.86
N LYS E 58 -20.31 42.20 2.07
CA LYS E 58 -20.91 43.24 1.25
C LYS E 58 -21.92 44.01 2.11
N TRP E 59 -22.75 44.81 1.46
CA TRP E 59 -23.85 45.48 2.15
C TRP E 59 -25.16 44.75 1.87
N TYR E 60 -25.82 44.26 2.92
CA TYR E 60 -27.08 43.52 2.77
C TYR E 60 -28.28 44.21 3.41
N ASN E 61 -29.21 44.61 2.55
CA ASN E 61 -30.40 45.32 2.98
C ASN E 61 -31.67 44.65 2.49
N ASN E 62 -32.65 44.58 3.38
CA ASN E 62 -33.92 43.90 3.06
C ASN E 62 -35.13 44.81 3.24
N TYR E 63 -36.03 44.75 2.25
CA TYR E 63 -37.21 45.59 2.23
C TYR E 63 -38.47 44.75 2.19
N ALA E 64 -39.61 45.39 2.43
CA ALA E 64 -40.91 44.71 2.36
C ALA E 64 -41.47 44.80 0.95
N VAL E 65 -42.58 44.10 0.73
CA VAL E 65 -43.28 44.21 -0.54
C VAL E 65 -44.07 45.51 -0.57
N SER E 66 -44.50 45.96 0.60
CA SER E 66 -45.29 47.18 0.74
C SER E 66 -44.53 48.40 0.22
N VAL E 67 -43.25 48.50 0.59
CA VAL E 67 -42.41 49.60 0.13
C VAL E 67 -42.00 49.40 -1.33
N LYS E 68 -42.27 48.21 -1.85
CA LYS E 68 -42.05 47.90 -3.26
C LYS E 68 -40.63 48.23 -3.71
N SER E 69 -40.52 49.03 -4.76
CA SER E 69 -39.24 49.49 -5.25
C SER E 69 -39.08 50.98 -4.97
N ARG E 70 -39.99 51.52 -4.16
CA ARG E 70 -40.00 52.94 -3.89
C ARG E 70 -39.05 53.33 -2.76
N ILE E 71 -38.54 52.33 -2.06
CA ILE E 71 -37.66 52.59 -0.92
C ILE E 71 -36.19 52.32 -1.25
N THR E 72 -35.29 52.96 -0.51
CA THR E 72 -33.85 52.78 -0.70
C THR E 72 -33.10 53.19 0.56
N ILE E 73 -32.52 52.22 1.25
CA ILE E 73 -31.75 52.50 2.46
C ILE E 73 -30.25 52.45 2.18
N ASN E 74 -29.61 53.61 2.16
CA ASN E 74 -28.17 53.70 1.92
C ASN E 74 -27.42 54.21 3.15
N PRO E 75 -26.39 53.46 3.57
CA PRO E 75 -25.58 53.82 4.73
C PRO E 75 -24.40 54.71 4.35
N ASP E 76 -23.94 55.52 5.30
CA ASP E 76 -22.77 56.36 5.06
C ASP E 76 -21.69 56.04 6.09
N THR E 77 -20.72 55.22 5.69
CA THR E 77 -19.63 54.81 6.57
C THR E 77 -18.80 56.02 7.01
N SER E 78 -18.78 57.04 6.18
CA SER E 78 -18.01 58.25 6.44
C SER E 78 -18.49 59.01 7.67
N LYS E 79 -19.76 59.45 7.65
CA LYS E 79 -20.29 60.29 8.71
C LYS E 79 -21.04 59.48 9.77
N ASN E 80 -20.95 58.15 9.68
CA ASN E 80 -21.60 57.25 10.63
C ASN E 80 -23.11 57.49 10.75
N GLN E 81 -23.81 57.34 9.63
CA GLN E 81 -25.25 57.55 9.59
C GLN E 81 -25.92 56.53 8.68
N PHE E 82 -27.24 56.62 8.58
CA PHE E 82 -27.99 55.90 7.55
C PHE E 82 -29.25 56.66 7.16
N SER E 83 -29.50 56.75 5.85
CA SER E 83 -30.57 57.57 5.32
C SER E 83 -31.78 56.76 4.88
N LEU E 84 -32.81 57.46 4.43
CA LEU E 84 -34.02 56.82 3.93
C LEU E 84 -34.57 57.59 2.74
N GLN E 85 -34.81 56.87 1.64
CA GLN E 85 -35.32 57.49 0.42
C GLN E 85 -36.57 56.79 -0.06
N LEU E 86 -37.69 57.52 -0.10
CA LEU E 86 -38.96 56.95 -0.53
C LEU E 86 -39.55 57.75 -1.69
N ASN E 87 -39.42 57.22 -2.90
CA ASN E 87 -39.89 57.90 -4.10
C ASN E 87 -41.40 57.75 -4.33
N SER E 88 -41.99 58.78 -4.95
CA SER E 88 -43.41 58.80 -5.27
C SER E 88 -44.30 58.51 -4.06
N VAL E 89 -44.49 59.52 -3.23
CA VAL E 89 -45.27 59.35 -2.01
C VAL E 89 -46.72 59.82 -2.17
N THR E 90 -47.64 59.01 -1.66
CA THR E 90 -49.05 59.36 -1.60
C THR E 90 -49.42 59.62 -0.15
N PRO E 91 -50.51 60.35 0.12
CA PRO E 91 -50.93 60.69 1.48
C PRO E 91 -50.93 59.53 2.48
N GLU E 92 -50.98 58.29 2.01
CA GLU E 92 -50.93 57.14 2.90
C GLU E 92 -49.51 56.79 3.32
N ASP E 93 -48.53 57.48 2.74
CA ASP E 93 -47.13 57.33 3.15
C ASP E 93 -46.86 58.16 4.40
N THR E 94 -47.82 58.99 4.77
CA THR E 94 -47.73 59.81 5.97
C THR E 94 -47.74 58.93 7.22
N ALA E 95 -46.68 59.02 8.01
CA ALA E 95 -46.54 58.17 9.19
C ALA E 95 -45.53 58.74 10.19
N VAL E 96 -45.50 58.15 11.38
CA VAL E 96 -44.51 58.50 12.39
C VAL E 96 -43.29 57.60 12.22
N TYR E 97 -42.26 58.12 11.56
CA TYR E 97 -41.09 57.32 11.22
C TYR E 97 -40.11 57.13 12.37
N TYR E 98 -39.73 55.88 12.60
CA TYR E 98 -38.75 55.54 13.63
C TYR E 98 -37.57 54.79 13.00
N CYS E 99 -36.36 55.29 13.20
CA CYS E 99 -35.17 54.55 12.80
C CYS E 99 -34.77 53.64 13.96
N ALA E 100 -34.44 52.39 13.64
CA ALA E 100 -34.26 51.37 14.67
C ALA E 100 -32.92 50.64 14.58
N ARG E 101 -32.45 50.18 15.73
CA ARG E 101 -31.24 49.36 15.81
C ARG E 101 -31.59 47.93 16.23
N TYR E 102 -31.26 46.97 15.37
CA TYR E 102 -31.50 45.56 15.67
C TYR E 102 -30.25 44.95 16.31
N SER E 103 -30.46 44.17 17.36
CA SER E 103 -29.36 43.54 18.07
C SER E 103 -29.29 42.05 17.79
N TYR E 104 -28.11 41.57 17.43
CA TYR E 104 -27.87 40.14 17.18
C TYR E 104 -27.89 39.37 18.50
N PRO E 105 -28.13 38.04 18.44
CA PRO E 105 -28.40 37.20 17.26
C PRO E 105 -29.82 37.38 16.74
N PHE E 106 -30.79 36.88 17.49
CA PHE E 106 -32.20 37.05 17.17
C PHE E 106 -32.55 38.53 17.11
N TYR E 107 -33.02 38.97 15.95
CA TYR E 107 -33.19 40.39 15.67
C TYR E 107 -34.23 41.08 16.56
N SER E 108 -33.74 41.69 17.65
CA SER E 108 -34.58 42.47 18.55
C SER E 108 -34.13 43.92 18.53
N ILE E 109 -35.05 44.83 18.80
CA ILE E 109 -34.73 46.25 18.77
C ILE E 109 -34.57 46.83 20.17
N ASP E 110 -33.35 46.81 20.67
CA ASP E 110 -33.05 47.34 21.99
C ASP E 110 -33.01 48.87 21.99
N TYR E 111 -32.76 49.45 20.82
CA TYR E 111 -32.65 50.90 20.71
C TYR E 111 -33.44 51.48 19.55
N TRP E 112 -34.41 52.33 19.89
CA TRP E 112 -35.23 53.03 18.90
C TRP E 112 -34.79 54.48 18.82
N GLY E 113 -35.20 55.16 17.75
CA GLY E 113 -35.01 56.59 17.65
C GLY E 113 -36.20 57.29 18.28
N GLN E 114 -36.04 58.58 18.60
CA GLN E 114 -37.13 59.35 19.19
C GLN E 114 -38.28 59.54 18.21
N GLY E 115 -37.99 59.35 16.92
CA GLY E 115 -39.01 59.36 15.90
C GLY E 115 -39.31 60.74 15.34
N THR E 116 -39.38 60.82 14.01
CA THR E 116 -39.75 62.08 13.36
C THR E 116 -41.05 61.90 12.57
N LEU E 117 -41.83 62.97 12.46
CA LEU E 117 -43.12 62.90 11.80
C LEU E 117 -43.11 63.58 10.44
N VAL E 118 -43.57 62.86 9.42
CA VAL E 118 -43.64 63.40 8.07
C VAL E 118 -45.11 63.51 7.65
N THR E 119 -45.39 64.39 6.71
CA THR E 119 -46.76 64.59 6.22
C THR E 119 -46.78 64.88 4.72
N VAL E 120 -47.69 64.24 4.01
CA VAL E 120 -47.87 64.48 2.58
C VAL E 120 -49.14 65.28 2.35
N SER E 121 -49.00 66.51 1.87
CA SER E 121 -50.14 67.41 1.75
C SER E 121 -50.11 68.36 0.56
N SER E 122 -48.91 68.60 0.02
CA SER E 122 -48.69 69.57 -1.04
C SER E 122 -49.09 70.99 -0.62
N ALA E 123 -48.89 71.31 0.65
CA ALA E 123 -49.19 72.64 1.15
C ALA E 123 -48.00 73.58 0.99
N SER E 124 -47.88 74.56 1.89
CA SER E 124 -46.79 75.52 1.82
C SER E 124 -46.17 75.78 3.20
N THR E 125 -46.63 75.02 4.19
CA THR E 125 -46.14 75.12 5.56
C THR E 125 -46.35 76.51 6.17
N LYS E 126 -47.46 76.68 6.89
CA LYS E 126 -47.74 77.94 7.56
C LYS E 126 -47.09 77.99 8.95
N GLY E 127 -46.66 79.19 9.34
CA GLY E 127 -46.05 79.39 10.64
C GLY E 127 -47.09 79.65 11.72
N PRO E 128 -46.82 79.15 12.94
CA PRO E 128 -47.73 79.29 14.08
C PRO E 128 -47.88 80.73 14.54
N SER E 129 -48.95 81.00 15.30
CA SER E 129 -49.16 82.31 15.90
C SER E 129 -49.37 82.17 17.41
N VAL E 130 -48.30 82.37 18.17
CA VAL E 130 -48.34 82.15 19.61
C VAL E 130 -48.64 83.42 20.40
N PHE E 131 -49.63 83.33 21.28
CA PHE E 131 -50.00 84.45 22.15
C PHE E 131 -50.10 83.99 23.60
N PRO E 132 -49.58 84.79 24.53
CA PRO E 132 -49.61 84.46 25.96
C PRO E 132 -51.02 84.53 26.55
N LEU E 133 -51.29 83.71 27.57
CA LEU E 133 -52.60 83.70 28.21
C LEU E 133 -52.50 83.75 29.74
N ALA E 134 -53.10 84.80 30.31
CA ALA E 134 -53.13 85.02 31.75
C ALA E 134 -54.36 85.86 32.08
N PRO E 135 -54.93 85.68 33.29
CA PRO E 135 -56.12 86.42 33.69
C PRO E 135 -55.91 87.93 33.72
N CYS E 136 -56.84 88.67 33.13
CA CYS E 136 -56.74 90.13 33.07
C CYS E 136 -56.79 90.77 34.45
N SER E 137 -57.78 90.37 35.24
CA SER E 137 -57.93 90.88 36.60
C SER E 137 -57.79 89.76 37.62
N ARG E 138 -56.57 89.54 38.09
CA ARG E 138 -56.31 88.48 39.06
C ARG E 138 -56.07 89.02 40.46
N SER E 139 -57.04 88.76 41.35
CA SER E 139 -56.92 89.14 42.75
C SER E 139 -57.70 88.13 43.59
N THR E 140 -57.07 87.00 43.87
CA THR E 140 -57.75 85.89 44.54
C THR E 140 -57.01 85.43 45.79
N SER E 141 -57.63 84.51 46.51
CA SER E 141 -57.01 83.90 47.69
C SER E 141 -56.54 82.49 47.34
N GLU E 142 -56.66 82.13 46.07
CA GLU E 142 -56.24 80.81 45.58
C GLU E 142 -54.74 80.61 45.74
N SER E 143 -54.35 79.40 46.11
CA SER E 143 -52.95 79.04 46.24
C SER E 143 -52.37 78.62 44.90
N THR E 144 -53.20 78.66 43.87
CA THR E 144 -52.79 78.28 42.53
C THR E 144 -53.20 79.32 41.48
N ALA E 145 -52.34 79.53 40.49
CA ALA E 145 -52.60 80.47 39.41
C ALA E 145 -52.07 79.92 38.10
N ALA E 146 -52.96 79.54 37.21
CA ALA E 146 -52.57 78.89 35.95
C ALA E 146 -52.39 79.88 34.81
N LEU E 147 -51.18 79.95 34.28
CA LEU E 147 -50.89 80.76 33.10
C LEU E 147 -50.40 79.86 31.97
N GLY E 148 -50.64 80.26 30.73
CA GLY E 148 -50.29 79.41 29.60
C GLY E 148 -49.94 80.11 28.30
N CYS E 149 -49.78 79.32 27.25
CA CYS E 149 -49.49 79.83 25.93
C CYS E 149 -50.43 79.21 24.90
N LEU E 150 -50.89 80.02 23.96
CA LEU E 150 -51.84 79.57 22.94
C LEU E 150 -51.26 79.66 21.54
N VAL E 151 -51.18 78.51 20.87
CA VAL E 151 -50.69 78.46 19.49
C VAL E 151 -51.88 78.51 18.53
N LYS E 152 -51.77 79.33 17.50
CA LYS E 152 -52.89 79.54 16.58
C LYS E 152 -52.50 79.32 15.11
N ASP E 153 -53.22 78.41 14.46
CA ASP E 153 -53.13 78.22 13.00
C ASP E 153 -51.74 77.89 12.49
N TYR E 154 -51.41 76.60 12.46
CA TYR E 154 -50.11 76.15 11.93
C TYR E 154 -50.23 74.85 11.17
N PHE E 155 -49.26 74.58 10.31
CA PHE E 155 -49.25 73.37 9.49
C PHE E 155 -47.87 73.13 8.91
N PRO E 156 -47.41 71.87 8.93
CA PRO E 156 -48.11 70.72 9.52
C PRO E 156 -47.73 70.51 10.98
N GLU E 157 -48.12 69.36 11.52
CA GLU E 157 -47.78 68.99 12.89
C GLU E 157 -46.37 68.39 12.95
N PRO E 158 -45.75 68.38 14.14
CA PRO E 158 -46.23 68.93 15.41
C PRO E 158 -45.46 70.18 15.83
N VAL E 159 -45.71 70.62 17.06
CA VAL E 159 -44.97 71.73 17.65
C VAL E 159 -44.61 71.39 19.09
N THR E 160 -43.38 71.73 19.49
CA THR E 160 -42.93 71.44 20.84
C THR E 160 -42.93 72.68 21.72
N VAL E 161 -43.58 72.57 22.88
CA VAL E 161 -43.71 73.69 23.81
C VAL E 161 -42.89 73.45 25.07
N SER E 162 -42.08 74.45 25.44
CA SER E 162 -41.27 74.37 26.65
C SER E 162 -41.58 75.54 27.59
N TRP E 163 -41.05 75.46 28.80
CA TRP E 163 -41.21 76.54 29.77
C TRP E 163 -39.86 76.88 30.41
N ASN E 164 -39.48 78.16 30.31
CA ASN E 164 -38.19 78.64 30.79
C ASN E 164 -37.03 77.88 30.15
N SER E 165 -37.23 77.47 28.90
CA SER E 165 -36.22 76.75 28.13
C SER E 165 -35.76 75.44 28.81
N GLY E 166 -36.67 74.81 29.56
CA GLY E 166 -36.38 73.53 30.18
C GLY E 166 -36.28 73.56 31.68
N ALA E 167 -36.30 74.75 32.26
CA ALA E 167 -36.19 74.90 33.71
C ALA E 167 -37.45 74.41 34.42
N LEU E 168 -38.60 74.92 33.99
CA LEU E 168 -39.88 74.54 34.58
C LEU E 168 -40.35 73.20 34.03
N THR E 169 -40.47 72.21 34.91
CA THR E 169 -40.84 70.86 34.51
C THR E 169 -42.19 70.43 35.08
N SER E 170 -42.22 70.12 36.37
CA SER E 170 -43.43 69.64 37.03
C SER E 170 -44.51 70.72 37.07
N GLY E 171 -45.74 70.33 36.72
CA GLY E 171 -46.86 71.25 36.70
C GLY E 171 -47.20 71.72 35.30
N VAL E 172 -46.37 71.34 34.34
CA VAL E 172 -46.56 71.73 32.95
C VAL E 172 -47.41 70.71 32.20
N HIS E 173 -48.45 71.19 31.50
CA HIS E 173 -49.27 70.31 30.68
C HIS E 173 -49.61 70.94 29.33
N THR E 174 -49.32 70.21 28.26
CA THR E 174 -49.62 70.67 26.91
C THR E 174 -50.79 69.89 26.32
N PHE E 175 -51.83 70.61 25.92
CA PHE E 175 -53.03 69.99 25.37
C PHE E 175 -52.84 69.55 23.92
N PRO E 176 -53.49 68.43 23.54
CA PRO E 176 -53.44 67.92 22.17
C PRO E 176 -53.94 68.94 21.15
N ALA E 177 -53.34 68.94 19.96
CA ALA E 177 -53.72 69.89 18.92
C ALA E 177 -55.03 69.50 18.25
N VAL E 178 -55.81 70.50 17.87
CA VAL E 178 -57.06 70.27 17.14
C VAL E 178 -56.94 70.78 15.72
N LEU E 179 -57.78 70.27 14.83
CA LEU E 179 -57.79 70.70 13.44
C LEU E 179 -58.99 71.60 13.16
N GLN E 180 -58.72 72.87 12.86
CA GLN E 180 -59.78 73.81 12.54
C GLN E 180 -60.44 73.48 11.21
N SER E 181 -61.59 74.09 10.95
CA SER E 181 -62.29 73.89 9.70
C SER E 181 -61.58 74.59 8.54
N SER E 182 -60.63 75.45 8.88
CA SER E 182 -59.83 76.15 7.88
C SER E 182 -58.69 75.28 7.39
N GLY E 183 -58.51 74.13 8.01
CA GLY E 183 -57.49 73.17 7.63
C GLY E 183 -56.17 73.36 8.36
N LEU E 184 -56.20 74.15 9.42
CA LEU E 184 -55.00 74.42 10.21
C LEU E 184 -55.12 73.89 11.63
N TYR E 185 -54.00 73.81 12.33
CA TYR E 185 -53.97 73.24 13.68
C TYR E 185 -53.93 74.31 14.77
N SER E 186 -54.50 73.99 15.91
CA SER E 186 -54.49 74.87 17.08
C SER E 186 -54.06 74.09 18.32
N LEU E 187 -53.20 74.71 19.14
CA LEU E 187 -52.67 74.03 20.31
C LEU E 187 -52.55 74.96 21.52
N SER E 188 -52.76 74.41 22.71
CA SER E 188 -52.63 75.16 23.94
C SER E 188 -51.73 74.44 24.93
N SER E 189 -50.96 75.19 25.71
CA SER E 189 -50.07 74.60 26.71
C SER E 189 -50.01 75.44 27.98
N VAL E 190 -50.57 74.92 29.06
CA VAL E 190 -50.66 75.68 30.30
C VAL E 190 -49.82 75.11 31.45
N VAL E 191 -49.64 75.92 32.49
CA VAL E 191 -48.91 75.51 33.67
C VAL E 191 -49.41 76.26 34.90
N THR E 192 -49.47 75.58 36.04
CA THR E 192 -49.93 76.18 37.29
C THR E 192 -48.76 76.64 38.15
N VAL E 193 -48.77 77.91 38.53
CA VAL E 193 -47.72 78.48 39.36
C VAL E 193 -48.32 79.21 40.57
N PRO E 194 -47.57 79.25 41.69
CA PRO E 194 -48.02 79.90 42.92
C PRO E 194 -48.48 81.35 42.71
N SER E 195 -49.47 81.78 43.50
CA SER E 195 -50.02 83.12 43.37
C SER E 195 -49.20 84.15 44.14
N SER E 196 -48.33 83.67 45.03
CA SER E 196 -47.49 84.56 45.83
C SER E 196 -46.25 84.99 45.06
N SER E 197 -45.87 84.20 44.06
CA SER E 197 -44.70 84.50 43.24
C SER E 197 -45.09 84.81 41.81
N LEU E 198 -46.21 85.51 41.64
CA LEU E 198 -46.69 85.88 40.31
C LEU E 198 -45.81 86.91 39.64
N GLY E 199 -45.60 88.04 40.32
CA GLY E 199 -44.81 89.13 39.76
C GLY E 199 -43.36 89.10 40.20
N THR E 200 -42.99 88.09 40.98
CA THR E 200 -41.63 87.98 41.49
C THR E 200 -40.89 86.80 40.88
N LYS E 201 -41.51 86.15 39.90
CA LYS E 201 -40.88 85.01 39.23
C LYS E 201 -41.16 85.04 37.73
N THR E 202 -40.12 84.76 36.94
CA THR E 202 -40.20 84.85 35.48
C THR E 202 -40.69 83.55 34.86
N TYR E 203 -41.66 83.66 33.95
CA TYR E 203 -42.16 82.51 33.22
C TYR E 203 -42.22 82.79 31.72
N THR E 204 -41.35 82.14 30.96
CA THR E 204 -41.32 82.29 29.50
C THR E 204 -41.55 80.95 28.81
N CYS E 205 -42.32 80.97 27.73
CA CYS E 205 -42.64 79.74 27.01
C CYS E 205 -41.96 79.67 25.65
N ASN E 206 -41.43 78.49 25.33
CA ASN E 206 -40.75 78.25 24.06
C ASN E 206 -41.65 77.47 23.11
N VAL E 207 -41.55 77.78 21.81
CA VAL E 207 -42.33 77.08 20.79
C VAL E 207 -41.47 76.74 19.58
N ASP E 208 -41.38 75.45 19.25
CA ASP E 208 -40.59 75.01 18.11
C ASP E 208 -41.44 74.28 17.06
N HIS E 209 -41.33 74.73 15.81
CA HIS E 209 -42.04 74.12 14.69
C HIS E 209 -41.04 73.73 13.61
N LYS E 210 -41.01 72.45 13.26
CA LYS E 210 -39.96 71.91 12.39
C LYS E 210 -39.99 72.37 10.92
N PRO E 211 -41.07 72.08 10.18
CA PRO E 211 -40.99 72.33 8.74
C PRO E 211 -41.08 73.81 8.36
N SER E 212 -41.35 74.66 9.33
CA SER E 212 -41.50 76.09 9.06
C SER E 212 -40.25 76.89 9.43
N ASN E 213 -39.27 76.19 10.00
CA ASN E 213 -38.05 76.83 10.50
C ASN E 213 -38.37 77.97 11.46
N THR E 214 -39.27 77.72 12.40
CA THR E 214 -39.76 78.75 13.31
C THR E 214 -39.58 78.38 14.78
N LYS E 215 -38.88 79.23 15.51
CA LYS E 215 -38.71 79.07 16.95
C LYS E 215 -39.09 80.36 17.65
N VAL E 216 -40.26 80.38 18.29
CA VAL E 216 -40.75 81.58 18.94
C VAL E 216 -40.85 81.44 20.46
N ASP E 217 -40.13 82.30 21.16
CA ASP E 217 -40.17 82.34 22.62
C ASP E 217 -40.94 83.59 23.08
N LYS E 218 -41.91 83.40 23.97
CA LYS E 218 -42.74 84.51 24.42
C LYS E 218 -42.86 84.57 25.95
N ARG E 219 -42.73 85.77 26.50
CA ARG E 219 -42.90 85.98 27.93
C ARG E 219 -44.33 86.41 28.26
N VAL E 220 -44.90 85.81 29.29
CA VAL E 220 -46.25 86.15 29.73
C VAL E 220 -46.21 87.28 30.75
N HIS E 221 -46.79 88.42 30.40
CA HIS E 221 -46.84 89.57 31.29
C HIS E 221 -47.90 89.37 32.37
N HIS E 222 -47.44 89.28 33.63
CA HIS E 222 -48.34 89.09 34.75
C HIS E 222 -49.23 90.30 34.99
N HIS E 223 -50.53 90.04 35.11
CA HIS E 223 -51.49 91.11 35.37
C HIS E 223 -51.74 91.28 36.87
N HIS E 224 -51.48 92.49 37.35
CA HIS E 224 -51.68 92.82 38.75
C HIS E 224 -53.16 92.86 39.13
N ASP F 1 37.03 -26.92 -19.11
CA ASP F 1 38.31 -26.34 -18.73
C ASP F 1 38.63 -25.12 -19.60
N ILE F 2 38.56 -23.93 -19.01
CA ILE F 2 38.85 -22.70 -19.72
C ILE F 2 40.31 -22.28 -19.54
N GLN F 3 41.01 -22.08 -20.65
CA GLN F 3 42.43 -21.77 -20.62
C GLN F 3 42.69 -20.26 -20.68
N MET F 4 43.91 -19.87 -20.34
CA MET F 4 44.29 -18.46 -20.37
C MET F 4 45.56 -18.23 -21.21
N THR F 5 45.40 -17.52 -22.33
CA THR F 5 46.51 -17.25 -23.24
C THR F 5 47.06 -15.84 -23.04
N GLN F 6 48.19 -15.73 -22.37
CA GLN F 6 48.75 -14.42 -22.04
C GLN F 6 49.77 -13.93 -23.06
N SER F 7 49.68 -12.65 -23.39
CA SER F 7 50.58 -11.99 -24.33
C SER F 7 51.12 -10.72 -23.70
N PRO F 8 52.38 -10.37 -24.00
CA PRO F 8 53.32 -11.06 -24.89
C PRO F 8 54.26 -11.98 -24.13
N ALA F 9 55.36 -12.34 -24.78
CA ALA F 9 56.40 -13.15 -24.14
C ALA F 9 57.01 -12.39 -22.97
N SER F 10 57.92 -11.47 -23.29
CA SER F 10 58.51 -10.60 -22.28
C SER F 10 58.29 -9.14 -22.66
N LEU F 11 58.54 -8.24 -21.72
CA LEU F 11 58.30 -6.81 -21.97
C LEU F 11 59.37 -5.92 -21.32
N SER F 12 59.87 -4.97 -22.10
CA SER F 12 60.84 -4.01 -21.63
C SER F 12 60.41 -2.59 -22.01
N ALA F 13 60.16 -1.75 -21.00
CA ALA F 13 59.74 -0.38 -21.24
C ALA F 13 60.29 0.57 -20.17
N SER F 14 60.79 1.71 -20.62
CA SER F 14 61.41 2.69 -19.73
C SER F 14 60.40 3.40 -18.83
N VAL F 15 60.91 4.22 -17.92
CA VAL F 15 60.10 4.91 -16.93
C VAL F 15 59.17 5.94 -17.56
N GLY F 16 57.95 6.04 -17.05
CA GLY F 16 57.00 7.03 -17.51
C GLY F 16 56.15 6.57 -18.67
N GLU F 17 56.50 5.43 -19.26
CA GLU F 17 55.75 4.88 -20.38
C GLU F 17 54.53 4.11 -19.91
N THR F 18 53.64 3.81 -20.86
CA THR F 18 52.42 3.07 -20.56
C THR F 18 52.50 1.65 -21.13
N VAL F 19 52.29 0.65 -20.27
CA VAL F 19 52.36 -0.74 -20.73
C VAL F 19 51.02 -1.46 -20.64
N THR F 20 50.82 -2.42 -21.53
CA THR F 20 49.55 -3.15 -21.60
C THR F 20 49.77 -4.64 -21.82
N ILE F 21 49.37 -5.45 -20.83
CA ILE F 21 49.43 -6.90 -20.94
C ILE F 21 48.08 -7.42 -21.38
N THR F 22 48.07 -8.55 -22.08
CA THR F 22 46.83 -9.07 -22.67
C THR F 22 46.55 -10.50 -22.24
N CYS F 23 45.27 -10.80 -22.01
CA CYS F 23 44.84 -12.16 -21.66
C CYS F 23 43.66 -12.59 -22.50
N ARG F 24 43.81 -13.74 -23.17
CA ARG F 24 42.79 -14.30 -24.04
C ARG F 24 42.16 -15.52 -23.40
N ALA F 25 40.88 -15.41 -23.06
CA ALA F 25 40.15 -16.54 -22.47
C ALA F 25 39.67 -17.48 -23.57
N SER F 26 39.85 -18.78 -23.35
CA SER F 26 39.40 -19.78 -24.31
C SER F 26 37.87 -19.83 -24.35
N GLY F 27 37.25 -19.57 -23.21
CA GLY F 27 35.80 -19.53 -23.12
C GLY F 27 35.31 -18.35 -22.32
N ASN F 28 33.99 -18.25 -22.16
CA ASN F 28 33.40 -17.16 -21.40
C ASN F 28 33.65 -17.29 -19.90
N ILE F 29 34.30 -16.29 -19.32
CA ILE F 29 34.57 -16.26 -17.88
C ILE F 29 34.00 -14.99 -17.27
N HIS F 30 33.22 -14.27 -18.07
CA HIS F 30 32.66 -12.99 -17.67
C HIS F 30 33.75 -11.99 -17.26
N ASN F 31 33.55 -11.32 -16.14
CA ASN F 31 34.50 -10.30 -15.71
C ASN F 31 35.46 -10.81 -14.64
N TYR F 32 35.28 -12.06 -14.23
CA TYR F 32 36.06 -12.64 -13.15
C TYR F 32 37.52 -12.88 -13.55
N LEU F 33 38.31 -11.79 -13.55
CA LEU F 33 39.71 -11.85 -13.94
C LEU F 33 40.58 -11.25 -12.83
N ALA F 34 41.68 -11.93 -12.52
CA ALA F 34 42.62 -11.47 -11.51
C ALA F 34 44.01 -11.25 -12.10
N TRP F 35 44.58 -10.08 -11.80
CA TRP F 35 45.95 -9.75 -12.21
C TRP F 35 46.85 -9.64 -10.99
N TYR F 36 47.90 -10.45 -10.98
CA TYR F 36 48.87 -10.47 -9.90
C TYR F 36 50.24 -9.97 -10.34
N GLN F 37 50.90 -9.24 -9.45
CA GLN F 37 52.31 -8.90 -9.62
C GLN F 37 53.13 -9.75 -8.66
N GLN F 38 54.27 -10.25 -9.12
CA GLN F 38 55.13 -11.06 -8.30
C GLN F 38 56.61 -10.77 -8.55
N LYS F 39 57.29 -10.31 -7.50
CA LYS F 39 58.74 -10.17 -7.56
C LYS F 39 59.34 -11.50 -7.13
N GLN F 40 60.51 -11.83 -7.70
CA GLN F 40 61.11 -13.15 -7.53
C GLN F 40 61.35 -13.52 -6.07
N GLY F 41 60.73 -14.62 -5.64
CA GLY F 41 60.90 -15.12 -4.29
C GLY F 41 59.66 -15.03 -3.43
N LYS F 42 59.04 -13.87 -3.39
CA LYS F 42 57.87 -13.63 -2.55
C LYS F 42 56.60 -14.15 -3.19
N SER F 43 55.59 -14.39 -2.35
CA SER F 43 54.28 -14.83 -2.83
C SER F 43 53.61 -13.73 -3.66
N PRO F 44 52.85 -14.14 -4.69
CA PRO F 44 52.19 -13.21 -5.62
C PRO F 44 51.27 -12.21 -4.93
N GLN F 45 51.41 -10.94 -5.28
CA GLN F 45 50.56 -9.89 -4.73
C GLN F 45 49.43 -9.55 -5.71
N LEU F 46 48.20 -9.56 -5.21
CA LEU F 46 47.03 -9.26 -6.04
C LEU F 46 46.99 -7.78 -6.42
N LEU F 47 46.82 -7.51 -7.71
CA LEU F 47 46.74 -6.14 -8.20
C LEU F 47 45.31 -5.79 -8.61
N VAL F 48 44.74 -6.59 -9.51
CA VAL F 48 43.40 -6.30 -10.01
C VAL F 48 42.47 -7.50 -9.82
N TYR F 49 41.23 -7.25 -9.46
CA TYR F 49 40.23 -8.32 -9.42
C TYR F 49 38.92 -7.88 -10.08
N ASN F 50 38.18 -8.86 -10.58
CA ASN F 50 36.98 -8.60 -11.38
C ASN F 50 37.27 -7.72 -12.59
N ALA F 51 38.49 -7.83 -13.09
CA ALA F 51 38.95 -7.16 -14.31
C ALA F 51 39.03 -5.63 -14.25
N LYS F 52 38.14 -5.00 -13.49
CA LYS F 52 38.09 -3.54 -13.46
C LYS F 52 38.38 -2.94 -12.09
N THR F 53 38.25 -3.75 -11.04
CA THR F 53 38.40 -3.26 -9.68
C THR F 53 39.82 -3.43 -9.15
N LEU F 54 40.36 -2.37 -8.56
CA LEU F 54 41.70 -2.41 -7.98
C LEU F 54 41.69 -2.97 -6.56
N ALA F 55 42.76 -3.66 -6.20
CA ALA F 55 42.91 -4.18 -4.85
C ALA F 55 43.16 -3.05 -3.87
N ASP F 56 42.85 -3.29 -2.60
CA ASP F 56 42.97 -2.27 -1.56
C ASP F 56 44.44 -1.99 -1.24
N GLY F 57 44.93 -0.84 -1.70
CA GLY F 57 46.31 -0.46 -1.46
C GLY F 57 47.12 -0.33 -2.74
N VAL F 58 46.54 -0.84 -3.84
CA VAL F 58 47.21 -0.81 -5.14
C VAL F 58 47.13 0.58 -5.77
N PRO F 59 48.29 1.12 -6.19
CA PRO F 59 48.42 2.44 -6.82
C PRO F 59 47.50 2.63 -8.02
N SER F 60 47.21 3.89 -8.33
CA SER F 60 46.22 4.23 -9.36
C SER F 60 46.68 3.96 -10.78
N ARG F 61 47.99 3.83 -10.97
CA ARG F 61 48.55 3.61 -12.30
C ARG F 61 48.12 2.28 -12.90
N PHE F 62 47.86 1.30 -12.04
CA PHE F 62 47.34 0.01 -12.47
C PHE F 62 45.84 0.11 -12.76
N SER F 63 45.43 -0.33 -13.94
CA SER F 63 44.02 -0.27 -14.31
C SER F 63 43.67 -1.32 -15.36
N GLY F 64 42.57 -2.04 -15.14
CA GLY F 64 42.19 -3.13 -16.03
C GLY F 64 41.07 -2.77 -17.01
N SER F 65 41.15 -3.36 -18.21
CA SER F 65 40.13 -3.18 -19.22
C SER F 65 39.58 -4.54 -19.67
N GLU F 66 38.31 -4.55 -20.05
CA GLU F 66 37.61 -5.81 -20.35
C GLU F 66 36.78 -5.72 -21.63
N SER F 67 36.89 -6.73 -22.48
CA SER F 67 36.08 -6.81 -23.69
C SER F 67 36.04 -8.21 -24.29
N GLY F 68 34.90 -8.89 -24.13
CA GLY F 68 34.71 -10.21 -24.69
C GLY F 68 35.55 -11.28 -24.01
N THR F 69 36.60 -11.73 -24.72
CA THR F 69 37.54 -12.68 -24.17
C THR F 69 38.90 -12.02 -23.97
N GLN F 70 38.96 -10.73 -24.27
CA GLN F 70 40.19 -9.95 -24.18
C GLN F 70 40.20 -9.14 -22.88
N TYR F 71 41.13 -9.47 -21.99
CA TYR F 71 41.25 -8.78 -20.71
C TYR F 71 42.66 -8.22 -20.53
N SER F 72 42.77 -6.90 -20.42
CA SER F 72 44.08 -6.25 -20.44
C SER F 72 44.45 -5.50 -19.16
N LEU F 73 45.71 -5.58 -18.79
CA LEU F 73 46.23 -4.83 -17.64
C LEU F 73 47.10 -3.67 -18.10
N LYS F 74 46.69 -2.47 -17.73
CA LYS F 74 47.31 -1.25 -18.25
C LYS F 74 47.93 -0.41 -17.13
N ILE F 75 49.24 -0.20 -17.22
CA ILE F 75 49.94 0.66 -16.29
C ILE F 75 50.34 1.97 -16.96
N ASN F 76 49.82 3.08 -16.44
CA ASN F 76 50.16 4.40 -16.96
C ASN F 76 51.31 5.02 -16.19
N SER F 77 52.34 5.46 -16.91
CA SER F 77 53.57 5.99 -16.31
C SER F 77 54.22 4.98 -15.36
N LEU F 78 55.07 4.12 -15.91
CA LEU F 78 55.79 3.13 -15.13
C LEU F 78 56.69 3.80 -14.09
N GLN F 79 56.97 3.07 -13.02
CA GLN F 79 57.94 3.50 -12.02
C GLN F 79 58.94 2.38 -11.79
N PRO F 80 60.19 2.72 -11.44
CA PRO F 80 61.28 1.76 -11.29
C PRO F 80 60.96 0.55 -10.39
N GLU F 81 59.97 0.69 -9.51
CA GLU F 81 59.60 -0.39 -8.61
C GLU F 81 58.42 -1.21 -9.13
N ASP F 82 58.09 -1.05 -10.41
CA ASP F 82 57.01 -1.79 -11.03
C ASP F 82 57.51 -2.98 -11.83
N PHE F 83 58.74 -3.42 -11.54
CA PHE F 83 59.33 -4.55 -12.24
C PHE F 83 58.92 -5.87 -11.59
N GLY F 84 59.17 -6.96 -12.29
CA GLY F 84 58.79 -8.28 -11.82
C GLY F 84 57.95 -9.02 -12.85
N SER F 85 57.35 -10.13 -12.44
CA SER F 85 56.53 -10.93 -13.34
C SER F 85 55.05 -10.68 -13.10
N TYR F 86 54.28 -10.61 -14.19
CA TYR F 86 52.85 -10.35 -14.08
C TYR F 86 52.03 -11.53 -14.61
N TYR F 87 51.11 -12.02 -13.78
CA TYR F 87 50.29 -13.17 -14.14
C TYR F 87 48.80 -12.85 -14.09
N CYS F 88 48.00 -13.65 -14.80
CA CYS F 88 46.55 -13.48 -14.81
C CYS F 88 45.85 -14.77 -14.44
N GLN F 89 44.55 -14.68 -14.15
CA GLN F 89 43.80 -15.85 -13.71
C GLN F 89 42.29 -15.63 -13.86
N HIS F 90 41.53 -16.70 -14.04
CA HIS F 90 40.08 -16.62 -14.01
C HIS F 90 39.52 -17.28 -12.75
N PHE F 91 38.33 -16.85 -12.34
CA PHE F 91 37.69 -17.42 -11.16
C PHE F 91 36.28 -17.92 -11.48
N TRP F 92 35.99 -18.07 -12.75
CA TRP F 92 34.68 -18.55 -13.18
C TRP F 92 34.48 -20.01 -12.80
N SER F 93 34.95 -20.91 -13.64
CA SER F 93 34.73 -22.33 -13.42
C SER F 93 35.99 -23.07 -13.02
N THR F 94 35.87 -23.94 -12.02
CA THR F 94 36.97 -24.81 -11.62
C THR F 94 37.22 -25.85 -12.71
N PRO F 95 38.49 -26.23 -12.91
CA PRO F 95 39.68 -25.76 -12.20
C PRO F 95 40.16 -24.39 -12.71
N PHE F 96 40.74 -23.60 -11.81
CA PHE F 96 41.25 -22.28 -12.18
C PHE F 96 42.52 -22.40 -13.00
N THR F 97 42.61 -21.60 -14.06
CA THR F 97 43.79 -21.59 -14.90
C THR F 97 44.47 -20.22 -14.88
N PHE F 98 45.79 -20.22 -14.81
CA PHE F 98 46.56 -18.99 -14.82
C PHE F 98 47.08 -18.68 -16.22
N GLY F 99 47.67 -17.50 -16.38
CA GLY F 99 48.28 -17.12 -17.64
C GLY F 99 49.73 -17.56 -17.69
N SER F 100 50.31 -17.52 -18.88
CA SER F 100 51.71 -17.90 -19.05
C SER F 100 52.62 -16.97 -18.27
N GLY F 101 52.29 -15.68 -18.29
CA GLY F 101 53.03 -14.69 -17.52
C GLY F 101 53.91 -13.80 -18.38
N THR F 102 53.92 -12.50 -18.05
CA THR F 102 54.76 -11.54 -18.76
C THR F 102 55.75 -10.89 -17.81
N LYS F 103 57.04 -11.10 -18.06
CA LYS F 103 58.07 -10.47 -17.25
C LYS F 103 58.34 -9.04 -17.70
N LEU F 104 58.21 -8.10 -16.78
CA LEU F 104 58.44 -6.69 -17.10
C LEU F 104 59.75 -6.18 -16.53
N GLU F 105 60.66 -5.80 -17.40
CA GLU F 105 61.86 -5.09 -16.96
C GLU F 105 61.78 -3.65 -17.46
N LEU F 106 62.43 -2.73 -16.77
CA LEU F 106 62.39 -1.33 -17.17
C LEU F 106 63.67 -0.90 -17.86
N LYS F 107 63.71 0.38 -18.24
CA LYS F 107 64.89 0.98 -18.82
C LYS F 107 65.05 2.41 -18.32
N ARG F 108 66.21 2.99 -18.52
CA ARG F 108 66.48 4.36 -18.09
C ARG F 108 67.32 5.08 -19.13
N GLY F 109 67.04 6.37 -19.32
CA GLY F 109 67.73 7.15 -20.33
C GLY F 109 69.12 7.60 -19.93
N THR F 110 69.90 6.66 -19.41
CA THR F 110 71.26 6.95 -18.95
C THR F 110 72.05 5.65 -18.77
N VAL F 111 73.36 5.77 -18.62
CA VAL F 111 74.23 4.60 -18.48
C VAL F 111 75.10 4.68 -17.22
N ALA F 112 75.06 3.64 -16.40
CA ALA F 112 75.83 3.60 -15.17
C ALA F 112 76.94 2.56 -15.22
N ALA F 113 78.15 2.98 -14.90
CA ALA F 113 79.32 2.11 -14.93
C ALA F 113 79.41 1.25 -13.67
N PRO F 114 79.85 -0.02 -13.83
CA PRO F 114 79.95 -0.95 -12.71
C PRO F 114 81.12 -0.64 -11.77
N SER F 115 80.88 -0.74 -10.47
CA SER F 115 81.94 -0.65 -9.49
C SER F 115 82.62 -2.01 -9.40
N VAL F 116 83.79 -2.14 -10.01
CA VAL F 116 84.45 -3.44 -10.15
C VAL F 116 85.36 -3.79 -8.98
N PHE F 117 85.11 -4.95 -8.38
CA PHE F 117 85.93 -5.45 -7.27
C PHE F 117 86.34 -6.89 -7.53
N ILE F 118 87.39 -7.34 -6.86
CA ILE F 118 87.86 -8.72 -6.99
C ILE F 118 88.19 -9.34 -5.63
N PHE F 119 87.75 -10.57 -5.42
CA PHE F 119 87.92 -11.25 -4.15
C PHE F 119 88.68 -12.56 -4.31
N PRO F 120 89.83 -12.68 -3.64
CA PRO F 120 90.70 -13.87 -3.66
C PRO F 120 90.13 -14.99 -2.80
N PRO F 121 90.56 -16.24 -3.05
CA PRO F 121 90.12 -17.38 -2.23
C PRO F 121 90.53 -17.24 -0.77
N SER F 122 89.83 -17.95 0.11
CA SER F 122 90.04 -17.80 1.55
C SER F 122 91.24 -18.61 2.02
N ASP F 123 91.69 -18.31 3.24
CA ASP F 123 92.76 -19.07 3.88
C ASP F 123 92.22 -20.37 4.45
N GLU F 124 90.91 -20.41 4.66
CA GLU F 124 90.24 -21.61 5.17
C GLU F 124 89.64 -22.41 4.02
N GLN F 125 89.55 -21.79 2.86
CA GLN F 125 89.00 -22.45 1.68
C GLN F 125 90.06 -23.29 0.97
N LEU F 126 91.31 -22.87 1.10
CA LEU F 126 92.42 -23.57 0.47
C LEU F 126 92.78 -24.86 1.20
N LYS F 127 92.22 -25.04 2.39
CA LYS F 127 92.37 -26.28 3.13
C LYS F 127 91.59 -27.38 2.43
N SER F 128 90.47 -26.99 1.82
CA SER F 128 89.57 -27.93 1.17
C SER F 128 90.12 -28.42 -0.16
N GLY F 129 91.17 -27.76 -0.65
CA GLY F 129 91.76 -28.11 -1.92
C GLY F 129 90.97 -27.56 -3.09
N THR F 130 90.32 -26.42 -2.87
CA THR F 130 89.52 -25.78 -3.91
C THR F 130 89.52 -24.27 -3.74
N ALA F 131 89.94 -23.56 -4.77
CA ALA F 131 90.00 -22.09 -4.73
C ALA F 131 88.94 -21.46 -5.64
N SER F 132 88.33 -20.39 -5.16
CA SER F 132 87.31 -19.69 -5.93
C SER F 132 87.52 -18.17 -5.87
N VAL F 133 87.77 -17.57 -7.03
CA VAL F 133 87.97 -16.12 -7.11
C VAL F 133 86.67 -15.47 -7.60
N VAL F 134 86.24 -14.41 -6.92
CA VAL F 134 84.96 -13.80 -7.23
C VAL F 134 85.07 -12.35 -7.73
N CYS F 135 84.67 -12.13 -8.98
CA CYS F 135 84.66 -10.79 -9.56
C CYS F 135 83.27 -10.18 -9.42
N LEU F 136 83.22 -8.98 -8.82
CA LEU F 136 81.97 -8.28 -8.57
C LEU F 136 81.83 -7.01 -9.42
N LEU F 137 80.66 -6.86 -10.03
CA LEU F 137 80.34 -5.65 -10.78
C LEU F 137 79.15 -4.97 -10.13
N ASN F 138 79.42 -4.04 -9.20
CA ASN F 138 78.36 -3.48 -8.37
C ASN F 138 77.60 -2.30 -9.00
N ASN F 139 76.29 -2.45 -9.09
CA ASN F 139 75.38 -1.40 -9.57
C ASN F 139 75.73 -0.80 -10.93
N PHE F 140 75.23 -1.42 -12.00
CA PHE F 140 75.52 -0.95 -13.35
C PHE F 140 74.30 -1.01 -14.27
N TYR F 141 74.46 -0.42 -15.45
CA TYR F 141 73.43 -0.43 -16.49
C TYR F 141 74.07 -0.09 -17.83
N PRO F 142 73.66 -0.76 -18.92
CA PRO F 142 72.67 -1.85 -18.93
C PRO F 142 73.25 -3.20 -18.53
N ARG F 143 72.45 -4.25 -18.72
CA ARG F 143 72.84 -5.61 -18.34
C ARG F 143 74.08 -6.11 -19.06
N GLU F 144 74.13 -5.87 -20.36
CA GLU F 144 75.20 -6.39 -21.22
C GLU F 144 76.60 -6.02 -20.73
N ALA F 145 77.31 -7.00 -20.21
CA ALA F 145 78.67 -6.80 -19.70
C ALA F 145 79.52 -8.05 -19.88
N LYS F 146 80.77 -7.86 -20.30
CA LYS F 146 81.67 -8.99 -20.52
C LYS F 146 82.75 -9.12 -19.45
N VAL F 147 82.69 -10.21 -18.69
CA VAL F 147 83.72 -10.50 -17.69
C VAL F 147 84.66 -11.59 -18.19
N GLN F 148 85.94 -11.22 -18.35
CA GLN F 148 86.93 -12.16 -18.88
C GLN F 148 88.08 -12.38 -17.91
N TRP F 149 88.16 -13.60 -17.39
CA TRP F 149 89.19 -13.95 -16.40
C TRP F 149 90.57 -14.12 -17.06
N LYS F 150 91.61 -13.85 -16.29
CA LYS F 150 92.99 -13.92 -16.79
C LYS F 150 93.93 -14.56 -15.76
N VAL F 151 94.36 -15.78 -16.06
CA VAL F 151 95.36 -16.46 -15.24
C VAL F 151 96.74 -16.28 -15.87
N ASP F 152 97.54 -15.40 -15.28
CA ASP F 152 98.84 -15.02 -15.85
C ASP F 152 98.67 -14.56 -17.30
N ASN F 153 97.73 -13.65 -17.51
CA ASN F 153 97.39 -13.13 -18.83
C ASN F 153 96.96 -14.22 -19.81
N ALA F 154 96.13 -15.13 -19.34
CA ALA F 154 95.57 -16.19 -20.19
C ALA F 154 94.09 -16.36 -19.92
N LEU F 155 93.27 -16.11 -20.94
CA LEU F 155 91.82 -16.16 -20.82
C LEU F 155 91.32 -17.57 -20.46
N GLN F 156 90.43 -17.63 -19.48
CA GLN F 156 89.84 -18.89 -19.06
C GLN F 156 88.54 -19.14 -19.82
N SER F 157 88.20 -20.42 -20.00
CA SER F 157 87.02 -20.78 -20.79
C SER F 157 86.19 -21.88 -20.14
N GLY F 158 84.95 -21.54 -19.79
CA GLY F 158 84.01 -22.52 -19.28
C GLY F 158 84.04 -22.73 -17.77
N ASN F 159 85.20 -22.53 -17.16
CA ASN F 159 85.36 -22.77 -15.73
C ASN F 159 84.94 -21.59 -14.86
N SER F 160 84.21 -20.65 -15.46
CA SER F 160 83.69 -19.50 -14.72
C SER F 160 82.19 -19.39 -14.89
N GLN F 161 81.48 -19.01 -13.82
CA GLN F 161 80.03 -18.90 -13.88
C GLN F 161 79.49 -17.60 -13.29
N GLU F 162 78.60 -16.95 -14.04
CA GLU F 162 78.02 -15.67 -13.63
C GLU F 162 76.73 -15.83 -12.85
N SER F 163 76.42 -14.84 -12.02
CA SER F 163 75.18 -14.80 -11.24
C SER F 163 74.74 -13.35 -11.05
N VAL F 164 73.68 -12.96 -11.75
CA VAL F 164 73.22 -11.57 -11.73
C VAL F 164 71.92 -11.41 -10.93
N THR F 165 71.88 -10.37 -10.10
CA THR F 165 70.68 -10.09 -9.30
C THR F 165 69.60 -9.41 -10.11
N GLU F 166 68.40 -9.35 -9.54
CA GLU F 166 67.26 -8.72 -10.20
C GLU F 166 67.43 -7.20 -10.21
N GLN F 167 66.62 -6.52 -11.01
CA GLN F 167 66.70 -5.07 -11.16
C GLN F 167 66.51 -4.34 -9.83
N ASP F 168 67.13 -3.17 -9.69
CA ASP F 168 67.03 -2.40 -8.46
C ASP F 168 65.68 -1.71 -8.35
N SER F 169 65.19 -1.56 -7.12
CA SER F 169 63.86 -1.00 -6.88
C SER F 169 63.79 0.50 -7.19
N LYS F 170 64.89 1.20 -7.00
CA LYS F 170 64.90 2.65 -7.14
C LYS F 170 65.66 3.15 -8.38
N ASP F 171 66.93 2.74 -8.50
CA ASP F 171 67.77 3.23 -9.58
C ASP F 171 67.84 2.28 -10.78
N SER F 172 67.26 1.08 -10.62
CA SER F 172 67.18 0.09 -11.70
C SER F 172 68.54 -0.35 -12.23
N THR F 173 69.48 -0.66 -11.34
CA THR F 173 70.81 -1.10 -11.74
C THR F 173 71.10 -2.52 -11.25
N TYR F 174 71.80 -3.29 -12.08
CA TYR F 174 72.08 -4.69 -11.78
C TYR F 174 73.46 -4.85 -11.15
N SER F 175 73.70 -6.02 -10.55
CA SER F 175 75.03 -6.39 -10.08
C SER F 175 75.34 -7.80 -10.56
N LEU F 176 76.59 -8.01 -10.97
CA LEU F 176 76.97 -9.32 -11.49
C LEU F 176 78.06 -9.97 -10.63
N SER F 177 77.92 -11.28 -10.41
CA SER F 177 78.89 -12.03 -9.63
C SER F 177 79.49 -13.16 -10.45
N SER F 178 80.68 -12.94 -10.98
CA SER F 178 81.37 -13.97 -11.74
C SER F 178 82.27 -14.78 -10.82
N THR F 179 82.22 -16.10 -10.94
CA THR F 179 83.02 -16.97 -10.09
C THR F 179 83.95 -17.88 -10.89
N LEU F 180 85.25 -17.69 -10.70
CA LEU F 180 86.27 -18.53 -11.31
C LEU F 180 86.70 -19.60 -10.33
N THR F 181 86.34 -20.84 -10.62
CA THR F 181 86.64 -21.96 -9.73
C THR F 181 87.79 -22.80 -10.27
N LEU F 182 88.88 -22.86 -9.50
CA LEU F 182 90.03 -23.69 -9.86
C LEU F 182 90.55 -24.43 -8.65
N SER F 183 90.90 -25.71 -8.85
CA SER F 183 91.44 -26.53 -7.76
C SER F 183 92.72 -25.91 -7.19
N LYS F 184 93.06 -26.32 -5.97
CA LYS F 184 94.22 -25.77 -5.27
C LYS F 184 95.51 -25.95 -6.08
N ALA F 185 95.57 -27.01 -6.87
CA ALA F 185 96.73 -27.26 -7.73
C ALA F 185 96.85 -26.16 -8.79
N ASP F 186 95.76 -25.96 -9.53
CA ASP F 186 95.71 -24.97 -10.61
C ASP F 186 95.92 -23.55 -10.07
N TYR F 187 95.50 -23.32 -8.84
CA TYR F 187 95.65 -22.02 -8.21
C TYR F 187 97.08 -21.77 -7.76
N GLU F 188 97.67 -22.75 -7.08
CA GLU F 188 99.04 -22.65 -6.60
C GLU F 188 100.04 -22.81 -7.75
N LYS F 189 99.53 -23.10 -8.95
CA LYS F 189 100.38 -23.23 -10.12
C LYS F 189 100.81 -21.88 -10.68
N HIS F 190 99.97 -20.87 -10.50
CA HIS F 190 100.25 -19.54 -11.05
C HIS F 190 100.34 -18.45 -9.97
N LYS F 191 100.42 -17.19 -10.40
CA LYS F 191 100.64 -16.08 -9.49
C LYS F 191 99.60 -14.96 -9.60
N VAL F 192 99.54 -14.32 -10.76
CA VAL F 192 98.68 -13.16 -10.95
C VAL F 192 97.34 -13.52 -11.59
N TYR F 193 96.24 -13.20 -10.90
CA TYR F 193 94.91 -13.48 -11.41
C TYR F 193 94.13 -12.19 -11.60
N ALA F 194 93.39 -12.10 -12.69
CA ALA F 194 92.67 -10.87 -13.01
C ALA F 194 91.27 -11.13 -13.55
N CYS F 195 90.44 -10.10 -13.53
CA CYS F 195 89.16 -10.14 -14.25
C CYS F 195 88.98 -8.83 -15.03
N GLU F 196 88.53 -8.96 -16.27
CA GLU F 196 88.40 -7.82 -17.18
C GLU F 196 86.95 -7.50 -17.48
N VAL F 197 86.54 -6.27 -17.21
CA VAL F 197 85.16 -5.83 -17.42
C VAL F 197 85.02 -4.96 -18.65
N THR F 198 84.35 -5.50 -19.67
CA THR F 198 84.06 -4.75 -20.90
C THR F 198 82.60 -4.35 -20.91
N HIS F 199 82.34 -3.06 -20.72
CA HIS F 199 80.98 -2.54 -20.61
C HIS F 199 80.90 -1.17 -21.24
N GLN F 200 79.68 -0.77 -21.62
CA GLN F 200 79.49 0.52 -22.25
C GLN F 200 79.45 1.64 -21.21
N GLY F 201 79.51 1.27 -19.94
CA GLY F 201 79.52 2.26 -18.87
C GLY F 201 80.88 2.88 -18.67
N LEU F 202 81.92 2.07 -18.71
CA LEU F 202 83.28 2.55 -18.52
C LEU F 202 83.93 2.91 -19.85
N SER F 203 84.93 3.79 -19.80
CA SER F 203 85.60 4.24 -21.00
C SER F 203 86.34 3.09 -21.67
N SER F 204 87.38 2.61 -21.02
CA SER F 204 88.17 1.49 -21.52
C SER F 204 88.00 0.31 -20.57
N PRO F 205 87.99 -0.92 -21.13
CA PRO F 205 87.85 -2.17 -20.37
C PRO F 205 88.72 -2.21 -19.12
N VAL F 206 88.07 -2.19 -17.95
CA VAL F 206 88.76 -2.18 -16.67
C VAL F 206 89.19 -3.58 -16.25
N THR F 207 90.43 -3.72 -15.82
CA THR F 207 90.95 -5.00 -15.36
C THR F 207 91.36 -4.92 -13.89
N LYS F 208 90.66 -5.66 -13.04
CA LYS F 208 91.01 -5.70 -11.61
C LYS F 208 91.71 -7.01 -11.28
N SER F 209 92.87 -6.92 -10.65
CA SER F 209 93.71 -8.09 -10.42
C SER F 209 94.25 -8.21 -9.00
N PHE F 210 94.84 -9.37 -8.71
CA PHE F 210 95.52 -9.60 -7.44
C PHE F 210 96.61 -10.66 -7.63
N ASN F 211 97.60 -10.64 -6.73
CA ASN F 211 98.70 -11.59 -6.78
C ASN F 211 98.63 -12.59 -5.63
N ARG F 212 99.12 -13.80 -5.86
CA ARG F 212 99.13 -14.83 -4.84
C ARG F 212 100.22 -14.54 -3.81
N GLY F 213 99.84 -14.58 -2.53
CA GLY F 213 100.77 -14.27 -1.45
C GLY F 213 100.63 -12.84 -0.98
N GLU F 214 100.12 -11.99 -1.86
CA GLU F 214 99.87 -10.59 -1.53
C GLU F 214 98.79 -10.50 -0.46
N CYS F 215 97.79 -11.37 -0.55
CA CYS F 215 96.70 -11.41 0.41
C CYS F 215 96.63 -12.77 1.10
N GLN G 1 48.21 -9.10 9.82
CA GLN G 1 46.86 -9.34 10.34
C GLN G 1 46.49 -10.82 10.27
N VAL G 2 46.61 -11.40 9.09
CA VAL G 2 46.26 -12.80 8.85
C VAL G 2 47.37 -13.49 8.07
N GLN G 3 47.92 -14.56 8.63
CA GLN G 3 49.02 -15.26 7.99
C GLN G 3 48.73 -16.75 7.73
N LEU G 4 49.17 -17.22 6.57
CA LEU G 4 49.21 -18.63 6.25
C LEU G 4 50.68 -19.02 6.15
N GLN G 5 51.14 -19.86 7.07
CA GLN G 5 52.56 -20.18 7.11
C GLN G 5 52.88 -21.59 6.63
N GLN G 6 53.80 -21.67 5.66
CA GLN G 6 54.27 -22.93 5.13
C GLN G 6 55.76 -23.06 5.45
N PRO G 7 56.27 -24.30 5.49
CA PRO G 7 57.71 -24.53 5.73
C PRO G 7 58.58 -23.85 4.66
N GLY G 8 59.85 -23.62 4.99
CA GLY G 8 60.78 -23.01 4.07
C GLY G 8 60.96 -23.85 2.81
N ALA G 9 61.66 -24.97 2.95
CA ALA G 9 61.85 -25.90 1.85
C ALA G 9 61.77 -27.33 2.33
N GLU G 10 61.45 -28.25 1.41
CA GLU G 10 61.38 -29.66 1.73
C GLU G 10 62.14 -30.50 0.70
N LEU G 11 63.21 -31.15 1.15
CA LEU G 11 63.97 -32.05 0.30
C LEU G 11 63.39 -33.45 0.41
N VAL G 12 63.16 -34.10 -0.72
CA VAL G 12 62.50 -35.40 -0.73
C VAL G 12 63.15 -36.42 -1.66
N GLN G 13 62.80 -37.68 -1.47
CA GLN G 13 63.31 -38.77 -2.30
C GLN G 13 62.29 -39.14 -3.36
N PRO G 14 62.75 -39.33 -4.61
CA PRO G 14 61.90 -39.77 -5.73
C PRO G 14 61.17 -41.07 -5.41
N GLY G 15 59.87 -41.11 -5.68
CA GLY G 15 59.07 -42.28 -5.41
C GLY G 15 58.30 -42.17 -4.10
N THR G 16 58.90 -41.48 -3.13
CA THR G 16 58.28 -41.32 -1.82
C THR G 16 57.18 -40.26 -1.83
N SER G 17 56.62 -39.99 -0.65
CA SER G 17 55.56 -39.01 -0.52
C SER G 17 55.90 -37.97 0.54
N VAL G 18 55.32 -36.78 0.41
CA VAL G 18 55.58 -35.71 1.38
C VAL G 18 54.34 -34.87 1.65
N ARG G 19 54.08 -34.59 2.93
CA ARG G 19 52.98 -33.70 3.29
C ARG G 19 53.49 -32.27 3.42
N LEU G 20 52.68 -31.31 2.98
CA LEU G 20 53.04 -29.91 3.08
C LEU G 20 52.10 -29.19 4.03
N SER G 21 52.67 -28.36 4.89
CA SER G 21 51.94 -27.72 5.97
C SER G 21 51.51 -26.30 5.61
N CYS G 22 50.32 -25.92 6.06
CA CYS G 22 49.82 -24.57 5.89
C CYS G 22 49.02 -24.15 7.13
N LYS G 23 49.68 -23.46 8.06
CA LYS G 23 49.02 -23.05 9.29
C LYS G 23 48.34 -21.70 9.16
N ALA G 24 47.05 -21.64 9.50
CA ALA G 24 46.28 -20.40 9.40
C ALA G 24 46.13 -19.71 10.73
N SER G 25 46.57 -18.46 10.81
CA SER G 25 46.44 -17.67 12.03
C SER G 25 46.00 -16.24 11.74
N GLY G 26 45.42 -15.59 12.74
CA GLY G 26 44.95 -14.22 12.61
C GLY G 26 43.44 -14.15 12.40
N TYR G 27 42.82 -15.29 12.15
CA TYR G 27 41.39 -15.35 11.92
C TYR G 27 40.84 -16.72 12.32
N ILE G 28 39.54 -16.93 12.07
CA ILE G 28 38.90 -18.20 12.38
C ILE G 28 39.14 -19.18 11.25
N PHE G 29 39.95 -20.21 11.53
CA PHE G 29 40.36 -21.20 10.53
C PHE G 29 39.19 -21.82 9.76
N THR G 30 38.06 -22.00 10.43
CA THR G 30 36.91 -22.68 9.84
C THR G 30 36.03 -21.74 9.02
N THR G 31 36.61 -20.64 8.53
CA THR G 31 35.85 -19.67 7.76
C THR G 31 35.99 -19.89 6.25
N TYR G 32 37.19 -19.67 5.74
CA TYR G 32 37.44 -19.79 4.30
C TYR G 32 38.10 -21.10 3.93
N TRP G 33 37.83 -21.57 2.71
CA TRP G 33 38.46 -22.78 2.19
C TRP G 33 39.93 -22.50 1.92
N ILE G 34 40.72 -23.56 1.87
CA ILE G 34 42.14 -23.43 1.55
C ILE G 34 42.42 -23.94 0.14
N HIS G 35 42.99 -23.09 -0.69
CA HIS G 35 43.34 -23.47 -2.06
C HIS G 35 44.84 -23.77 -2.14
N TRP G 36 45.24 -24.55 -3.14
CA TRP G 36 46.66 -24.85 -3.31
C TRP G 36 47.12 -24.58 -4.75
N VAL G 37 48.37 -24.12 -4.89
CA VAL G 37 48.91 -23.73 -6.19
C VAL G 37 50.31 -24.28 -6.42
N LYS G 38 50.52 -24.89 -7.59
CA LYS G 38 51.84 -25.38 -7.98
C LYS G 38 52.49 -24.44 -9.01
N GLN G 39 53.62 -23.86 -8.64
CA GLN G 39 54.34 -22.96 -9.52
C GLN G 39 55.77 -23.41 -9.74
N ARG G 40 56.10 -23.74 -10.99
CA ARG G 40 57.46 -24.11 -11.37
C ARG G 40 58.24 -22.85 -11.73
N PRO G 41 59.55 -22.84 -11.44
CA PRO G 41 60.43 -21.70 -11.72
C PRO G 41 60.33 -21.21 -13.16
N GLY G 42 59.94 -19.95 -13.33
CA GLY G 42 59.80 -19.36 -14.66
C GLY G 42 58.48 -19.72 -15.33
N GLN G 43 58.05 -20.96 -15.12
CA GLN G 43 56.82 -21.47 -15.73
C GLN G 43 55.58 -20.78 -15.18
N GLY G 44 54.41 -21.27 -15.58
CA GLY G 44 53.15 -20.72 -15.12
C GLY G 44 52.73 -21.33 -13.80
N LEU G 45 51.56 -20.93 -13.32
CA LEU G 45 51.02 -21.46 -12.07
C LEU G 45 49.84 -22.37 -12.36
N GLU G 46 49.71 -23.42 -11.56
CA GLU G 46 48.57 -24.34 -11.69
C GLU G 46 47.78 -24.38 -10.39
N TRP G 47 46.46 -24.30 -10.51
CA TRP G 47 45.58 -24.39 -9.35
C TRP G 47 45.33 -25.86 -9.03
N ILE G 48 45.86 -26.30 -7.90
CA ILE G 48 45.81 -27.72 -7.52
C ILE G 48 44.42 -28.15 -7.07
N GLY G 49 43.84 -27.43 -6.12
CA GLY G 49 42.52 -27.75 -5.62
C GLY G 49 42.10 -26.89 -4.45
N GLU G 50 40.82 -26.99 -4.09
CA GLU G 50 40.29 -26.27 -2.94
C GLU G 50 39.68 -27.23 -1.93
N ILE G 51 39.95 -26.98 -0.65
CA ILE G 51 39.45 -27.86 0.41
C ILE G 51 38.71 -27.08 1.50
N ASN G 52 37.58 -27.64 1.94
CA ASN G 52 36.76 -27.06 2.99
C ASN G 52 37.29 -27.47 4.37
N PRO G 53 37.60 -26.49 5.23
CA PRO G 53 38.06 -26.80 6.59
C PRO G 53 36.94 -27.33 7.47
N ASN G 54 35.69 -27.19 7.03
CA ASN G 54 34.54 -27.63 7.81
C ASN G 54 34.26 -29.13 7.69
N ASN G 55 33.94 -29.57 6.48
CA ASN G 55 33.56 -30.96 6.25
C ASN G 55 34.62 -31.76 5.50
N GLY G 56 35.67 -31.08 5.05
CA GLY G 56 36.76 -31.74 4.35
C GLY G 56 36.47 -31.99 2.89
N ARG G 57 35.39 -31.38 2.39
CA ARG G 57 35.04 -31.50 0.98
C ARG G 57 36.15 -30.94 0.11
N ILE G 58 36.42 -31.59 -1.01
CA ILE G 58 37.52 -31.17 -1.88
C ILE G 58 37.11 -31.08 -3.35
N ASN G 59 37.39 -29.94 -3.96
CA ASN G 59 37.27 -29.80 -5.40
C ASN G 59 38.66 -29.81 -6.03
N TYR G 60 38.97 -30.90 -6.75
CA TYR G 60 40.29 -31.12 -7.31
C TYR G 60 40.41 -30.66 -8.75
N ASN G 61 41.65 -30.53 -9.22
CA ASN G 61 41.94 -30.39 -10.62
C ASN G 61 42.21 -31.78 -11.18
N GLU G 62 41.73 -32.05 -12.39
CA GLU G 62 41.85 -33.38 -12.97
C GLU G 62 43.28 -33.85 -13.19
N LYS G 63 44.23 -32.92 -13.14
CA LYS G 63 45.64 -33.27 -13.27
C LYS G 63 46.21 -33.77 -11.96
N PHE G 64 45.85 -33.11 -10.86
CA PHE G 64 46.38 -33.44 -9.55
C PHE G 64 45.50 -34.43 -8.80
N LYS G 65 44.65 -35.13 -9.54
CA LYS G 65 43.68 -36.05 -8.94
C LYS G 65 44.37 -37.22 -8.23
N THR G 66 45.50 -37.65 -8.75
CA THR G 66 46.22 -38.80 -8.21
C THR G 66 47.58 -38.41 -7.62
N LYS G 67 47.96 -37.14 -7.82
CA LYS G 67 49.24 -36.66 -7.31
C LYS G 67 49.07 -35.92 -5.98
N ALA G 68 47.97 -35.19 -5.85
CA ALA G 68 47.71 -34.40 -4.65
C ALA G 68 46.60 -35.00 -3.79
N THR G 69 46.86 -35.09 -2.49
CA THR G 69 45.89 -35.61 -1.53
C THR G 69 45.72 -34.60 -0.40
N LEU G 70 44.56 -33.95 -0.35
CA LEU G 70 44.33 -32.87 0.60
C LEU G 70 43.64 -33.31 1.89
N THR G 71 44.15 -32.81 3.01
CA THR G 71 43.54 -33.04 4.31
C THR G 71 43.57 -31.75 5.13
N VAL G 72 42.81 -31.70 6.22
CA VAL G 72 42.78 -30.53 7.10
C VAL G 72 42.59 -30.91 8.56
N ASP G 73 43.50 -30.42 9.41
CA ASP G 73 43.37 -30.56 10.86
C ASP G 73 42.77 -29.29 11.43
N LYS G 74 41.49 -29.36 11.79
CA LYS G 74 40.75 -28.18 12.26
C LYS G 74 41.21 -27.75 13.66
N SER G 75 41.52 -28.73 14.50
CA SER G 75 41.98 -28.44 15.85
C SER G 75 43.34 -27.78 15.82
N SER G 76 44.15 -28.16 14.84
CA SER G 76 45.49 -27.60 14.69
C SER G 76 45.47 -26.40 13.75
N SER G 77 44.31 -26.14 13.15
CA SER G 77 44.13 -25.04 12.20
C SER G 77 45.16 -25.11 11.07
N THR G 78 45.30 -26.28 10.46
CA THR G 78 46.33 -26.48 9.45
C THR G 78 45.82 -27.28 8.25
N ALA G 79 46.13 -26.78 7.05
CA ALA G 79 45.83 -27.51 5.83
C ALA G 79 47.06 -28.28 5.38
N TYR G 80 46.87 -29.57 5.09
CA TYR G 80 47.98 -30.45 4.71
C TYR G 80 47.78 -30.97 3.29
N MET G 81 48.81 -30.83 2.46
CA MET G 81 48.73 -31.38 1.11
C MET G 81 49.82 -32.43 0.84
N GLN G 82 49.39 -33.67 0.69
CA GLN G 82 50.33 -34.78 0.51
C GLN G 82 50.54 -35.13 -0.96
N LEU G 83 51.79 -35.04 -1.41
CA LEU G 83 52.16 -35.40 -2.77
C LEU G 83 52.83 -36.77 -2.79
N SER G 84 52.26 -37.69 -3.56
CA SER G 84 52.73 -39.08 -3.58
C SER G 84 53.40 -39.42 -4.91
N SER G 85 54.27 -40.43 -4.88
CA SER G 85 55.05 -40.84 -6.05
C SER G 85 55.78 -39.66 -6.69
N LEU G 86 56.70 -39.09 -5.94
CA LEU G 86 57.39 -37.86 -6.36
C LEU G 86 58.41 -38.12 -7.47
N THR G 87 58.33 -37.30 -8.51
CA THR G 87 59.32 -37.31 -9.58
C THR G 87 60.01 -35.95 -9.64
N SER G 88 61.02 -35.83 -10.49
CA SER G 88 61.75 -34.58 -10.62
C SER G 88 60.87 -33.49 -11.24
N GLU G 89 59.80 -33.91 -11.91
CA GLU G 89 58.87 -32.99 -12.54
C GLU G 89 57.88 -32.42 -11.53
N ASP G 90 58.01 -32.87 -10.27
CA ASP G 90 57.15 -32.38 -9.20
C ASP G 90 57.89 -31.37 -8.34
N SER G 91 59.18 -31.19 -8.62
CA SER G 91 59.99 -30.21 -7.91
C SER G 91 59.57 -28.80 -8.30
N ALA G 92 58.92 -28.09 -7.37
CA ALA G 92 58.48 -26.73 -7.61
C ALA G 92 58.12 -26.04 -6.31
N VAL G 93 57.50 -24.86 -6.42
CA VAL G 93 57.03 -24.12 -5.26
C VAL G 93 55.55 -24.35 -5.06
N TYR G 94 55.13 -24.60 -3.84
CA TYR G 94 53.73 -24.85 -3.55
C TYR G 94 53.14 -23.84 -2.57
N TYR G 95 52.10 -23.14 -3.00
CA TYR G 95 51.47 -22.10 -2.19
C TYR G 95 50.11 -22.55 -1.66
N CYS G 96 49.73 -22.01 -0.51
CA CYS G 96 48.35 -22.15 -0.04
C CYS G 96 47.67 -20.77 -0.02
N THR G 97 46.64 -20.63 -0.84
CA THR G 97 45.96 -19.35 -0.97
C THR G 97 44.58 -19.38 -0.31
N ARG G 98 44.04 -18.20 -0.06
CA ARG G 98 42.72 -18.06 0.53
C ARG G 98 41.94 -17.04 -0.30
N VAL G 99 40.64 -16.91 -0.02
CA VAL G 99 39.83 -15.89 -0.68
C VAL G 99 39.42 -14.83 0.31
N GLY G 100 38.97 -13.68 -0.19
CA GLY G 100 38.56 -12.58 0.68
C GLY G 100 37.05 -12.38 0.67
N VAL G 101 36.63 -11.14 0.91
CA VAL G 101 35.22 -10.79 0.86
C VAL G 101 34.68 -11.02 -0.56
N MET G 102 35.55 -10.84 -1.54
CA MET G 102 35.26 -11.17 -2.91
C MET G 102 35.89 -12.54 -3.19
N ILE G 103 35.07 -13.57 -3.33
CA ILE G 103 35.57 -14.93 -3.44
C ILE G 103 36.33 -15.18 -4.75
N THR G 104 36.14 -14.27 -5.71
CA THR G 104 36.83 -14.34 -7.00
C THR G 104 38.22 -13.70 -6.93
N THR G 105 38.82 -13.70 -5.73
CA THR G 105 40.14 -13.12 -5.53
C THR G 105 41.01 -14.05 -4.71
N PHE G 106 42.33 -13.87 -4.80
CA PHE G 106 43.27 -14.57 -3.94
C PHE G 106 44.14 -13.57 -3.19
N PRO G 107 43.60 -12.97 -2.13
CA PRO G 107 44.30 -11.94 -1.36
C PRO G 107 45.43 -12.52 -0.51
N TYR G 108 45.13 -13.56 0.24
CA TYR G 108 46.07 -14.12 1.21
C TYR G 108 46.84 -15.32 0.69
N TRP G 109 48.16 -15.16 0.58
CA TRP G 109 49.04 -16.23 0.13
C TRP G 109 50.04 -16.58 1.21
N GLY G 110 50.48 -17.84 1.23
CA GLY G 110 51.56 -18.25 2.12
C GLY G 110 52.88 -18.03 1.42
N GLN G 111 53.97 -18.05 2.19
CA GLN G 111 55.30 -17.80 1.61
C GLN G 111 55.81 -18.97 0.77
N GLY G 112 54.97 -19.99 0.61
CA GLY G 112 55.28 -21.10 -0.27
C GLY G 112 56.34 -22.05 0.24
N THR G 113 56.23 -23.31 -0.17
CA THR G 113 57.21 -24.32 0.20
C THR G 113 57.94 -24.82 -1.04
N LEU G 114 59.27 -24.80 -1.01
CA LEU G 114 60.07 -25.25 -2.12
C LEU G 114 60.38 -26.75 -2.04
N VAL G 115 59.67 -27.54 -2.82
CA VAL G 115 59.86 -28.98 -2.85
C VAL G 115 60.97 -29.35 -3.82
N THR G 116 61.96 -30.10 -3.35
CA THR G 116 63.08 -30.52 -4.18
C THR G 116 63.23 -32.03 -4.20
N VAL G 117 62.94 -32.65 -5.34
CA VAL G 117 63.03 -34.09 -5.51
C VAL G 117 64.34 -34.46 -6.17
N SER G 118 65.28 -35.04 -5.42
CA SER G 118 66.62 -35.27 -5.93
C SER G 118 67.29 -36.58 -5.50
N ALA G 119 67.02 -37.01 -4.27
CA ALA G 119 67.76 -38.13 -3.66
C ALA G 119 69.25 -37.87 -3.66
N ALA G 120 69.68 -36.92 -2.86
CA ALA G 120 71.10 -36.57 -2.76
C ALA G 120 71.43 -36.19 -1.32
N SER G 121 70.46 -36.39 -0.42
CA SER G 121 70.59 -36.02 0.98
C SER G 121 70.91 -34.53 1.14
N THR G 122 71.28 -34.13 2.35
CA THR G 122 71.52 -32.72 2.64
C THR G 122 72.96 -32.46 3.04
N LYS G 123 73.57 -31.46 2.41
CA LYS G 123 74.89 -30.99 2.82
C LYS G 123 74.81 -29.55 3.31
N GLY G 124 75.47 -29.27 4.42
CA GLY G 124 75.49 -27.93 4.98
C GLY G 124 76.30 -26.96 4.14
N PRO G 125 76.05 -25.66 4.32
CA PRO G 125 76.75 -24.62 3.55
C PRO G 125 78.15 -24.34 4.08
N SER G 126 79.12 -24.22 3.18
CA SER G 126 80.47 -23.83 3.56
C SER G 126 80.64 -22.34 3.33
N VAL G 127 80.74 -21.58 4.42
CA VAL G 127 80.82 -20.13 4.33
C VAL G 127 82.27 -19.63 4.37
N PHE G 128 82.67 -18.93 3.33
CA PHE G 128 84.02 -18.40 3.23
C PHE G 128 84.02 -16.87 3.18
N PRO G 129 85.07 -16.24 3.73
CA PRO G 129 85.16 -14.78 3.71
C PRO G 129 85.58 -14.25 2.34
N LEU G 130 85.18 -13.02 2.04
CA LEU G 130 85.55 -12.36 0.79
C LEU G 130 85.97 -10.91 1.02
N ALA G 131 87.28 -10.67 0.99
CA ALA G 131 87.84 -9.35 1.17
C ALA G 131 88.95 -9.08 0.15
N PRO G 132 89.00 -7.86 -0.40
CA PRO G 132 89.96 -7.49 -1.43
C PRO G 132 91.41 -7.47 -0.95
N CYS G 133 92.33 -7.07 -1.83
CA CYS G 133 93.75 -7.02 -1.49
C CYS G 133 94.27 -5.59 -1.41
N SER G 134 93.38 -4.63 -1.60
CA SER G 134 93.75 -3.21 -1.55
C SER G 134 93.83 -2.72 -0.11
N SER G 138 92.19 3.96 0.92
CA SER G 138 92.33 3.43 -0.43
C SER G 138 91.36 4.11 -1.39
N GLU G 139 90.27 3.43 -1.70
CA GLU G 139 89.25 3.97 -2.60
C GLU G 139 88.08 4.55 -1.80
N SER G 140 87.21 5.28 -2.48
CA SER G 140 86.06 5.90 -1.83
C SER G 140 85.10 4.89 -1.21
N THR G 141 84.88 3.78 -1.92
CA THR G 141 83.97 2.74 -1.45
C THR G 141 84.59 1.35 -1.55
N ALA G 142 84.68 0.65 -0.42
CA ALA G 142 85.22 -0.69 -0.38
C ALA G 142 84.12 -1.73 -0.34
N ALA G 143 84.46 -2.98 -0.67
CA ALA G 143 83.46 -4.05 -0.74
C ALA G 143 83.89 -5.30 0.01
N LEU G 144 83.03 -5.78 0.90
CA LEU G 144 83.25 -7.03 1.60
C LEU G 144 82.23 -8.05 1.13
N GLY G 145 82.33 -9.29 1.61
CA GLY G 145 81.34 -10.28 1.24
C GLY G 145 81.52 -11.67 1.84
N CYS G 146 80.52 -12.52 1.62
CA CYS G 146 80.58 -13.91 2.03
C CYS G 146 80.27 -14.82 0.84
N LEU G 147 80.89 -15.99 0.85
CA LEU G 147 80.68 -16.98 -0.21
C LEU G 147 80.07 -18.24 0.39
N VAL G 148 78.80 -18.49 0.08
CA VAL G 148 78.11 -19.68 0.53
C VAL G 148 78.25 -20.78 -0.50
N LYS G 149 79.27 -21.62 -0.34
CA LYS G 149 79.60 -22.61 -1.34
C LYS G 149 79.27 -24.04 -0.89
N ASP G 150 78.83 -24.86 -1.84
CA ASP G 150 78.57 -26.28 -1.63
C ASP G 150 77.48 -26.55 -0.59
N TYR G 151 76.22 -26.49 -1.04
CA TYR G 151 75.09 -26.85 -0.20
C TYR G 151 73.93 -27.37 -1.04
N PHE G 152 73.01 -28.09 -0.40
CA PHE G 152 71.90 -28.73 -1.10
C PHE G 152 70.77 -29.08 -0.14
N PRO G 153 69.53 -28.73 -0.49
CA PRO G 153 69.17 -27.98 -1.69
C PRO G 153 68.88 -26.51 -1.36
N GLU G 154 68.27 -25.81 -2.31
CA GLU G 154 67.84 -24.42 -2.10
C GLU G 154 66.69 -24.38 -1.11
N PRO G 155 66.52 -23.24 -0.41
CA PRO G 155 67.36 -22.05 -0.47
C PRO G 155 68.15 -21.81 0.80
N VAL G 156 68.94 -20.75 0.81
CA VAL G 156 69.61 -20.27 2.01
C VAL G 156 69.24 -18.81 2.23
N THR G 157 69.33 -18.36 3.47
CA THR G 157 69.07 -16.95 3.78
C THR G 157 70.31 -16.30 4.38
N VAL G 158 70.80 -15.27 3.69
CA VAL G 158 72.03 -14.59 4.11
C VAL G 158 71.76 -13.19 4.63
N SER G 159 71.92 -13.01 5.95
CA SER G 159 71.75 -11.71 6.58
C SER G 159 73.12 -11.10 6.85
N TRP G 160 73.15 -9.81 7.17
CA TRP G 160 74.38 -9.13 7.52
C TRP G 160 74.27 -8.41 8.85
N ASN G 161 75.15 -8.76 9.78
CA ASN G 161 75.14 -8.21 11.13
C ASN G 161 73.80 -8.33 11.84
N SER G 162 73.23 -9.54 11.80
CA SER G 162 71.97 -9.85 12.45
C SER G 162 70.82 -8.97 11.94
N GLY G 163 70.83 -8.67 10.65
CA GLY G 163 69.75 -7.92 10.03
C GLY G 163 69.91 -6.41 10.14
N ALA G 164 70.97 -5.97 10.82
CA ALA G 164 71.23 -4.54 10.97
C ALA G 164 71.65 -3.91 9.65
N LEU G 165 72.68 -4.48 9.03
CA LEU G 165 73.18 -3.99 7.74
C LEU G 165 72.19 -4.39 6.65
N THR G 166 71.62 -3.38 5.99
CA THR G 166 70.61 -3.63 4.95
C THR G 166 71.01 -3.04 3.61
N SER G 167 71.04 -1.71 3.51
CA SER G 167 71.35 -1.04 2.25
C SER G 167 72.80 -1.25 1.85
N GLY G 168 73.04 -1.34 0.55
CA GLY G 168 74.38 -1.57 0.04
C GLY G 168 74.77 -3.03 0.12
N VAL G 169 73.77 -3.91 0.10
CA VAL G 169 74.01 -5.35 0.18
C VAL G 169 73.36 -6.08 -1.00
N HIS G 170 74.17 -6.79 -1.77
CA HIS G 170 73.66 -7.58 -2.89
C HIS G 170 73.88 -9.08 -2.65
N THR G 171 72.80 -9.79 -2.34
CA THR G 171 72.87 -11.24 -2.21
C THR G 171 72.47 -11.89 -3.52
N PHE G 172 73.47 -12.37 -4.26
CA PHE G 172 73.25 -12.92 -5.60
C PHE G 172 72.48 -14.23 -5.58
N PRO G 173 71.72 -14.50 -6.66
CA PRO G 173 71.04 -15.79 -6.83
C PRO G 173 72.05 -16.92 -6.87
N ALA G 174 71.70 -18.06 -6.28
CA ALA G 174 72.60 -19.21 -6.26
C ALA G 174 72.73 -19.83 -7.64
N VAL G 175 73.88 -20.45 -7.90
CA VAL G 175 74.11 -21.16 -9.14
C VAL G 175 74.45 -22.62 -8.87
N LEU G 176 74.10 -23.50 -9.79
CA LEU G 176 74.37 -24.92 -9.63
C LEU G 176 75.62 -25.33 -10.38
N GLN G 177 76.62 -25.83 -9.65
CA GLN G 177 77.89 -26.22 -10.22
C GLN G 177 77.79 -27.52 -10.99
N SER G 178 78.92 -27.97 -11.53
CA SER G 178 78.99 -29.25 -12.21
C SER G 178 79.12 -30.38 -11.19
N SER G 179 79.42 -30.00 -9.95
CA SER G 179 79.56 -30.97 -8.86
C SER G 179 78.19 -31.33 -8.28
N GLY G 180 77.18 -30.54 -8.62
CA GLY G 180 75.82 -30.83 -8.19
C GLY G 180 75.38 -30.03 -6.98
N LEU G 181 76.28 -29.23 -6.43
CA LEU G 181 75.97 -28.42 -5.26
C LEU G 181 75.82 -26.94 -5.61
N TYR G 182 74.82 -26.30 -5.02
CA TYR G 182 74.58 -24.88 -5.25
C TYR G 182 75.69 -24.01 -4.66
N SER G 183 75.87 -22.83 -5.23
CA SER G 183 76.87 -21.88 -4.74
C SER G 183 76.36 -20.44 -4.85
N LEU G 184 76.01 -19.86 -3.71
CA LEU G 184 75.49 -18.51 -3.66
C LEU G 184 76.57 -17.52 -3.22
N SER G 185 76.55 -16.32 -3.81
CA SER G 185 77.50 -15.28 -3.45
C SER G 185 76.77 -14.09 -2.83
N SER G 186 77.36 -13.51 -1.80
CA SER G 186 76.77 -12.34 -1.15
C SER G 186 77.82 -11.25 -0.95
N VAL G 187 77.44 -10.00 -1.19
CA VAL G 187 78.37 -8.89 -1.05
C VAL G 187 77.75 -7.69 -0.33
N VAL G 188 78.60 -6.81 0.17
CA VAL G 188 78.17 -5.58 0.83
C VAL G 188 79.18 -4.46 0.63
N THR G 189 78.72 -3.33 0.10
CA THR G 189 79.58 -2.18 -0.14
C THR G 189 79.49 -1.16 0.99
N VAL G 190 80.64 -0.86 1.59
CA VAL G 190 80.71 0.12 2.68
C VAL G 190 81.86 1.09 2.46
N PRO G 191 81.70 2.35 2.91
CA PRO G 191 82.77 3.35 2.81
C PRO G 191 84.03 2.89 3.52
N SER G 192 85.19 3.31 3.02
CA SER G 192 86.48 2.88 3.56
C SER G 192 86.67 3.34 5.01
N SER G 193 86.16 4.52 5.33
CA SER G 193 86.33 5.10 6.66
C SER G 193 85.69 4.24 7.75
N SER G 194 84.79 3.35 7.36
CA SER G 194 84.12 2.46 8.30
C SER G 194 84.61 1.02 8.18
N LEU G 195 85.81 0.84 7.62
CA LEU G 195 86.37 -0.50 7.48
C LEU G 195 86.89 -1.05 8.81
N GLY G 196 87.81 -0.33 9.43
CA GLY G 196 88.43 -0.80 10.66
C GLY G 196 87.82 -0.20 11.91
N THR G 197 86.64 0.39 11.78
CA THR G 197 85.98 1.02 12.92
C THR G 197 84.91 0.12 13.54
N LYS G 198 84.13 -0.57 12.70
CA LYS G 198 83.05 -1.42 13.18
C LYS G 198 83.25 -2.88 12.77
N THR G 199 82.33 -3.73 13.20
CA THR G 199 82.42 -5.17 12.96
C THR G 199 81.42 -5.62 11.89
N TYR G 200 81.89 -6.47 10.98
CA TYR G 200 81.03 -7.01 9.93
C TYR G 200 80.98 -8.54 9.97
N THR G 201 79.83 -9.08 10.36
CA THR G 201 79.63 -10.52 10.43
C THR G 201 78.38 -10.92 9.66
N CYS G 202 78.52 -11.89 8.77
CA CYS G 202 77.38 -12.35 7.98
C CYS G 202 76.78 -13.63 8.54
N ASN G 203 75.45 -13.75 8.45
CA ASN G 203 74.72 -14.88 8.97
C ASN G 203 74.09 -15.71 7.86
N VAL G 204 74.67 -16.87 7.58
CA VAL G 204 74.12 -17.78 6.58
C VAL G 204 73.24 -18.82 7.26
N ASP G 205 72.03 -19.00 6.75
CA ASP G 205 71.08 -19.93 7.34
C ASP G 205 70.54 -20.91 6.30
N HIS G 206 70.88 -22.19 6.49
CA HIS G 206 70.40 -23.25 5.60
C HIS G 206 69.37 -24.09 6.33
N LYS G 207 68.13 -24.04 5.86
CA LYS G 207 67.01 -24.74 6.51
C LYS G 207 67.05 -26.27 6.52
N PRO G 208 67.35 -26.92 5.37
CA PRO G 208 67.34 -28.39 5.39
C PRO G 208 68.45 -29.00 6.25
N SER G 209 69.58 -28.32 6.39
CA SER G 209 70.70 -28.87 7.15
C SER G 209 70.72 -28.40 8.60
N ASN G 210 69.73 -27.59 8.96
CA ASN G 210 69.64 -27.01 10.30
C ASN G 210 70.94 -26.30 10.67
N THR G 211 71.49 -25.55 9.72
CA THR G 211 72.80 -24.94 9.89
C THR G 211 72.73 -23.42 9.95
N LYS G 212 73.27 -22.85 11.02
CA LYS G 212 73.32 -21.40 11.18
C LYS G 212 74.77 -20.97 11.40
N VAL G 213 75.40 -20.44 10.35
CA VAL G 213 76.79 -20.04 10.43
C VAL G 213 76.95 -18.52 10.51
N ASP G 214 77.78 -18.06 11.44
CA ASP G 214 78.10 -16.64 11.53
C ASP G 214 79.57 -16.40 11.19
N LYS G 215 79.84 -15.99 9.96
CA LYS G 215 81.21 -15.80 9.51
C LYS G 215 81.58 -14.32 9.47
N ARG G 216 82.64 -13.96 10.18
CA ARG G 216 83.11 -12.58 10.21
C ARG G 216 84.25 -12.33 9.24
N VAL G 217 84.10 -11.28 8.44
CA VAL G 217 85.13 -10.88 7.49
C VAL G 217 86.11 -9.90 8.13
N HIS G 218 87.31 -10.38 8.44
CA HIS G 218 88.32 -9.56 9.10
C HIS G 218 88.96 -8.55 8.16
N HIS G 219 90.24 -8.75 7.86
CA HIS G 219 91.02 -7.83 7.04
C HIS G 219 91.01 -6.42 7.63
N HIS G 220 90.49 -5.47 6.85
CA HIS G 220 90.39 -4.05 7.22
C HIS G 220 91.48 -3.51 8.16
C1 NAG H . -0.23 28.83 -23.83
C2 NAG H . 0.00 30.34 -23.95
C3 NAG H . -0.21 30.79 -25.38
C4 NAG H . 0.64 29.95 -26.34
C5 NAG H . 0.55 28.47 -26.04
C6 NAG H . 1.62 27.70 -26.82
C7 NAG H . -0.41 31.66 -21.96
C8 NAG H . -0.42 33.16 -21.97
N2 NAG H . -0.88 31.05 -23.04
O3 NAG H . 0.14 32.15 -25.48
O4 NAG H . 0.23 30.15 -27.68
O5 NAG H . 0.71 28.18 -24.65
O6 NAG H . 1.63 26.35 -26.41
O7 NAG H . 0.04 31.05 -20.98
C1 NAG H . 1.01 31.14 -28.38
C2 NAG H . 0.16 31.77 -29.48
C3 NAG H . 0.94 32.82 -30.25
C4 NAG H . 1.61 33.81 -29.31
C5 NAG H . 2.40 33.07 -28.23
C6 NAG H . 2.99 34.07 -27.23
C7 NAG H . -1.61 30.45 -30.51
C8 NAG H . -2.58 31.60 -30.47
N2 NAG H . -0.32 30.75 -30.38
O3 NAG H . 0.07 33.52 -31.12
O4 NAG H . 2.49 34.64 -30.04
O5 NAG H . 1.57 32.15 -27.55
O6 NAG H . 3.73 33.37 -26.26
O7 NAG H . -2.02 29.30 -30.65
C1 NAG I . 4.44 20.69 -26.70
C2 NAG I . 4.08 20.18 -28.10
C3 NAG I . 5.27 19.56 -28.84
C4 NAG I . 6.58 20.30 -28.60
C5 NAG I . 6.74 20.68 -27.13
C6 NAG I . 8.00 21.51 -26.91
C7 NAG I . 1.82 19.40 -28.50
C8 NAG I . 1.66 19.20 -29.98
N2 NAG I . 3.02 19.19 -27.99
O3 NAG I . 4.95 19.53 -30.21
O4 NAG I . 7.69 19.51 -28.99
O5 NAG I . 5.63 21.43 -26.71
O6 NAG I . 7.98 22.03 -25.60
O7 NAG I . 0.84 19.73 -27.82
C1 NAG I . 8.01 19.75 -30.37
C2 NAG I . 9.51 20.05 -30.53
C3 NAG I . 9.88 20.28 -31.99
C4 NAG I . 9.32 19.18 -32.87
C5 NAG I . 7.84 18.97 -32.60
C6 NAG I . 7.28 17.82 -33.44
C7 NAG I . 10.99 21.19 -28.98
C8 NAG I . 11.84 22.42 -29.00
N2 NAG I . 9.90 21.20 -29.73
O3 NAG I . 11.29 20.31 -32.11
O4 NAG I . 9.51 19.52 -34.23
O5 NAG I . 7.63 18.69 -31.23
O6 NAG I . 5.90 17.70 -33.20
O7 NAG I . 11.31 20.22 -28.28
C1 NAG J . 26.23 -2.56 -22.95
C2 NAG J . 27.29 -1.57 -23.42
C3 NAG J . 27.51 -1.68 -24.92
C4 NAG J . 27.67 -3.14 -25.38
C5 NAG J . 26.74 -4.10 -24.65
C6 NAG J . 27.19 -5.55 -24.87
C7 NAG J . 27.62 0.50 -22.20
C8 NAG J . 27.95 1.91 -22.60
N2 NAG J . 26.90 -0.22 -23.07
O3 NAG J . 28.67 -0.95 -25.24
O4 NAG J . 27.41 -3.27 -26.77
O5 NAG J . 26.68 -3.86 -23.26
O6 NAG J . 27.09 -5.87 -26.24
O7 NAG J . 28.00 0.05 -21.12
C1 NAG J . 28.61 -3.26 -27.58
C2 NAG J . 28.84 -1.90 -28.24
C3 NAG J . 30.11 -1.90 -29.09
C4 NAG J . 31.28 -2.54 -28.35
C5 NAG J . 30.87 -3.87 -27.73
C6 NAG J . 32.02 -4.47 -26.92
C7 NAG J . 27.66 -1.30 -30.31
C8 NAG J . 27.56 0.13 -30.76
N2 NAG J . 27.67 -1.51 -29.00
O3 NAG J . 30.46 -0.57 -29.42
O4 NAG J . 32.35 -2.75 -29.25
O5 NAG J . 29.76 -3.68 -26.88
O6 NAG J . 31.58 -5.66 -26.30
O7 NAG J . 27.73 -2.20 -31.15
C1 NAG K . 6.28 -3.98 -5.29
C2 NAG K . 6.16 -4.09 -3.77
C3 NAG K . 5.12 -5.11 -3.35
C4 NAG K . 3.83 -4.95 -4.15
C5 NAG K . 4.13 -4.89 -5.64
C6 NAG K . 2.84 -4.67 -6.43
C7 NAG K . 8.03 -3.67 -2.27
C8 NAG K . 8.31 -4.30 -0.94
N2 NAG K . 7.44 -4.45 -3.18
O3 NAG K . 4.85 -4.97 -1.97
O4 NAG K . 2.94 -6.02 -3.88
O5 NAG K . 5.02 -3.83 -5.90
O6 NAG K . 3.04 -5.06 -7.77
O7 NAG K . 8.35 -2.50 -2.50
C1 NAG K . 1.87 -5.53 -3.04
C2 NAG K . 0.59 -6.27 -3.40
C3 NAG K . 0.24 -7.34 -2.35
C4 NAG K . 0.23 -6.79 -0.93
C5 NAG K . 1.10 -5.54 -0.80
C6 NAG K . 1.61 -5.33 0.61
C7 NAG K . -0.89 -4.92 -4.80
C8 NAG K . -0.93 -3.45 -5.04
N2 NAG K . -0.51 -5.32 -3.59
O3 NAG K . 1.16 -8.39 -2.45
O4 NAG K . -1.11 -6.54 -0.52
O5 NAG K . 2.20 -5.68 -1.67
O6 NAG K . 2.32 -6.48 1.02
O7 NAG K . -1.18 -5.71 -5.70
C1 BMA K . -1.40 -7.36 0.62
C2 BMA K . -1.51 -6.49 1.87
C3 BMA K . -1.71 -7.36 3.11
C4 BMA K . -2.86 -8.34 2.88
C5 BMA K . -2.69 -9.07 1.55
C6 BMA K . -3.87 -10.00 1.26
O2 BMA K . -2.61 -5.61 1.74
O3 BMA K . -2.00 -6.54 4.22
O4 BMA K . -2.87 -9.29 3.93
O5 BMA K . -2.58 -8.13 0.50
O6 BMA K . -4.99 -9.24 0.85
C1 MAN K . -6.24 -9.73 1.39
C2 MAN K . -6.60 -11.09 0.78
C3 MAN K . -8.09 -11.44 0.83
C4 MAN K . -9.03 -10.24 0.70
C5 MAN K . -8.54 -9.04 1.51
C6 MAN K . -8.66 -9.24 3.02
O2 MAN K . -5.93 -12.13 1.47
O3 MAN K . -8.37 -12.16 2.00
O4 MAN K . -9.13 -9.87 -0.66
O5 MAN K . -7.22 -8.74 1.13
O6 MAN K . -9.99 -9.60 3.34
C1 NAG L . 28.57 -6.49 7.22
C2 NAG L . 29.33 -5.37 6.53
C3 NAG L . 30.10 -4.52 7.55
C4 NAG L . 29.21 -4.01 8.69
C5 NAG L . 28.15 -5.05 9.10
C6 NAG L . 26.73 -4.64 8.71
C7 NAG L . 29.99 -5.73 4.24
C8 NAG L . 30.21 -6.93 3.37
N2 NAG L . 30.23 -5.90 5.53
O3 NAG L . 30.65 -3.42 6.84
O4 NAG L . 29.97 -3.71 9.84
O5 NAG L . 28.51 -6.34 8.62
O6 NAG L . 26.32 -3.53 9.47
O7 NAG L . 29.60 -4.67 3.76
C1 NAG L . 30.41 -2.34 9.90
C2 NAG L . 31.88 -2.20 9.49
C3 NAG L . 32.34 -0.75 9.64
C4 NAG L . 31.36 0.20 8.95
C5 NAG L . 29.92 -0.09 9.37
C6 NAG L . 28.94 0.80 8.62
C7 NAG L . 33.20 -4.21 9.77
C8 NAG L . 32.75 -5.49 10.39
N2 NAG L . 32.70 -3.08 10.29
O3 NAG L . 33.62 -0.61 9.06
O4 NAG L . 31.69 1.53 9.28
O5 NAG L . 29.61 -1.45 9.14
O6 NAG L . 29.05 0.56 7.23
O7 NAG L . 33.99 -4.21 8.83
C1 NAG M . -19.89 5.00 38.68
C2 NAG M . -18.59 4.83 39.46
C3 NAG M . -18.24 3.40 39.84
C4 NAG M . -19.47 2.58 40.21
C5 NAG M . -20.50 2.73 39.11
C6 NAG M . -21.71 1.84 39.39
C7 NAG M . -16.42 4.76 38.28
C8 NAG M . -16.46 4.23 36.88
N2 NAG M . -17.49 5.44 38.70
O3 NAG M . -17.34 3.40 40.93
O4 NAG M . -19.12 1.24 40.37
O5 NAG M . -20.90 4.07 39.02
O6 NAG M . -22.24 2.15 40.67
O7 NAG M . -15.41 4.59 38.97
C1 NAG N . -39.42 9.32 28.62
C2 NAG N . -40.32 8.70 27.55
C3 NAG N . -41.76 8.55 28.02
C4 NAG N . -41.82 7.92 29.41
C5 NAG N . -40.90 8.69 30.36
C6 NAG N . -40.94 8.07 31.75
C7 NAG N . -40.35 8.94 25.13
C8 NAG N . -41.44 9.41 24.22
N2 NAG N . -40.30 9.50 26.34
O3 NAG N . -42.48 7.73 27.11
O4 NAG N . -43.15 7.95 29.89
O5 NAG N . -39.58 8.68 29.86
O6 NAG N . -42.27 8.12 32.25
O7 NAG N . -39.55 8.08 24.76
C1 NAG O . -19.17 23.86 28.43
C2 NAG O . -19.45 24.97 29.44
C3 NAG O . -18.59 24.90 30.70
C4 NAG O . -18.35 23.47 31.17
C5 NAG O . -17.92 22.61 29.99
C6 NAG O . -17.62 21.18 30.45
C7 NAG O . -20.21 27.14 28.64
C8 NAG O . -19.83 28.46 28.03
N2 NAG O . -19.23 26.26 28.79
O3 NAG O . -19.24 25.61 31.74
O4 NAG O . -17.36 23.45 32.17
O5 NAG O . -18.95 22.60 29.04
O6 NAG O . -17.26 20.39 29.33
O7 NAG O . -21.37 26.93 28.98
C1 NAG P . -4.05 38.86 -7.40
C2 NAG P . -4.42 39.32 -8.82
C3 NAG P . -3.38 40.28 -9.39
C4 NAG P . -3.05 41.38 -8.39
C5 NAG P . -2.67 40.76 -7.04
C6 NAG P . -2.35 41.85 -6.02
C7 NAG P . -5.71 37.98 -10.38
C8 NAG P . -5.72 38.42 -11.81
N2 NAG P . -4.58 38.18 -9.70
O3 NAG P . -3.87 40.86 -10.58
O4 NAG P . -1.98 42.17 -8.87
O5 NAG P . -3.73 39.96 -6.58
O6 NAG P . -3.42 42.77 -5.95
O7 NAG P . -6.70 37.44 -9.88
C1 NAG Q . -4.06 18.53 2.95
C2 NAG Q . -3.73 18.24 4.41
C3 NAG Q . -2.70 17.11 4.56
C4 NAG Q . -3.03 15.94 3.65
C5 NAG Q . -3.31 16.41 2.23
C6 NAG Q . -3.66 15.24 1.32
C7 NAG Q . -2.05 19.66 5.51
C8 NAG Q . -1.85 19.65 7.00
N2 NAG Q . -3.29 19.46 5.07
O3 NAG Q . -2.69 16.67 5.91
O4 NAG Q . -1.95 15.02 3.65
O5 NAG Q . -4.36 17.35 2.24
O6 NAG Q . -2.55 14.38 1.20
O7 NAG Q . -1.09 19.85 4.76
C1 NAG R . 2.55 32.29 -0.28
C2 NAG R . 1.93 33.67 -0.45
C3 NAG R . 2.98 34.77 -0.30
C4 NAG R . 3.75 34.58 1.00
C5 NAG R . 4.29 33.17 1.10
C6 NAG R . 4.98 32.95 2.45
C7 NAG R . -0.06 33.95 -1.80
C8 NAG R . -0.57 34.63 -3.04
N2 NAG R . 1.27 33.78 -1.73
O3 NAG R . 2.36 36.03 -0.31
O4 NAG R . 4.82 35.50 1.05
O5 NAG R . 3.26 32.21 0.95
O6 NAG R . 5.40 31.62 2.56
O7 NAG R . -0.83 33.58 -0.93
S SO4 S . 3.65 -20.66 3.97
O1 SO4 S . 4.08 -19.30 4.25
O2 SO4 S . 4.58 -21.28 3.03
O3 SO4 S . 2.31 -20.66 3.39
O4 SO4 S . 3.64 -21.44 5.21
S SO4 T . 2.15 4.83 -3.05
O1 SO4 T . 3.48 4.63 -2.51
O2 SO4 T . 1.75 6.22 -2.86
O3 SO4 T . 2.14 4.52 -4.47
O4 SO4 T . 1.21 3.96 -2.35
S SO4 U . 12.00 -6.49 -24.96
O1 SO4 U . 13.34 -6.37 -25.52
O2 SO4 U . 11.24 -5.26 -25.23
O3 SO4 U . 11.31 -7.64 -25.55
O4 SO4 U . 12.11 -6.68 -23.52
S SO4 V . -29.21 38.13 3.22
O1 SO4 V . -27.96 38.39 2.50
O2 SO4 V . -29.81 39.39 3.64
O3 SO4 V . -30.14 37.43 2.32
O4 SO4 V . -28.94 37.29 4.38
S SO4 W . 28.50 -11.60 -19.82
O1 SO4 W . 29.66 -11.10 -19.08
O2 SO4 W . 28.11 -10.62 -20.83
O3 SO4 W . 28.85 -12.86 -20.47
O4 SO4 W . 27.38 -11.83 -18.91
S SO4 X . 31.41 -6.65 -22.81
O1 SO4 X . 32.56 -6.61 -23.70
O2 SO4 X . 31.10 -5.30 -22.35
O3 SO4 X . 30.26 -7.20 -23.52
O4 SO4 X . 31.72 -7.50 -21.66
#